data_3IFA
#
_entry.id   3IFA
#
_cell.length_a   218.11
_cell.length_b   234.26
_cell.length_c   71.94
_cell.angle_alpha   90.00
_cell.angle_beta   90.00
_cell.angle_gamma   90.00
#
_symmetry.space_group_name_H-M   'C 2 2 2'
#
loop_
_entity.id
_entity.type
_entity.pdbx_description
1 polymer 'Fructose-1,6-bisphosphatase isozyme 2'
2 non-polymer 'ADENOSINE MONOPHOSPHATE'
3 non-polymer 'SULFATE ION'
4 non-polymer GLYCEROL
5 water water
#
_entity_poly.entity_id   1
_entity_poly.type   'polypeptide(L)'
_entity_poly.pdbx_seq_one_letter_code
;TDRSPFETDMLTLTRYVMEKGRQAKGTGELTQLLNSMLTAIKAISSAVRKAGLAHLYGIAGSVNVTGDQVKKLDVLSNSL
VINMLQSSYSTCVLVSEENKDAIITAKEKRGKYVVCFDPLDGSSNIDCLASIGTIFAIYRKTSEDEPSEKDALQCGRNIV
AAGYALYGSATLVALSTGQGVDLFMLDPALGEFVLVEKDVKIKKKGKIYSLNEGYAKYFDAATTEYVQKKKFPEDGSAPY
GARYVGSMVADVHRTLVYGGIFLYPANQKSPKGKLRLLYECNPVAYIIEQAGGLATTGTQPVLDVKPEAIHQRVPLILGS
PEDVQEYLTCVQKNQAGS
;
_entity_poly.pdbx_strand_id   A,B,C,D
#
loop_
_chem_comp.id
_chem_comp.type
_chem_comp.name
_chem_comp.formula
AMP non-polymer 'ADENOSINE MONOPHOSPHATE' 'C10 H14 N5 O7 P'
GOL non-polymer GLYCEROL 'C3 H8 O3'
SO4 non-polymer 'SULFATE ION' 'O4 S -2'
#
# COMPACT_ATOMS: atom_id res chain seq x y z
N THR A 8 -2.47 12.57 24.96
CA THR A 8 -3.84 12.97 25.38
C THR A 8 -3.87 13.24 26.93
N ASP A 9 -4.89 12.75 27.60
CA ASP A 9 -4.92 12.65 29.04
C ASP A 9 -4.63 11.19 29.39
N MET A 10 -4.48 10.37 28.36
CA MET A 10 -4.43 8.93 28.51
C MET A 10 -3.27 8.45 29.41
N LEU A 11 -2.13 9.17 29.41
CA LEU A 11 -1.03 9.00 30.34
C LEU A 11 -0.27 7.69 30.08
N THR A 12 -0.94 6.56 30.22
CA THR A 12 -0.30 5.27 30.04
C THR A 12 -0.41 4.71 28.63
N LEU A 13 0.59 3.93 28.26
CA LEU A 13 0.60 3.28 26.96
C LEU A 13 -0.62 2.39 26.76
N THR A 14 -0.97 1.62 27.79
CA THR A 14 -2.18 0.78 27.76
C THR A 14 -3.47 1.56 27.39
N ARG A 15 -3.72 2.66 28.06
CA ARG A 15 -4.91 3.46 27.76
C ARG A 15 -4.75 4.10 26.38
N TYR A 16 -3.53 4.56 26.06
CA TYR A 16 -3.27 5.29 24.80
C TYR A 16 -3.53 4.38 23.61
N VAL A 17 -2.98 3.19 23.66
CA VAL A 17 -3.15 2.22 22.59
C VAL A 17 -4.64 1.83 22.46
N MET A 18 -5.32 1.59 23.58
CA MET A 18 -6.75 1.22 23.57
C MET A 18 -7.53 2.32 22.86
N GLU A 19 -7.23 3.55 23.24
CA GLU A 19 -7.97 4.69 22.73
C GLU A 19 -7.71 4.94 21.25
N LYS A 20 -6.46 4.74 20.83
CA LYS A 20 -6.12 4.82 19.40
C LYS A 20 -6.90 3.74 18.61
N GLY A 21 -7.07 2.57 19.22
CA GLY A 21 -7.83 1.48 18.60
C GLY A 21 -9.31 1.78 18.54
N ARG A 22 -9.85 2.46 19.55
CA ARG A 22 -11.25 2.94 19.48
C ARG A 22 -11.46 4.00 18.39
N GLN A 23 -10.55 4.97 18.28
CA GLN A 23 -10.59 5.95 17.20
C GLN A 23 -10.46 5.29 15.81
N ALA A 24 -9.63 4.24 15.68
CA ALA A 24 -9.48 3.54 14.39
C ALA A 24 -10.71 2.68 14.04
N LYS A 25 -11.60 2.52 14.97
CA LYS A 25 -12.69 1.56 14.85
C LYS A 25 -12.23 0.14 14.68
N GLY A 26 -11.12 -0.20 15.30
CA GLY A 26 -10.63 -1.58 15.28
C GLY A 26 -11.54 -2.59 16.02
N THR A 27 -11.39 -3.87 15.70
CA THR A 27 -12.15 -4.91 16.38
C THR A 27 -11.42 -5.26 17.69
N GLY A 28 -10.21 -4.73 17.93
CA GLY A 28 -9.43 -5.06 19.13
C GLY A 28 -8.33 -6.07 18.91
N GLU A 29 -8.25 -6.60 17.68
CA GLU A 29 -7.26 -7.62 17.36
C GLU A 29 -5.81 -7.05 17.36
N LEU A 30 -5.64 -5.88 16.74
CA LEU A 30 -4.35 -5.19 16.78
C LEU A 30 -4.06 -4.65 18.17
N THR A 31 -5.06 -4.10 18.87
CA THR A 31 -4.82 -3.64 20.25
C THR A 31 -4.28 -4.81 21.11
N GLN A 32 -4.88 -6.01 20.99
CA GLN A 32 -4.39 -7.18 21.75
C GLN A 32 -2.98 -7.58 21.38
N LEU A 33 -2.65 -7.50 20.09
CA LEU A 33 -1.32 -7.82 19.64
C LEU A 33 -0.29 -6.85 20.22
N LEU A 34 -0.62 -5.54 20.20
CA LEU A 34 0.24 -4.53 20.75
C LEU A 34 0.41 -4.70 22.29
N ASN A 35 -0.67 -5.00 23.03
CA ASN A 35 -0.63 -5.26 24.50
C ASN A 35 0.34 -6.41 24.77
N SER A 36 0.24 -7.46 23.96
CA SER A 36 1.08 -8.65 24.06
C SER A 36 2.59 -8.39 23.87
N MET A 37 2.92 -7.71 22.79
CA MET A 37 4.27 -7.23 22.53
C MET A 37 4.81 -6.37 23.69
N LEU A 38 4.01 -5.42 24.17
CA LEU A 38 4.47 -4.53 25.24
C LEU A 38 4.68 -5.28 26.57
N THR A 39 3.82 -6.25 26.86
CA THR A 39 4.02 -7.14 28.01
C THR A 39 5.33 -7.93 27.88
N ALA A 40 5.61 -8.47 26.70
CA ALA A 40 6.87 -9.18 26.48
C ALA A 40 8.07 -8.24 26.71
N ILE A 41 7.95 -7.02 26.24
CA ILE A 41 8.96 -5.98 26.44
C ILE A 41 9.22 -5.65 27.92
N LYS A 42 8.15 -5.55 28.71
CA LYS A 42 8.32 -5.41 30.15
C LYS A 42 9.05 -6.60 30.79
N ALA A 43 8.72 -7.82 30.36
CA ALA A 43 9.34 -9.00 30.89
C ALA A 43 10.84 -9.07 30.48
N ILE A 44 11.13 -8.71 29.26
CA ILE A 44 12.52 -8.59 28.77
C ILE A 44 13.27 -7.51 29.56
N SER A 45 12.69 -6.35 29.79
CA SER A 45 13.38 -5.30 30.56
C SER A 45 13.80 -5.84 31.93
N SER A 46 12.90 -6.54 32.63
CA SER A 46 13.21 -7.07 33.95
C SER A 46 14.40 -8.02 33.93
N ALA A 47 14.41 -8.88 32.92
CA ALA A 47 15.49 -9.86 32.75
C ALA A 47 16.79 -9.16 32.36
N VAL A 48 16.73 -8.15 31.49
CA VAL A 48 17.93 -7.47 31.05
C VAL A 48 18.55 -6.76 32.27
N ARG A 49 17.72 -6.14 33.10
CA ARG A 49 18.21 -5.45 34.29
C ARG A 49 18.70 -6.46 35.39
N LYS A 50 18.56 -7.75 35.16
CA LYS A 50 19.08 -8.84 36.03
C LYS A 50 18.31 -9.11 37.31
N ALA A 51 16.98 -8.94 37.28
CA ALA A 51 16.14 -9.39 38.41
C ALA A 51 16.40 -10.87 38.54
N GLY A 52 16.60 -11.35 39.78
CA GLY A 52 16.81 -12.81 40.08
C GLY A 52 18.25 -13.33 39.89
N LEU A 53 19.15 -12.44 39.49
CA LEU A 53 20.57 -12.77 39.40
C LEU A 53 21.14 -13.43 40.65
N ALA A 54 20.73 -13.00 41.85
CA ALA A 54 21.29 -13.60 43.09
C ALA A 54 21.02 -15.11 43.18
N HIS A 55 19.90 -15.53 42.59
CA HIS A 55 19.52 -16.94 42.60
C HIS A 55 20.41 -17.78 41.70
N LEU A 56 20.82 -17.20 40.58
CA LEU A 56 21.85 -17.82 39.69
C LEU A 56 23.18 -17.97 40.38
N TYR A 57 23.53 -17.02 41.24
CA TYR A 57 24.81 -17.07 41.94
C TYR A 57 24.83 -17.79 43.27
N GLY A 58 23.73 -18.51 43.58
CA GLY A 58 23.72 -19.45 44.73
C GLY A 58 23.16 -18.93 46.05
N ILE A 59 22.27 -17.95 46.00
CA ILE A 59 21.78 -17.36 47.25
C ILE A 59 20.95 -18.36 48.09
N ALA A 60 20.23 -19.26 47.41
CA ALA A 60 19.43 -20.32 48.05
C ALA A 60 20.14 -21.65 48.01
N GLY A 61 21.45 -21.64 47.75
CA GLY A 61 22.27 -22.87 47.70
C GLY A 61 22.46 -23.48 46.31
N SER A 62 21.90 -22.85 45.28
CA SER A 62 21.93 -23.37 43.90
C SER A 62 22.68 -22.45 42.88
N VAL A 63 23.86 -22.91 42.45
CA VAL A 63 24.71 -22.13 41.50
C VAL A 63 24.57 -22.63 40.03
N ASN A 64 24.08 -21.76 39.14
CA ASN A 64 24.03 -21.98 37.67
C ASN A 64 24.51 -20.73 36.87
N VAL A 65 25.82 -20.66 36.63
CA VAL A 65 26.46 -19.42 36.14
C VAL A 65 27.06 -19.56 34.73
N ASP A 68 26.09 -20.51 28.79
CA ASP A 68 26.19 -19.23 28.09
C ASP A 68 25.05 -18.34 28.54
N GLN A 69 25.34 -17.38 29.39
CA GLN A 69 24.31 -16.41 29.92
C GLN A 69 23.63 -15.55 28.83
N VAL A 70 24.46 -15.15 27.88
CA VAL A 70 24.02 -14.38 26.71
C VAL A 70 23.02 -15.20 25.86
N LYS A 71 23.37 -16.46 25.62
CA LYS A 71 22.52 -17.34 24.85
C LYS A 71 21.21 -17.58 25.57
N LYS A 72 21.27 -17.83 26.86
CA LYS A 72 20.03 -17.94 27.68
C LYS A 72 19.09 -16.76 27.59
N LEU A 73 19.62 -15.54 27.71
CA LEU A 73 18.81 -14.33 27.68
C LEU A 73 18.17 -14.11 26.31
N ASP A 74 18.91 -14.43 25.26
CA ASP A 74 18.37 -14.53 23.88
C ASP A 74 17.26 -15.51 23.69
N VAL A 75 17.43 -16.73 24.20
CA VAL A 75 16.37 -17.72 24.17
C VAL A 75 15.15 -17.28 24.97
N LEU A 76 15.35 -16.77 26.18
CA LEU A 76 14.26 -16.31 27.00
C LEU A 76 13.51 -15.14 26.33
N SER A 77 14.24 -14.16 25.85
CA SER A 77 13.62 -13.02 25.20
CA SER A 77 13.63 -13.00 25.18
C SER A 77 12.83 -13.49 23.97
N ASN A 78 13.43 -14.36 23.18
CA ASN A 78 12.73 -14.94 22.03
C ASN A 78 11.46 -15.69 22.45
N SER A 79 11.59 -16.53 23.48
CA SER A 79 10.46 -17.28 24.00
C SER A 79 9.36 -16.39 24.55
N LEU A 80 9.71 -15.31 25.24
CA LEU A 80 8.71 -14.33 25.72
C LEU A 80 7.87 -13.76 24.55
N VAL A 81 8.56 -13.33 23.48
CA VAL A 81 7.88 -12.62 22.41
C VAL A 81 7.00 -13.63 21.67
N ILE A 82 7.55 -14.81 21.34
CA ILE A 82 6.75 -15.78 20.61
C ILE A 82 5.48 -16.21 21.37
N ASN A 83 5.63 -16.54 22.65
CA ASN A 83 4.51 -17.04 23.39
CA ASN A 83 4.51 -17.01 23.45
C ASN A 83 3.46 -15.94 23.60
N MET A 84 3.90 -14.73 23.84
CA MET A 84 2.97 -13.62 24.06
C MET A 84 2.20 -13.34 22.76
N LEU A 85 2.91 -13.31 21.64
CA LEU A 85 2.27 -12.99 20.36
C LEU A 85 1.32 -14.10 19.91
N GLN A 86 1.74 -15.35 19.98
CA GLN A 86 0.89 -16.44 19.58
C GLN A 86 -0.38 -16.50 20.45
N SER A 87 -0.22 -16.31 21.77
CA SER A 87 -1.33 -16.40 22.71
C SER A 87 -2.28 -15.18 22.60
N SER A 88 -1.91 -14.15 21.85
CA SER A 88 -2.82 -13.02 21.59
C SER A 88 -4.05 -13.34 20.72
N TYR A 89 -3.95 -14.40 19.92
CA TYR A 89 -4.97 -14.81 18.93
C TYR A 89 -4.99 -13.82 17.74
N SER A 90 -3.98 -12.98 17.62
CA SER A 90 -3.95 -12.00 16.56
C SER A 90 -2.98 -12.31 15.41
N THR A 91 -2.24 -13.40 15.47
CA THR A 91 -1.12 -13.59 14.55
C THR A 91 -1.32 -14.84 13.70
N CYS A 92 -0.67 -14.85 12.51
CA CYS A 92 -0.59 -16.07 11.67
C CYS A 92 0.82 -16.52 11.34
N VAL A 93 1.72 -15.55 11.23
CA VAL A 93 3.12 -15.82 10.92
C VAL A 93 4.05 -14.90 11.70
N LEU A 94 5.11 -15.46 12.22
CA LEU A 94 6.12 -14.66 12.90
C LEU A 94 7.48 -14.93 12.28
N VAL A 95 8.29 -13.89 12.12
CA VAL A 95 9.65 -14.06 11.73
C VAL A 95 10.52 -13.53 12.88
N SER A 96 11.43 -14.34 13.38
CA SER A 96 12.34 -13.90 14.44
C SER A 96 13.76 -13.94 13.96
N GLU A 97 14.54 -12.95 14.39
CA GLU A 97 15.98 -12.97 14.21
C GLU A 97 16.61 -14.28 14.69
N GLU A 98 16.03 -14.89 15.73
CA GLU A 98 16.65 -16.10 16.38
C GLU A 98 16.29 -17.41 15.72
N ASN A 99 15.35 -17.41 14.79
CA ASN A 99 14.86 -18.65 14.13
C ASN A 99 15.07 -18.62 12.59
N LYS A 100 15.60 -19.73 12.11
CA LYS A 100 15.88 -19.91 10.72
C LYS A 100 14.68 -19.82 9.84
N ASP A 101 13.61 -20.44 10.25
CA ASP A 101 12.36 -20.45 9.47
C ASP A 101 11.29 -19.60 10.11
N ALA A 102 10.36 -19.13 9.27
CA ALA A 102 9.14 -18.44 9.73
C ALA A 102 8.35 -19.40 10.63
N ILE A 103 7.72 -18.85 11.65
CA ILE A 103 6.99 -19.66 12.64
C ILE A 103 5.49 -19.43 12.39
N ILE A 104 4.80 -20.51 12.01
CA ILE A 104 3.43 -20.43 11.60
C ILE A 104 2.57 -20.70 12.84
N THR A 105 1.66 -19.78 13.14
CA THR A 105 0.76 -19.91 14.30
C THR A 105 -0.21 -21.06 14.15
N ALA A 106 -0.41 -21.81 15.24
CA ALA A 106 -1.35 -22.94 15.25
C ALA A 106 -2.71 -22.46 14.77
N LYS A 107 -3.41 -23.28 14.00
CA LYS A 107 -4.67 -22.87 13.43
C LYS A 107 -5.65 -22.36 14.46
N GLU A 108 -5.72 -23.01 15.60
CA GLU A 108 -6.61 -22.61 16.68
C GLU A 108 -6.39 -21.16 17.19
N LYS A 109 -5.19 -20.63 17.02
CA LYS A 109 -4.86 -19.29 17.55
C LYS A 109 -4.57 -18.28 16.46
N ARG A 110 -4.96 -18.60 15.23
CA ARG A 110 -4.58 -17.80 14.09
C ARG A 110 -5.43 -16.52 14.01
N GLY A 111 -4.75 -15.40 13.84
CA GLY A 111 -5.41 -14.17 13.44
C GLY A 111 -4.77 -13.65 12.15
N LYS A 112 -4.84 -12.36 12.00
CA LYS A 112 -4.68 -11.64 10.74
C LYS A 112 -3.27 -11.11 10.49
N TYR A 113 -2.51 -10.95 11.57
CA TYR A 113 -1.29 -10.17 11.54
C TYR A 113 -0.02 -11.01 11.47
N VAL A 114 0.99 -10.44 10.81
CA VAL A 114 2.30 -10.99 10.64
C VAL A 114 3.26 -10.10 11.44
N VAL A 115 4.11 -10.69 12.23
CA VAL A 115 5.08 -9.88 13.00
C VAL A 115 6.52 -10.34 12.75
N CYS A 116 7.36 -9.36 12.40
CA CYS A 116 8.81 -9.54 12.20
C CYS A 116 9.51 -8.87 13.37
N PHE A 117 10.36 -9.61 14.10
CA PHE A 117 10.99 -9.00 15.29
C PHE A 117 12.42 -9.53 15.59
N ASP A 118 13.16 -8.69 16.26
CA ASP A 118 14.47 -9.01 16.80
C ASP A 118 14.27 -8.85 18.33
N PRO A 119 14.16 -9.98 19.02
CA PRO A 119 13.73 -9.99 20.42
C PRO A 119 14.75 -9.32 21.36
N LEU A 120 16.01 -9.41 21.01
CA LEU A 120 17.04 -8.80 21.85
C LEU A 120 18.25 -8.43 21.03
N ASP A 121 18.16 -7.27 20.40
CA ASP A 121 19.17 -6.77 19.49
C ASP A 121 20.30 -6.14 20.26
N GLY A 122 21.51 -6.59 19.97
CA GLY A 122 22.68 -6.13 20.67
C GLY A 122 23.10 -7.08 21.77
N SER A 123 22.41 -8.20 21.93
CA SER A 123 22.72 -9.14 23.02
C SER A 123 24.17 -9.66 23.01
N SER A 124 24.82 -9.62 21.86
CA SER A 124 26.24 -9.96 21.79
C SER A 124 27.09 -9.04 22.72
N ASN A 125 26.59 -7.81 22.92
CA ASN A 125 27.31 -6.73 23.65
C ASN A 125 27.05 -6.75 25.18
N ILE A 126 26.21 -7.68 25.61
CA ILE A 126 25.56 -7.63 26.92
C ILE A 126 26.60 -7.61 28.02
N ASP A 127 27.67 -8.40 27.83
CA ASP A 127 28.78 -8.50 28.77
C ASP A 127 29.42 -7.13 29.09
N CYS A 128 29.31 -6.15 28.18
CA CYS A 128 29.81 -4.80 28.53
C CYS A 128 28.68 -3.83 28.91
N LEU A 129 27.45 -4.34 28.98
CA LEU A 129 26.34 -3.63 29.59
C LEU A 129 25.91 -2.50 28.66
N ALA A 130 26.22 -2.65 27.36
CA ALA A 130 25.77 -1.72 26.34
C ALA A 130 24.24 -1.68 26.30
N SER A 131 23.66 -0.52 25.99
CA SER A 131 22.22 -0.40 25.71
C SER A 131 21.85 -1.47 24.69
N ILE A 132 20.73 -2.14 24.87
CA ILE A 132 20.24 -3.10 23.90
C ILE A 132 18.75 -2.88 23.72
N GLY A 133 18.12 -3.56 22.77
CA GLY A 133 16.72 -3.27 22.51
C GLY A 133 15.96 -4.37 21.82
N THR A 134 14.68 -4.15 21.57
CA THR A 134 13.84 -5.13 20.94
C THR A 134 13.19 -4.34 19.76
N ILE A 135 13.07 -4.93 18.58
CA ILE A 135 12.56 -4.18 17.37
C ILE A 135 11.48 -5.03 16.77
N PHE A 136 10.39 -4.42 16.31
CA PHE A 136 9.32 -5.19 15.66
C PHE A 136 8.58 -4.38 14.57
N ALA A 137 8.05 -5.12 13.59
CA ALA A 137 7.18 -4.59 12.54
C ALA A 137 6.02 -5.55 12.39
N ILE A 138 4.83 -4.98 12.24
CA ILE A 138 3.60 -5.74 12.11
C ILE A 138 2.95 -5.44 10.71
N TYR A 139 2.59 -6.51 10.02
CA TYR A 139 1.86 -6.45 8.75
C TYR A 139 0.58 -7.23 8.86
N ARG A 140 -0.35 -6.89 7.95
CA ARG A 140 -1.62 -7.59 7.77
CA ARG A 140 -1.61 -7.64 7.80
C ARG A 140 -1.36 -8.69 6.73
N LYS A 141 -1.81 -9.91 6.97
CA LYS A 141 -1.74 -10.91 5.96
C LYS A 141 -2.82 -10.52 4.97
N THR A 142 -2.33 -10.11 3.81
CA THR A 142 -3.07 -9.88 2.59
C THR A 142 -2.48 -11.01 1.75
N SER A 143 -3.35 -11.80 1.10
CA SER A 143 -2.99 -13.16 0.65
C SER A 143 -4.16 -14.09 0.95
N ASP A 145 -4.96 -17.54 0.78
CA ASP A 145 -4.32 -18.87 0.91
C ASP A 145 -3.52 -19.09 2.24
N GLU A 146 -3.04 -20.31 2.50
CA GLU A 146 -2.55 -20.73 3.82
C GLU A 146 -1.33 -19.90 4.20
N PRO A 147 -1.18 -19.58 5.49
CA PRO A 147 -0.08 -18.72 5.89
C PRO A 147 1.29 -19.37 5.68
N SER A 148 2.26 -18.59 5.22
CA SER A 148 3.62 -19.11 5.02
C SER A 148 4.61 -17.96 5.18
N GLU A 149 5.90 -18.27 5.03
CA GLU A 149 6.93 -17.21 5.09
C GLU A 149 6.68 -16.12 4.06
N LYS A 150 6.03 -16.43 2.95
CA LYS A 150 5.73 -15.40 1.95
C LYS A 150 4.95 -14.22 2.50
N ASP A 151 4.08 -14.43 3.48
CA ASP A 151 3.33 -13.34 4.11
C ASP A 151 4.21 -12.34 4.85
N ALA A 152 5.44 -12.77 5.18
CA ALA A 152 6.45 -11.90 5.84
C ALA A 152 7.34 -11.20 4.85
N LEU A 153 7.16 -11.43 3.56
CA LEU A 153 8.06 -10.89 2.56
C LEU A 153 7.39 -9.69 1.89
N GLN A 154 6.74 -8.86 2.67
CA GLN A 154 6.04 -7.69 2.16
C GLN A 154 6.99 -6.52 2.25
N CYS A 155 6.92 -5.57 1.33
CA CYS A 155 7.66 -4.31 1.41
CA CYS A 155 7.76 -4.41 1.47
C CYS A 155 7.29 -3.54 2.66
N GLY A 156 8.25 -2.78 3.21
CA GLY A 156 8.04 -1.97 4.38
C GLY A 156 6.92 -0.93 4.26
N ARG A 157 6.58 -0.53 3.05
CA ARG A 157 5.42 0.33 2.78
C ARG A 157 4.14 -0.24 3.32
N ASN A 158 4.09 -1.56 3.53
CA ASN A 158 2.87 -2.21 4.02
C ASN A 158 2.73 -2.32 5.52
N ILE A 159 3.68 -1.76 6.26
CA ILE A 159 3.65 -1.82 7.72
C ILE A 159 2.38 -1.15 8.27
N VAL A 160 1.73 -1.87 9.18
CA VAL A 160 0.59 -1.33 9.91
C VAL A 160 1.02 -0.66 11.23
N ALA A 161 2.03 -1.24 11.89
CA ALA A 161 2.57 -0.70 13.13
C ALA A 161 3.99 -1.17 13.29
N ALA A 162 4.81 -0.35 13.94
CA ALA A 162 6.18 -0.75 14.23
C ALA A 162 6.76 0.05 15.39
N GLY A 163 7.78 -0.53 16.01
CA GLY A 163 8.37 0.11 17.14
C GLY A 163 9.64 -0.54 17.62
N TYR A 164 10.20 0.07 18.66
CA TYR A 164 11.37 -0.52 19.34
C TYR A 164 11.31 -0.19 20.81
N ALA A 165 11.99 -1.05 21.58
CA ALA A 165 12.21 -0.81 23.00
C ALA A 165 13.72 -0.69 23.14
N LEU A 166 14.12 0.32 23.90
CA LEU A 166 15.51 0.55 24.22
C LEU A 166 15.68 0.31 25.71
N TYR A 167 16.51 -0.67 26.06
CA TYR A 167 16.85 -0.94 27.48
C TYR A 167 18.17 -0.24 27.75
N GLY A 168 18.10 1.08 28.04
CA GLY A 168 19.26 1.90 28.26
C GLY A 168 19.35 2.32 29.71
N SER A 169 19.71 3.56 29.99
CA SER A 169 19.69 4.03 31.39
C SER A 169 18.28 3.94 31.96
N ALA A 170 17.28 4.10 31.10
CA ALA A 170 15.91 3.73 31.38
C ALA A 170 15.42 2.92 30.23
N THR A 171 14.24 2.31 30.38
CA THR A 171 13.61 1.57 29.33
C THR A 171 12.53 2.45 28.61
N LEU A 172 12.67 2.57 27.30
CA LEU A 172 11.77 3.43 26.48
C LEU A 172 11.22 2.62 25.32
N VAL A 173 10.00 2.92 24.91
CA VAL A 173 9.40 2.41 23.70
C VAL A 173 9.06 3.57 22.71
N ALA A 174 9.50 3.41 21.46
CA ALA A 174 9.03 4.23 20.34
C ALA A 174 8.01 3.43 19.55
N LEU A 175 6.84 4.00 19.35
CA LEU A 175 5.78 3.33 18.63
C LEU A 175 5.09 4.26 17.60
N SER A 176 4.80 3.70 16.41
CA SER A 176 3.99 4.36 15.40
C SER A 176 3.00 3.37 14.83
N THR A 177 1.78 3.85 14.64
CA THR A 177 0.73 3.11 13.99
C THR A 177 0.32 3.88 12.72
N GLY A 178 1.17 4.81 12.30
CA GLY A 178 0.97 5.49 11.06
C GLY A 178 0.66 6.96 11.20
N GLN A 179 0.60 7.47 12.44
CA GLN A 179 0.21 8.89 12.64
C GLN A 179 1.33 9.58 13.44
N GLY A 180 2.58 9.29 13.07
CA GLY A 180 3.70 9.88 13.74
C GLY A 180 4.28 8.92 14.80
N VAL A 181 5.26 9.41 15.54
CA VAL A 181 6.00 8.59 16.49
C VAL A 181 5.76 9.11 17.88
N ASP A 182 5.34 8.21 18.76
CA ASP A 182 5.18 8.56 20.16
C ASP A 182 6.19 7.81 21.05
N LEU A 183 6.72 8.52 22.07
CA LEU A 183 7.72 7.90 23.02
C LEU A 183 7.11 7.73 24.42
N PHE A 184 7.34 6.56 25.00
CA PHE A 184 6.87 6.11 26.28
C PHE A 184 8.04 5.60 27.12
N MET A 185 8.05 5.96 28.40
CA MET A 185 9.09 5.46 29.32
C MET A 185 8.47 4.57 30.39
N LEU A 186 9.18 3.48 30.69
CA LEU A 186 8.72 2.53 31.69
C LEU A 186 8.99 3.12 33.06
N ASP A 187 7.94 3.27 33.87
CA ASP A 187 8.08 3.56 35.28
C ASP A 187 8.11 2.20 35.98
N PRO A 188 9.29 1.74 36.44
CA PRO A 188 9.37 0.40 37.08
C PRO A 188 8.65 0.29 38.39
N ALA A 189 8.48 1.39 39.12
CA ALA A 189 7.72 1.36 40.37
C ALA A 189 6.24 1.07 40.09
N LEU A 190 5.73 1.52 38.95
CA LEU A 190 4.30 1.37 38.57
C LEU A 190 4.08 0.12 37.73
N GLY A 191 5.05 -0.28 36.93
CA GLY A 191 4.88 -1.35 35.94
C GLY A 191 4.15 -0.96 34.67
N GLU A 192 4.19 0.32 34.30
CA GLU A 192 3.52 0.82 33.12
C GLU A 192 4.43 1.78 32.40
N PHE A 193 4.24 1.81 31.10
CA PHE A 193 4.83 2.80 30.22
C PHE A 193 4.00 4.06 30.27
N VAL A 194 4.68 5.19 30.38
CA VAL A 194 4.11 6.50 30.51
C VAL A 194 4.48 7.30 29.25
N LEU A 195 3.49 7.95 28.64
CA LEU A 195 3.74 8.85 27.48
C LEU A 195 4.64 10.01 27.89
N VAL A 196 5.76 10.19 27.21
CA VAL A 196 6.64 11.32 27.49
C VAL A 196 6.77 12.29 26.31
N GLU A 197 6.50 11.82 25.11
CA GLU A 197 6.56 12.73 23.97
C GLU A 197 5.68 12.19 22.88
N LYS A 198 4.80 13.07 22.42
CA LYS A 198 3.86 12.74 21.42
C LYS A 198 4.28 13.38 20.10
N ASP A 199 4.17 12.63 19.02
CA ASP A 199 4.43 13.13 17.67
C ASP A 199 5.81 13.74 17.55
N VAL A 200 6.81 12.96 17.94
CA VAL A 200 8.23 13.41 17.87
CA VAL A 200 8.21 13.39 17.89
C VAL A 200 8.67 13.62 16.41
N LYS A 201 9.35 14.73 16.15
CA LYS A 201 9.94 15.02 14.84
C LYS A 201 11.46 15.21 14.93
N ILE A 202 12.16 14.54 14.02
CA ILE A 202 13.61 14.64 13.92
C ILE A 202 14.03 16.00 13.38
N LYS A 203 15.11 16.54 13.88
CA LYS A 203 15.69 17.74 13.34
C LYS A 203 15.95 17.57 11.86
N LYS A 204 15.84 18.66 11.12
CA LYS A 204 16.06 18.66 9.67
C LYS A 204 17.51 18.45 9.40
N LYS A 205 18.37 18.95 10.26
CA LYS A 205 19.79 18.71 10.11
C LYS A 205 20.43 18.55 11.48
N GLY A 206 21.33 17.59 11.62
CA GLY A 206 22.04 17.31 12.88
C GLY A 206 23.52 17.68 12.84
N LYS A 207 24.24 17.29 13.91
CA LYS A 207 25.67 17.59 14.02
C LYS A 207 26.43 16.37 14.60
N ILE A 208 25.83 15.20 14.46
CA ILE A 208 26.45 13.88 14.85
C ILE A 208 26.39 12.94 13.66
N TYR A 209 27.50 12.24 13.40
CA TYR A 209 27.51 11.15 12.43
C TYR A 209 27.91 9.87 13.16
N SER A 210 27.27 8.77 12.77
CA SER A 210 27.37 7.52 13.53
C SER A 210 27.59 6.34 12.59
N LEU A 211 28.82 5.85 12.53
CA LEU A 211 29.14 4.58 11.82
C LEU A 211 30.45 4.02 12.38
N ASN A 212 30.71 2.78 12.01
CA ASN A 212 31.93 2.10 12.42
C ASN A 212 33.01 2.46 11.44
N GLU A 213 33.86 3.41 11.83
CA GLU A 213 34.95 3.81 10.95
C GLU A 213 36.09 2.81 10.88
N GLY A 214 36.02 1.73 11.64
CA GLY A 214 36.99 0.63 11.50
C GLY A 214 36.82 -0.13 10.19
N TYR A 215 35.73 0.11 9.44
CA TYR A 215 35.64 -0.48 8.12
C TYR A 215 36.08 0.50 7.03
N ALA A 216 36.76 1.58 7.40
CA ALA A 216 37.22 2.63 6.43
C ALA A 216 37.98 2.03 5.22
N LYS A 217 38.81 1.01 5.47
CA LYS A 217 39.60 0.34 4.42
C LYS A 217 38.72 -0.33 3.36
N TYR A 218 37.47 -0.63 3.74
CA TYR A 218 36.49 -1.35 2.93
C TYR A 218 35.34 -0.49 2.36
N PHE A 219 35.31 0.80 2.71
CA PHE A 219 34.25 1.73 2.25
C PHE A 219 34.27 1.97 0.76
N ASP A 220 33.09 2.17 0.17
CA ASP A 220 33.05 2.71 -1.18
C ASP A 220 33.48 4.19 -1.17
N ALA A 221 33.70 4.74 -2.34
CA ALA A 221 34.14 6.11 -2.55
C ALA A 221 33.15 7.08 -1.96
N ALA A 222 31.86 6.81 -2.10
CA ALA A 222 30.85 7.69 -1.49
C ALA A 222 30.94 7.84 0.01
N THR A 223 31.09 6.71 0.72
CA THR A 223 31.19 6.74 2.16
C THR A 223 32.45 7.47 2.63
N THR A 224 33.57 7.19 1.96
CA THR A 224 34.83 7.86 2.24
C THR A 224 34.69 9.37 2.09
N GLU A 225 34.08 9.81 0.99
CA GLU A 225 33.93 11.24 0.73
C GLU A 225 33.05 11.86 1.84
N TYR A 226 31.92 11.24 2.18
CA TYR A 226 30.98 11.79 3.13
C TYR A 226 31.63 11.95 4.51
N VAL A 227 32.32 10.89 4.95
CA VAL A 227 32.96 10.94 6.27
C VAL A 227 34.05 11.98 6.35
N GLN A 228 34.84 12.13 5.28
CA GLN A 228 35.86 13.14 5.21
C GLN A 228 35.30 14.57 5.37
N LYS A 229 34.13 14.82 4.78
CA LYS A 229 33.43 16.11 4.87
C LYS A 229 32.79 16.32 6.22
N LYS A 230 32.44 15.25 6.93
CA LYS A 230 31.98 15.45 8.36
C LYS A 230 33.10 15.96 9.30
N LYS A 231 34.32 15.54 9.00
CA LYS A 231 35.49 15.84 9.84
C LYS A 231 36.19 17.08 9.36
N PHE A 232 36.19 17.27 8.04
CA PHE A 232 36.84 18.40 7.40
C PHE A 232 35.85 19.18 6.52
N PRO A 233 34.95 19.94 7.12
CA PRO A 233 33.91 20.58 6.32
C PRO A 233 34.47 21.60 5.36
N GLU A 234 33.74 21.86 4.28
CA GLU A 234 34.22 22.76 3.27
C GLU A 234 33.37 24.01 3.22
N ASP A 235 32.59 24.26 4.28
CA ASP A 235 31.62 25.34 4.31
C ASP A 235 31.87 26.29 5.47
N GLY A 236 33.03 26.18 6.12
CA GLY A 236 33.30 27.07 7.28
C GLY A 236 32.68 26.62 8.63
N SER A 237 31.83 25.59 8.62
CA SER A 237 31.21 25.08 9.85
C SER A 237 32.17 24.15 10.69
N ALA A 238 31.78 23.92 11.93
CA ALA A 238 32.49 23.01 12.83
C ALA A 238 32.27 21.57 12.38
N PRO A 239 33.31 20.75 12.53
CA PRO A 239 33.13 19.34 12.22
C PRO A 239 31.99 18.72 13.06
N TYR A 240 31.33 17.73 12.52
CA TYR A 240 30.38 16.95 13.29
C TYR A 240 31.09 16.16 14.39
N GLY A 241 30.37 15.93 15.48
CA GLY A 241 30.73 14.99 16.52
C GLY A 241 30.45 13.56 16.04
N ALA A 242 31.26 12.62 16.49
CA ALA A 242 31.06 11.21 16.21
C ALA A 242 30.52 10.46 17.45
N ARG A 243 29.60 9.54 17.20
CA ARG A 243 29.07 8.60 18.21
C ARG A 243 28.78 7.27 17.55
N TYR A 244 29.19 6.17 18.17
CA TYR A 244 28.77 4.87 17.65
C TYR A 244 28.82 3.85 18.80
N VAL A 245 27.65 3.50 19.31
CA VAL A 245 27.51 2.59 20.43
C VAL A 245 27.77 1.17 19.93
N GLY A 246 27.43 0.92 18.67
CA GLY A 246 27.47 -0.45 18.11
C GLY A 246 26.27 -1.26 18.48
N SER A 247 25.22 -0.64 19.02
CA SER A 247 24.00 -1.34 19.29
C SER A 247 22.90 -0.53 18.58
N MET A 248 22.25 -1.17 17.61
CA MET A 248 21.53 -0.44 16.59
C MET A 248 20.42 0.45 17.19
N VAL A 249 19.67 -0.07 18.14
CA VAL A 249 18.58 0.64 18.74
C VAL A 249 19.08 1.89 19.47
N ALA A 250 20.21 1.80 20.18
CA ALA A 250 20.79 2.95 20.90
C ALA A 250 21.18 4.06 19.91
N ASP A 251 21.84 3.66 18.82
CA ASP A 251 22.31 4.62 17.85
C ASP A 251 21.12 5.23 17.09
N VAL A 252 20.14 4.42 16.75
CA VAL A 252 18.97 4.95 16.01
C VAL A 252 18.20 5.89 16.91
N HIS A 253 18.01 5.53 18.18
CA HIS A 253 17.24 6.37 19.04
C HIS A 253 17.92 7.72 19.29
N ARG A 254 19.23 7.72 19.47
CA ARG A 254 19.96 8.97 19.63
C ARG A 254 19.80 9.85 18.34
N THR A 255 19.83 9.22 17.15
CA THR A 255 19.58 9.90 15.89
C THR A 255 18.22 10.58 15.87
N LEU A 256 17.20 9.84 16.27
CA LEU A 256 15.85 10.39 16.41
C LEU A 256 15.80 11.59 17.35
N VAL A 257 16.40 11.49 18.53
CA VAL A 257 16.16 12.55 19.53
C VAL A 257 17.12 13.73 19.35
N TYR A 258 18.32 13.48 18.84
CA TYR A 258 19.32 14.54 18.72
C TYR A 258 19.55 14.99 17.25
N GLY A 259 19.13 14.19 16.28
CA GLY A 259 19.39 14.44 14.87
C GLY A 259 20.75 13.92 14.44
N GLY A 260 20.99 14.00 13.14
CA GLY A 260 22.21 13.62 12.56
C GLY A 260 21.97 12.43 11.67
N ILE A 261 22.99 11.59 11.55
CA ILE A 261 22.93 10.46 10.63
C ILE A 261 23.54 9.21 11.25
N PHE A 262 22.97 8.08 10.87
CA PHE A 262 23.45 6.78 11.25
C PHE A 262 23.59 5.98 9.98
N LEU A 263 24.71 5.26 9.85
CA LEU A 263 25.03 4.54 8.66
C LEU A 263 25.62 3.17 8.98
N TYR A 264 25.11 2.18 8.26
CA TYR A 264 25.81 0.91 8.08
C TYR A 264 25.71 0.56 6.61
N PRO A 265 26.61 1.16 5.79
CA PRO A 265 26.53 0.97 4.34
C PRO A 265 27.14 -0.36 3.96
N ALA A 266 26.91 -0.82 2.74
CA ALA A 266 27.68 -1.91 2.15
C ALA A 266 29.13 -1.53 2.21
N ASN A 267 29.99 -2.54 2.34
CA ASN A 267 31.39 -2.38 2.23
C ASN A 267 31.98 -3.62 1.60
N GLN A 268 33.25 -3.61 1.33
CA GLN A 268 33.89 -4.74 0.68
C GLN A 268 33.63 -6.09 1.34
N LYS A 269 33.58 -6.10 2.67
CA LYS A 269 33.42 -7.38 3.41
C LYS A 269 31.97 -7.76 3.58
N SER A 270 31.07 -6.77 3.45
CA SER A 270 29.66 -6.99 3.58
C SER A 270 28.99 -6.31 2.40
N PRO A 271 29.11 -6.93 1.22
CA PRO A 271 28.68 -6.24 0.00
C PRO A 271 27.18 -5.93 -0.06
N LYS A 272 26.36 -6.60 0.75
CA LYS A 272 24.91 -6.31 0.82
C LYS A 272 24.49 -5.63 2.10
N GLY A 273 25.45 -5.09 2.85
CA GLY A 273 25.19 -4.62 4.18
C GLY A 273 25.31 -5.70 5.24
N LYS A 274 25.12 -5.30 6.49
CA LYS A 274 25.10 -6.25 7.57
C LYS A 274 23.71 -6.44 8.21
N LEU A 275 23.00 -5.33 8.37
CA LEU A 275 21.78 -5.27 9.13
C LEU A 275 20.64 -5.92 8.37
N ARG A 276 19.66 -6.47 9.10
CA ARG A 276 18.66 -7.34 8.51
C ARG A 276 17.43 -6.51 8.11
N LEU A 277 16.99 -6.68 6.88
CA LEU A 277 15.84 -5.95 6.34
C LEU A 277 14.51 -6.11 7.13
N LEU A 278 14.09 -7.33 7.42
CA LEU A 278 12.72 -7.53 7.92
C LEU A 278 12.48 -6.99 9.33
N TYR A 279 13.46 -7.20 10.22
CA TYR A 279 13.24 -7.00 11.63
C TYR A 279 14.21 -6.05 12.28
N GLU A 280 15.10 -5.43 11.49
CA GLU A 280 15.90 -4.31 11.95
C GLU A 280 15.64 -3.08 11.12
N CYS A 281 15.92 -3.14 9.84
CA CYS A 281 15.93 -1.96 8.97
C CYS A 281 14.54 -1.47 8.63
N ASN A 282 13.64 -2.33 8.18
CA ASN A 282 12.23 -1.88 7.95
C ASN A 282 11.56 -1.16 9.16
N PRO A 283 11.57 -1.77 10.36
CA PRO A 283 10.96 -1.11 11.49
C PRO A 283 11.56 0.28 11.79
N VAL A 284 12.88 0.39 11.81
CA VAL A 284 13.49 1.65 12.16
C VAL A 284 13.32 2.72 11.03
N ALA A 285 13.30 2.28 9.77
CA ALA A 285 13.05 3.13 8.63
C ALA A 285 11.63 3.74 8.74
N TYR A 286 10.67 2.92 9.16
CA TYR A 286 9.31 3.35 9.34
C TYR A 286 9.20 4.37 10.46
N ILE A 287 9.84 4.11 11.60
CA ILE A 287 9.82 5.05 12.69
C ILE A 287 10.44 6.38 12.27
N ILE A 288 11.59 6.28 11.68
CA ILE A 288 12.37 7.46 11.26
C ILE A 288 11.56 8.29 10.21
N GLU A 289 10.93 7.62 9.22
CA GLU A 289 10.13 8.33 8.22
C GLU A 289 8.87 8.95 8.86
N GLN A 290 8.25 8.22 9.79
CA GLN A 290 7.10 8.75 10.51
C GLN A 290 7.45 9.99 11.34
N ALA A 291 8.70 10.11 11.73
CA ALA A 291 9.20 11.29 12.49
C ALA A 291 9.79 12.35 11.57
N GLY A 292 9.64 12.21 10.25
CA GLY A 292 10.06 13.26 9.32
C GLY A 292 11.50 13.11 8.84
N GLY A 293 12.09 11.94 9.07
CA GLY A 293 13.43 11.68 8.57
C GLY A 293 13.42 10.87 7.28
N LEU A 294 14.62 10.46 6.86
CA LEU A 294 14.80 9.63 5.64
C LEU A 294 15.57 8.35 6.01
N ALA A 295 15.26 7.25 5.34
CA ALA A 295 15.97 5.99 5.51
C ALA A 295 16.15 5.35 4.15
N THR A 296 17.42 5.19 3.75
CA THR A 296 17.77 4.72 2.44
C THR A 296 18.78 3.55 2.51
N THR A 297 18.78 2.76 1.45
CA THR A 297 19.81 1.79 1.20
C THR A 297 21.00 2.44 0.55
N GLY A 298 20.79 3.69 0.14
CA GLY A 298 21.73 4.37 -0.71
C GLY A 298 21.29 4.46 -2.14
N THR A 299 20.45 3.51 -2.59
CA THR A 299 19.89 3.56 -3.94
C THR A 299 18.37 3.65 -3.96
N GLN A 300 17.69 3.36 -2.85
CA GLN A 300 16.23 3.49 -2.75
C GLN A 300 15.83 3.52 -1.26
N PRO A 301 14.61 3.98 -0.97
CA PRO A 301 14.11 3.93 0.39
C PRO A 301 14.05 2.49 0.88
N VAL A 302 14.51 2.29 2.11
CA VAL A 302 14.45 0.98 2.76
C VAL A 302 13.08 0.32 2.62
N LEU A 303 12.03 1.14 2.85
CA LEU A 303 10.65 0.68 2.83
C LEU A 303 10.13 0.24 1.48
N ASP A 304 10.86 0.55 0.40
CA ASP A 304 10.50 0.14 -0.96
C ASP A 304 11.22 -1.12 -1.43
N VAL A 305 12.20 -1.58 -0.66
CA VAL A 305 12.89 -2.83 -0.99
C VAL A 305 11.90 -3.97 -0.92
N LYS A 306 11.88 -4.78 -1.94
CA LYS A 306 11.07 -5.94 -1.98
C LYS A 306 11.81 -7.17 -1.43
N PRO A 307 11.41 -7.65 -0.23
CA PRO A 307 12.21 -8.69 0.37
C PRO A 307 12.18 -10.00 -0.42
N GLU A 308 13.34 -10.63 -0.55
CA GLU A 308 13.44 -11.93 -1.22
C GLU A 308 13.56 -13.12 -0.29
N ALA A 309 14.02 -12.86 0.91
CA ALA A 309 14.29 -13.91 1.89
C ALA A 309 14.16 -13.27 3.30
N ILE A 310 13.70 -14.08 4.25
CA ILE A 310 13.33 -13.52 5.56
C ILE A 310 14.55 -13.02 6.34
N HIS A 311 15.75 -13.51 6.06
CA HIS A 311 16.95 -12.99 6.76
C HIS A 311 17.85 -12.14 5.87
N GLN A 312 17.33 -11.70 4.75
CA GLN A 312 18.03 -10.74 3.89
C GLN A 312 18.68 -9.56 4.64
N ARG A 313 19.90 -9.20 4.22
CA ARG A 313 20.62 -8.02 4.70
C ARG A 313 20.42 -6.85 3.72
N VAL A 314 20.46 -5.64 4.24
CA VAL A 314 20.48 -4.44 3.42
C VAL A 314 21.38 -3.37 3.99
N PRO A 315 21.94 -2.54 3.14
CA PRO A 315 22.60 -1.33 3.64
C PRO A 315 21.56 -0.40 4.26
N LEU A 316 21.99 0.38 5.25
CA LEU A 316 21.09 1.32 5.92
C LEU A 316 21.77 2.63 6.23
N ILE A 317 21.15 3.71 5.79
CA ILE A 317 21.57 5.06 6.09
C ILE A 317 20.30 5.84 6.47
N LEU A 318 20.27 6.47 7.64
CA LEU A 318 19.05 7.12 8.10
C LEU A 318 19.34 8.28 9.01
N GLY A 319 18.31 9.14 9.14
CA GLY A 319 18.36 10.27 10.03
C GLY A 319 17.71 11.53 9.48
N SER A 320 18.29 12.64 9.90
CA SER A 320 17.82 13.98 9.55
C SER A 320 17.85 14.11 8.00
N PRO A 321 16.79 14.72 7.42
CA PRO A 321 16.71 14.68 5.96
C PRO A 321 17.86 15.39 5.25
N GLU A 322 18.35 16.52 5.79
CA GLU A 322 19.44 17.21 5.12
C GLU A 322 20.75 16.40 5.14
N ASP A 323 21.00 15.67 6.22
CA ASP A 323 22.20 14.80 6.29
C ASP A 323 22.12 13.61 5.37
N VAL A 324 20.95 12.93 5.34
CA VAL A 324 20.77 11.79 4.45
C VAL A 324 20.85 12.27 2.99
N GLN A 325 20.26 13.44 2.69
CA GLN A 325 20.46 13.98 1.35
C GLN A 325 21.93 14.24 0.94
N GLU A 326 22.73 14.75 1.86
CA GLU A 326 24.11 15.01 1.64
C GLU A 326 24.84 13.65 1.35
N TYR A 327 24.49 12.62 2.07
CA TYR A 327 25.05 11.26 1.80
C TYR A 327 24.66 10.71 0.41
N LEU A 328 23.37 10.80 0.08
CA LEU A 328 22.83 10.38 -1.23
C LEU A 328 23.48 11.13 -2.38
N THR A 329 23.80 12.43 -2.17
CA THR A 329 24.57 13.19 -3.13
C THR A 329 25.94 12.58 -3.41
N CYS A 330 26.68 12.21 -2.35
CA CYS A 330 27.95 11.52 -2.54
C CYS A 330 27.76 10.21 -3.32
N VAL A 331 26.71 9.48 -2.99
CA VAL A 331 26.43 8.24 -3.69
C VAL A 331 26.25 8.45 -5.18
N GLN A 332 25.34 9.39 -5.55
CA GLN A 332 25.05 9.62 -6.97
C GLN A 332 26.23 10.12 -7.74
N LYS A 333 26.99 11.00 -7.13
CA LYS A 333 28.14 11.56 -7.75
C LYS A 333 29.19 10.52 -8.08
N ASN A 334 29.48 9.65 -7.11
CA ASN A 334 30.52 8.59 -7.25
C ASN A 334 30.07 7.36 -8.09
N GLN A 335 28.77 7.15 -8.26
CA GLN A 335 28.27 6.11 -9.17
C GLN A 335 28.25 6.65 -10.60
N ALA A 336 28.17 7.99 -10.83
CA ALA A 336 27.98 8.55 -12.23
C ALA A 336 29.05 8.24 -13.28
N THR B 8 -8.95 -17.43 29.04
CA THR B 8 -8.24 -18.64 29.58
C THR B 8 -6.73 -18.59 29.25
N ASP B 9 -6.40 -18.44 27.96
CA ASP B 9 -4.99 -18.27 27.49
C ASP B 9 -4.41 -16.88 27.78
N MET B 10 -5.27 -15.97 28.19
CA MET B 10 -4.97 -14.55 28.18
C MET B 10 -3.89 -14.11 29.21
N LEU B 11 -3.73 -14.86 30.31
CA LEU B 11 -2.64 -14.66 31.28
C LEU B 11 -2.72 -13.36 32.06
N THR B 12 -2.72 -12.22 31.40
CA THR B 12 -2.66 -10.96 32.12
C THR B 12 -4.04 -10.38 32.27
N LEU B 13 -4.21 -9.60 33.33
CA LEU B 13 -5.49 -8.90 33.52
C LEU B 13 -5.82 -7.94 32.39
N THR B 14 -4.83 -7.21 31.89
CA THR B 14 -5.08 -6.31 30.76
C THR B 14 -5.62 -7.07 29.53
N ARG B 15 -4.99 -8.18 29.15
CA ARG B 15 -5.51 -8.95 28.02
C ARG B 15 -6.89 -9.56 28.34
N TYR B 16 -7.04 -10.07 29.56
CA TYR B 16 -8.28 -10.74 29.98
C TYR B 16 -9.46 -9.78 29.94
N VAL B 17 -9.29 -8.60 30.52
CA VAL B 17 -10.35 -7.56 30.53
C VAL B 17 -10.71 -7.11 29.10
N MET B 18 -9.69 -7.01 28.26
CA MET B 18 -9.88 -6.55 26.91
C MET B 18 -10.69 -7.59 26.14
N GLU B 19 -10.37 -8.86 26.33
CA GLU B 19 -11.05 -9.96 25.68
C GLU B 19 -12.52 -10.09 26.14
N LYS B 20 -12.76 -9.83 27.41
CA LYS B 20 -14.13 -9.85 27.92
C LYS B 20 -14.94 -8.72 27.30
N GLY B 21 -14.31 -7.56 27.13
CA GLY B 21 -14.97 -6.43 26.46
C GLY B 21 -15.30 -6.70 24.99
N ARG B 22 -14.37 -7.34 24.28
CA ARG B 22 -14.61 -7.82 22.92
C ARG B 22 -15.77 -8.83 22.91
N GLN B 23 -15.80 -9.79 23.84
CA GLN B 23 -16.92 -10.73 23.91
C GLN B 23 -18.24 -10.01 24.21
N ALA B 24 -18.22 -9.00 25.07
CA ALA B 24 -19.39 -8.23 25.43
C ALA B 24 -19.85 -7.32 24.29
N LYS B 25 -19.06 -7.19 23.24
CA LYS B 25 -19.33 -6.19 22.17
C LYS B 25 -19.44 -4.77 22.74
N GLY B 26 -18.61 -4.47 23.73
CA GLY B 26 -18.51 -3.12 24.30
C GLY B 26 -17.87 -2.13 23.34
N THR B 27 -18.09 -0.84 23.58
CA THR B 27 -17.49 0.23 22.78
C THR B 27 -16.05 0.50 23.33
N GLY B 28 -15.68 -0.10 24.47
CA GLY B 28 -14.38 0.15 25.09
C GLY B 28 -14.41 1.09 26.31
N GLU B 29 -15.58 1.62 26.61
CA GLU B 29 -15.74 2.62 27.67
C GLU B 29 -15.50 1.98 29.04
N LEU B 30 -16.16 0.85 29.29
CA LEU B 30 -15.97 0.13 30.54
C LEU B 30 -14.55 -0.43 30.63
N THR B 31 -14.06 -1.00 29.53
CA THR B 31 -12.70 -1.53 29.51
C THR B 31 -11.69 -0.46 29.92
N GLN B 32 -11.85 0.74 29.37
CA GLN B 32 -10.95 1.84 29.73
C GLN B 32 -11.06 2.20 31.22
N LEU B 33 -12.27 2.19 31.73
CA LEU B 33 -12.53 2.48 33.13
C LEU B 33 -11.82 1.44 34.02
N LEU B 34 -12.02 0.17 33.74
CA LEU B 34 -11.29 -0.92 34.43
C LEU B 34 -9.80 -0.75 34.32
N ASN B 35 -9.29 -0.49 33.11
CA ASN B 35 -7.82 -0.26 32.96
C ASN B 35 -7.34 0.86 33.91
N SER B 36 -8.14 1.93 34.03
CA SER B 36 -7.83 3.10 34.87
C SER B 36 -7.79 2.77 36.34
N MET B 37 -8.77 2.00 36.78
CA MET B 37 -8.83 1.54 38.14
C MET B 37 -7.66 0.63 38.52
N LEU B 38 -7.34 -0.31 37.65
CA LEU B 38 -6.25 -1.20 37.88
C LEU B 38 -4.87 -0.51 37.91
N THR B 39 -4.70 0.53 37.11
CA THR B 39 -3.49 1.35 37.11
C THR B 39 -3.40 2.09 38.47
N ALA B 40 -4.52 2.63 38.94
CA ALA B 40 -4.59 3.25 40.28
C ALA B 40 -4.16 2.29 41.37
N ILE B 41 -4.62 1.04 41.28
CA ILE B 41 -4.33 0.03 42.24
C ILE B 41 -2.83 -0.34 42.28
N LYS B 42 -2.19 -0.41 41.11
CA LYS B 42 -0.75 -0.65 41.02
C LYS B 42 0.04 0.48 41.66
N ALA B 43 -0.37 1.72 41.37
CA ALA B 43 0.22 2.91 41.99
C ALA B 43 0.04 2.86 43.50
N ILE B 44 -1.13 2.45 43.98
CA ILE B 44 -1.36 2.33 45.39
C ILE B 44 -0.52 1.24 46.05
N SER B 45 -0.46 0.05 45.45
CA SER B 45 0.34 -1.07 45.97
C SER B 45 1.81 -0.58 46.20
N SER B 46 2.37 0.07 45.20
CA SER B 46 3.75 0.56 45.27
C SER B 46 3.92 1.53 46.45
N ALA B 47 2.96 2.43 46.67
CA ALA B 47 3.05 3.38 47.78
C ALA B 47 2.86 2.71 49.13
N VAL B 48 1.96 1.74 49.19
CA VAL B 48 1.68 1.03 50.41
C VAL B 48 2.89 0.19 50.85
N ARG B 49 3.58 -0.41 49.90
CA ARG B 49 4.80 -1.20 50.18
C ARG B 49 6.00 -0.29 50.52
N LYS B 50 5.78 1.02 50.44
CA LYS B 50 6.69 2.07 50.90
C LYS B 50 7.83 2.37 49.96
N ALA B 51 7.58 2.24 48.65
CA ALA B 51 8.57 2.66 47.65
C ALA B 51 8.87 4.14 47.87
N GLY B 52 10.16 4.50 47.96
CA GLY B 52 10.54 5.92 48.16
C GLY B 52 10.63 6.40 49.61
N LEU B 53 10.39 5.50 50.56
CA LEU B 53 10.50 5.82 51.98
C LEU B 53 11.85 6.43 52.36
N ALA B 54 12.96 5.97 51.76
CA ALA B 54 14.29 6.48 52.12
C ALA B 54 14.35 8.00 51.86
N HIS B 55 13.64 8.46 50.83
CA HIS B 55 13.61 9.89 50.49
C HIS B 55 12.90 10.70 51.54
N LEU B 56 11.82 10.14 52.13
CA LEU B 56 11.12 10.74 53.25
C LEU B 56 12.01 10.87 54.48
N TYR B 57 12.94 9.93 54.68
CA TYR B 57 13.84 9.93 55.84
C TYR B 57 15.21 10.60 55.64
N GLY B 58 15.32 11.39 54.56
CA GLY B 58 16.43 12.32 54.38
C GLY B 58 17.62 11.74 53.63
N ILE B 59 17.41 10.73 52.78
CA ILE B 59 18.57 10.11 52.09
C ILE B 59 19.33 11.16 51.20
N ALA B 60 18.58 12.08 50.57
CA ALA B 60 19.11 13.17 49.72
C ALA B 60 19.23 14.49 50.49
N GLY B 61 19.21 14.41 51.83
CA GLY B 61 19.15 15.59 52.70
C GLY B 61 17.72 15.96 52.98
N GLN B 69 3.02 9.32 57.09
CA GLN B 69 1.67 9.69 57.58
C GLN B 69 0.57 8.87 56.88
N VAL B 70 -0.38 8.40 57.69
CA VAL B 70 -1.49 7.57 57.21
C VAL B 70 -2.43 8.51 56.44
N LYS B 71 -2.60 9.75 56.95
CA LYS B 71 -3.33 10.81 56.24
C LYS B 71 -2.76 11.12 54.83
N LYS B 72 -1.45 11.24 54.69
CA LYS B 72 -0.88 11.46 53.39
C LYS B 72 -1.13 10.31 52.43
N LEU B 73 -1.01 9.08 52.89
CA LEU B 73 -1.28 7.90 52.04
C LEU B 73 -2.78 7.76 51.65
N ASP B 74 -3.68 8.10 52.57
CA ASP B 74 -5.13 8.18 52.29
C ASP B 74 -5.40 9.17 51.16
N VAL B 75 -4.78 10.36 51.29
CA VAL B 75 -4.97 11.44 50.34
C VAL B 75 -4.38 11.08 48.99
N LEU B 76 -3.17 10.49 48.98
CA LEU B 76 -2.54 10.04 47.74
C LEU B 76 -3.37 8.97 47.03
N SER B 77 -3.74 7.92 47.73
CA SER B 77 -4.57 6.86 47.18
C SER B 77 -5.91 7.44 46.57
N ASN B 78 -6.57 8.31 47.31
CA ASN B 78 -7.79 8.97 46.85
C ASN B 78 -7.55 9.75 45.55
N SER B 79 -6.47 10.55 45.52
CA SER B 79 -6.10 11.33 44.32
C SER B 79 -5.73 10.45 43.12
N LEU B 80 -5.02 9.36 43.37
CA LEU B 80 -4.75 8.36 42.33
C LEU B 80 -6.06 7.82 41.67
N VAL B 81 -7.00 7.36 42.48
CA VAL B 81 -8.21 6.78 41.96
C VAL B 81 -9.05 7.85 41.23
N ILE B 82 -9.26 9.01 41.87
CA ILE B 82 -10.09 10.08 41.25
C ILE B 82 -9.49 10.49 39.88
N ASN B 83 -8.21 10.75 39.89
CA ASN B 83 -7.55 11.10 38.63
C ASN B 83 -7.57 10.11 37.50
N MET B 84 -7.25 8.87 37.81
CA MET B 84 -7.28 7.83 36.81
C MET B 84 -8.73 7.64 36.27
N LEU B 85 -9.69 7.71 37.16
CA LEU B 85 -11.11 7.49 36.75
C LEU B 85 -11.63 8.66 35.96
N GLN B 86 -11.34 9.87 36.42
CA GLN B 86 -11.83 11.03 35.66
C GLN B 86 -11.20 11.12 34.28
N SER B 87 -9.90 10.84 34.19
CA SER B 87 -9.18 10.91 32.93
C SER B 87 -9.48 9.70 31.99
N SER B 88 -10.22 8.71 32.44
CA SER B 88 -10.65 7.65 31.54
C SER B 88 -11.66 8.10 30.47
N TYR B 89 -12.33 9.24 30.70
CA TYR B 89 -13.47 9.69 29.93
C TYR B 89 -14.68 8.79 30.02
N SER B 90 -14.66 7.85 30.96
CA SER B 90 -15.76 6.91 31.11
C SER B 90 -16.77 7.22 32.26
N THR B 91 -16.55 8.28 33.04
CA THR B 91 -17.30 8.46 34.31
C THR B 91 -18.12 9.75 34.32
N CYS B 92 -19.21 9.75 35.05
CA CYS B 92 -19.95 10.99 35.32
C CYS B 92 -20.02 11.36 36.79
N VAL B 93 -20.04 10.35 37.65
CA VAL B 93 -20.13 10.58 39.09
C VAL B 93 -19.27 9.58 39.87
N LEU B 94 -18.50 10.12 40.82
CA LEU B 94 -17.74 9.29 41.77
C LEU B 94 -18.18 9.54 43.19
N VAL B 95 -18.28 8.48 43.99
CA VAL B 95 -18.39 8.58 45.46
C VAL B 95 -17.16 7.89 46.07
N SER B 96 -16.40 8.64 46.87
CA SER B 96 -15.29 8.13 47.64
C SER B 96 -15.58 8.15 49.14
N GLU B 97 -15.10 7.13 49.85
CA GLU B 97 -15.06 7.18 51.32
C GLU B 97 -14.42 8.45 51.87
N GLU B 98 -13.46 9.01 51.15
N GLU B 98 -13.48 9.02 51.14
CA GLU B 98 -12.64 10.14 51.62
CA GLU B 98 -12.66 10.15 51.61
C GLU B 98 -13.29 11.50 51.39
C GLU B 98 -13.33 11.50 51.43
N ASN B 99 -14.37 11.56 50.61
CA ASN B 99 -15.05 12.82 50.27
C ASN B 99 -16.50 12.95 50.78
N LYS B 100 -16.79 14.08 51.39
CA LYS B 100 -18.12 14.32 51.91
C LYS B 100 -19.16 14.17 50.82
N ASP B 101 -18.93 14.89 49.75
CA ASP B 101 -19.88 14.96 48.65
C ASP B 101 -19.44 14.14 47.43
N ALA B 102 -20.41 13.82 46.58
CA ALA B 102 -20.16 13.11 45.34
C ALA B 102 -19.31 14.04 44.48
N ILE B 103 -18.42 13.48 43.66
CA ILE B 103 -17.62 14.27 42.73
C ILE B 103 -18.20 14.13 41.33
N ILE B 104 -18.65 15.26 40.77
CA ILE B 104 -19.27 15.23 39.45
C ILE B 104 -18.16 15.53 38.42
N THR B 105 -17.98 14.63 37.47
CA THR B 105 -16.92 14.74 36.45
C THR B 105 -17.19 15.93 35.53
N ALA B 106 -16.12 16.67 35.21
CA ALA B 106 -16.20 17.77 34.28
C ALA B 106 -16.88 17.28 33.00
N LYS B 107 -17.70 18.15 32.43
CA LYS B 107 -18.54 17.79 31.31
C LYS B 107 -17.74 17.27 30.09
N GLU B 108 -16.63 17.92 29.78
CA GLU B 108 -15.67 17.47 28.75
C GLU B 108 -15.17 16.03 28.90
N LYS B 109 -15.14 15.50 30.12
CA LYS B 109 -14.61 14.15 30.37
C LYS B 109 -15.63 13.10 30.73
N ARG B 110 -16.89 13.42 30.48
CA ARG B 110 -17.98 12.63 30.95
C ARG B 110 -18.29 11.40 30.16
N GLY B 111 -18.53 10.31 30.84
CA GLY B 111 -18.95 9.07 30.21
C GLY B 111 -20.13 8.58 30.99
N LYS B 112 -20.48 7.32 30.83
CA LYS B 112 -21.74 6.87 31.37
C LYS B 112 -21.67 6.17 32.74
N TYR B 113 -20.49 5.96 33.29
CA TYR B 113 -20.38 5.14 34.50
C TYR B 113 -20.26 5.94 35.79
N VAL B 114 -20.76 5.34 36.85
CA VAL B 114 -20.74 5.88 38.21
C VAL B 114 -19.91 4.89 39.02
N VAL B 115 -18.92 5.38 39.79
CA VAL B 115 -18.05 4.51 40.58
C VAL B 115 -18.06 4.92 42.04
N CYS B 116 -18.29 3.92 42.89
CA CYS B 116 -18.27 4.07 44.35
C CYS B 116 -17.04 3.35 44.83
N PHE B 117 -16.19 4.02 45.58
CA PHE B 117 -14.95 3.35 46.02
C PHE B 117 -14.43 3.78 47.41
N ASP B 118 -13.73 2.85 48.05
CA ASP B 118 -12.88 3.13 49.21
C ASP B 118 -11.44 2.94 48.74
N PRO B 119 -10.70 4.05 48.60
CA PRO B 119 -9.36 3.99 47.99
C PRO B 119 -8.30 3.26 48.82
N LEU B 120 -8.41 3.34 50.15
CA LEU B 120 -7.49 2.67 51.05
C LEU B 120 -8.18 2.28 52.35
N ASP B 121 -8.91 1.19 52.28
CA ASP B 121 -9.70 0.65 53.40
C ASP B 121 -8.78 -0.04 54.39
N GLY B 122 -8.82 0.37 55.65
CA GLY B 122 -7.97 -0.23 56.69
C GLY B 122 -6.80 0.64 57.09
N SER B 123 -6.68 1.81 56.47
CA SER B 123 -5.48 2.66 56.57
C SER B 123 -5.28 3.32 57.93
N SER B 124 -6.33 3.34 58.74
CA SER B 124 -6.21 3.81 60.11
C SER B 124 -5.28 2.88 60.92
N ASN B 125 -5.14 1.63 60.46
CA ASN B 125 -4.29 0.61 61.10
C ASN B 125 -2.99 0.32 60.33
N ILE B 126 -2.59 1.26 59.44
CA ILE B 126 -1.33 1.17 58.65
C ILE B 126 -0.08 0.92 59.52
N ASP B 127 -0.06 1.53 60.69
CA ASP B 127 1.02 1.45 61.65
C ASP B 127 1.40 0.07 62.08
N CYS B 128 0.43 -0.82 62.12
CA CYS B 128 0.73 -2.22 62.55
C CYS B 128 0.98 -3.09 61.32
N LEU B 129 0.96 -2.46 60.13
CA LEU B 129 1.25 -3.13 58.86
C LEU B 129 0.21 -4.21 58.51
N ALA B 130 -1.02 -4.01 58.94
CA ALA B 130 -2.11 -4.94 58.66
C ALA B 130 -2.41 -4.93 57.18
N SER B 131 -2.80 -6.07 56.64
CA SER B 131 -3.27 -6.10 55.25
C SER B 131 -4.37 -5.06 55.07
N ILE B 132 -4.34 -4.31 53.97
CA ILE B 132 -5.33 -3.30 53.70
C ILE B 132 -5.73 -3.39 52.24
N GLY B 133 -6.67 -2.60 51.78
CA GLY B 133 -7.22 -2.85 50.45
C GLY B 133 -7.92 -1.67 49.84
N THR B 134 -8.38 -1.87 48.61
CA THR B 134 -9.08 -0.86 47.84
C THR B 134 -10.33 -1.57 47.34
N ILE B 135 -11.51 -0.94 47.43
CA ILE B 135 -12.78 -1.58 47.09
C ILE B 135 -13.55 -0.68 46.12
N PHE B 136 -14.17 -1.27 45.11
CA PHE B 136 -14.93 -0.42 44.19
C PHE B 136 -16.15 -1.17 43.61
N ALA B 137 -17.15 -0.36 43.23
CA ALA B 137 -18.31 -0.83 42.48
C ALA B 137 -18.66 0.16 41.37
N ILE B 138 -19.04 -0.37 40.22
CA ILE B 138 -19.35 0.43 39.04
C ILE B 138 -20.82 0.20 38.62
N TYR B 139 -21.49 1.31 38.34
CA TYR B 139 -22.91 1.34 37.88
C TYR B 139 -22.96 2.09 36.57
N ARG B 140 -23.95 1.74 35.73
CA ARG B 140 -24.30 2.54 34.55
C ARG B 140 -25.31 3.60 35.00
N LYS B 141 -25.05 4.85 34.63
CA LYS B 141 -25.97 5.92 34.99
C LYS B 141 -27.31 5.66 34.28
N THR B 142 -28.39 5.87 35.02
CA THR B 142 -29.74 5.69 34.50
C THR B 142 -30.41 7.07 34.57
N SER B 143 -30.69 7.68 33.42
CA SER B 143 -31.27 9.03 33.34
C SER B 143 -30.43 9.92 32.41
N ASP B 145 -30.99 13.15 31.83
CA ASP B 145 -31.05 13.78 33.15
C ASP B 145 -29.64 14.15 33.69
N GLU B 146 -29.43 15.35 34.27
CA GLU B 146 -28.06 15.81 34.66
C GLU B 146 -27.42 15.02 35.84
N PRO B 147 -26.10 14.77 35.79
CA PRO B 147 -25.50 13.88 36.78
C PRO B 147 -25.50 14.47 38.19
N SER B 148 -25.69 13.61 39.19
CA SER B 148 -25.74 14.05 40.59
C SER B 148 -25.58 12.87 41.56
N GLU B 149 -25.57 13.16 42.85
CA GLU B 149 -25.50 12.13 43.86
C GLU B 149 -26.46 11.00 43.73
N LYS B 150 -27.65 11.29 43.26
CA LYS B 150 -28.67 10.32 43.15
C LYS B 150 -28.27 9.18 42.24
N ASP B 151 -27.45 9.48 41.27
CA ASP B 151 -26.93 8.47 40.35
C ASP B 151 -26.10 7.39 41.03
N ALA B 152 -25.59 7.67 42.24
CA ALA B 152 -24.82 6.70 43.05
C ALA B 152 -25.67 5.96 44.06
N LEU B 153 -26.98 6.24 44.08
CA LEU B 153 -27.88 5.65 45.07
C LEU B 153 -28.68 4.51 44.47
N GLN B 154 -28.08 3.78 43.54
CA GLN B 154 -28.70 2.58 42.97
C GLN B 154 -28.47 1.40 43.91
N CYS B 155 -29.39 0.44 43.95
CA CYS B 155 -29.10 -0.74 44.72
C CYS B 155 -28.05 -1.65 44.07
N GLY B 156 -27.37 -2.45 44.89
CA GLY B 156 -26.30 -3.35 44.47
C GLY B 156 -26.62 -4.33 43.35
N ARG B 157 -27.89 -4.64 43.18
CA ARG B 157 -28.37 -5.49 42.09
C ARG B 157 -28.04 -4.92 40.72
N ASN B 158 -27.87 -3.60 40.64
CA ASN B 158 -27.56 -2.90 39.40
C ASN B 158 -26.08 -2.78 39.02
N ILE B 159 -25.20 -3.38 39.83
CA ILE B 159 -23.74 -3.31 39.61
C ILE B 159 -23.36 -3.93 38.27
N VAL B 160 -22.47 -3.26 37.56
CA VAL B 160 -22.00 -3.76 36.25
C VAL B 160 -20.67 -4.50 36.45
N ALA B 161 -19.87 -3.94 37.35
CA ALA B 161 -18.61 -4.55 37.70
C ALA B 161 -18.24 -4.11 39.11
N ALA B 162 -17.56 -4.99 39.84
CA ALA B 162 -17.03 -4.64 41.15
C ALA B 162 -15.84 -5.51 41.47
N GLY B 163 -15.10 -5.08 42.49
CA GLY B 163 -13.97 -5.87 42.96
C GLY B 163 -13.24 -5.22 44.10
N TYR B 164 -12.13 -5.85 44.45
CA TYR B 164 -11.24 -5.30 45.47
C TYR B 164 -9.79 -5.65 45.17
N ALA B 165 -8.89 -4.85 45.71
CA ALA B 165 -7.42 -5.13 45.74
C ALA B 165 -7.07 -5.34 47.20
N LEU B 166 -6.37 -6.43 47.51
CA LEU B 166 -5.81 -6.68 48.82
C LEU B 166 -4.28 -6.51 48.73
N TYR B 167 -3.76 -5.62 49.56
CA TYR B 167 -2.32 -5.41 49.72
C TYR B 167 -1.88 -6.18 50.96
N GLY B 168 -1.64 -7.49 50.79
CA GLY B 168 -1.33 -8.41 51.89
C GLY B 168 0.09 -8.89 51.72
N SER B 169 0.34 -10.17 51.97
CA SER B 169 1.70 -10.69 51.74
C SER B 169 2.06 -10.53 50.22
N ALA B 170 1.04 -10.63 49.35
CA ALA B 170 1.18 -10.23 47.95
C ALA B 170 -0.01 -9.33 47.62
N THR B 171 0.02 -8.68 46.46
CA THR B 171 -1.10 -7.83 46.04
C THR B 171 -2.02 -8.65 45.11
N LEU B 172 -3.31 -8.69 45.43
CA LEU B 172 -4.27 -9.50 44.69
C LEU B 172 -5.44 -8.62 44.34
N VAL B 173 -6.03 -8.90 43.20
CA VAL B 173 -7.32 -8.32 42.80
C VAL B 173 -8.38 -9.39 42.58
N ALA B 174 -9.57 -9.17 43.12
CA ALA B 174 -10.76 -10.01 42.85
C ALA B 174 -11.67 -9.13 42.01
N LEU B 175 -12.10 -9.65 40.86
CA LEU B 175 -12.93 -8.90 39.95
C LEU B 175 -14.08 -9.79 39.41
N SER B 176 -15.26 -9.19 39.33
CA SER B 176 -16.42 -9.79 38.65
C SER B 176 -17.08 -8.74 37.77
N THR B 177 -17.51 -9.13 36.58
CA THR B 177 -18.32 -8.28 35.71
C THR B 177 -19.68 -8.95 35.43
N GLY B 178 -20.09 -9.86 36.31
CA GLY B 178 -21.38 -10.59 36.18
C GLY B 178 -21.27 -12.09 35.83
N GLN B 179 -20.05 -12.58 35.62
CA GLN B 179 -19.86 -13.98 35.20
C GLN B 179 -18.99 -14.76 36.15
N GLY B 180 -19.16 -14.54 37.45
CA GLY B 180 -18.29 -15.18 38.42
C GLY B 180 -17.18 -14.28 38.86
N VAL B 181 -16.34 -14.81 39.73
CA VAL B 181 -15.24 -14.04 40.33
C VAL B 181 -13.93 -14.61 39.83
N ASP B 182 -13.04 -13.73 39.36
CA ASP B 182 -11.68 -14.13 38.93
C ASP B 182 -10.68 -13.43 39.85
N LEU B 183 -9.61 -14.16 40.14
CA LEU B 183 -8.55 -13.68 41.01
C LEU B 183 -7.23 -13.48 40.23
N PHE B 184 -6.59 -12.31 40.43
CA PHE B 184 -5.36 -11.96 39.77
C PHE B 184 -4.33 -11.52 40.83
N MET B 185 -3.08 -11.90 40.63
CA MET B 185 -1.98 -11.53 41.53
C MET B 185 -0.97 -10.64 40.79
N LEU B 186 -0.53 -9.58 41.43
CA LEU B 186 0.47 -8.69 40.88
C LEU B 186 1.85 -9.31 40.96
N ASP B 187 2.49 -9.42 39.79
CA ASP B 187 3.91 -9.77 39.66
C ASP B 187 4.64 -8.43 39.57
N PRO B 188 5.29 -8.02 40.70
CA PRO B 188 5.90 -6.70 40.79
C PRO B 188 7.12 -6.60 39.89
N ALA B 189 7.69 -7.74 39.51
CA ALA B 189 8.84 -7.80 38.58
C ALA B 189 8.39 -7.47 37.13
N LEU B 190 7.17 -7.84 36.78
CA LEU B 190 6.61 -7.54 35.46
C LEU B 190 5.76 -6.26 35.47
N GLY B 191 5.16 -5.92 36.60
CA GLY B 191 4.20 -4.81 36.67
C GLY B 191 2.84 -5.11 36.05
N GLU B 192 2.42 -6.38 36.10
CA GLU B 192 1.14 -6.84 35.55
C GLU B 192 0.54 -7.83 36.53
N PHE B 193 -0.80 -7.81 36.59
CA PHE B 193 -1.59 -8.79 37.29
C PHE B 193 -1.74 -10.02 36.41
N VAL B 194 -1.57 -11.17 37.01
CA VAL B 194 -1.57 -12.46 36.36
C VAL B 194 -2.82 -13.21 36.87
N LEU B 195 -3.58 -13.82 35.96
CA LEU B 195 -4.73 -14.63 36.35
C LEU B 195 -4.28 -15.84 37.13
N VAL B 196 -4.77 -15.99 38.36
CA VAL B 196 -4.38 -17.18 39.15
C VAL B 196 -5.56 -18.10 39.49
N GLU B 197 -6.78 -17.58 39.39
CA GLU B 197 -7.93 -18.44 39.59
C GLU B 197 -9.16 -17.91 38.87
N LYS B 198 -9.77 -18.76 38.06
CA LYS B 198 -10.95 -18.37 37.30
C LYS B 198 -12.23 -18.90 37.92
N ASP B 199 -13.24 -18.05 38.05
CA ASP B 199 -14.57 -18.50 38.47
C ASP B 199 -14.52 -19.16 39.84
N VAL B 200 -13.96 -18.47 40.83
CA VAL B 200 -13.79 -19.08 42.15
C VAL B 200 -15.18 -19.22 42.78
N LYS B 201 -15.37 -20.34 43.47
CA LYS B 201 -16.60 -20.62 44.22
C LYS B 201 -16.31 -20.80 45.71
N ILE B 202 -17.05 -20.07 46.54
CA ILE B 202 -16.98 -20.19 47.99
C ILE B 202 -17.53 -21.54 48.45
N LYS B 203 -16.93 -22.15 49.46
CA LYS B 203 -17.43 -23.41 50.05
C LYS B 203 -18.88 -23.22 50.54
N LYS B 204 -19.71 -24.25 50.40
CA LYS B 204 -21.09 -24.19 50.86
C LYS B 204 -21.19 -23.92 52.35
N LYS B 205 -20.27 -24.49 53.08
CA LYS B 205 -20.16 -24.33 54.53
C LYS B 205 -18.69 -24.38 54.98
N GLY B 206 -18.33 -23.42 55.82
CA GLY B 206 -16.94 -23.26 56.29
C GLY B 206 -16.76 -23.68 57.73
N LYS B 207 -15.61 -23.30 58.30
CA LYS B 207 -15.23 -23.70 59.66
C LYS B 207 -14.52 -22.60 60.41
N ILE B 208 -14.83 -21.35 60.04
CA ILE B 208 -14.22 -20.17 60.63
C ILE B 208 -15.31 -19.12 60.75
N TYR B 209 -15.36 -18.43 61.89
CA TYR B 209 -16.26 -17.30 62.05
C TYR B 209 -15.44 -16.10 62.39
N SER B 210 -15.88 -14.93 61.94
CA SER B 210 -15.04 -13.77 62.00
C SER B 210 -15.86 -12.57 62.40
N LEU B 211 -15.69 -12.15 63.66
CA LEU B 211 -16.22 -10.90 64.12
C LEU B 211 -15.47 -10.45 65.35
N ASN B 212 -15.67 -9.18 65.67
CA ASN B 212 -15.07 -8.55 66.86
C ASN B 212 -15.93 -8.87 68.08
N GLU B 213 -15.50 -9.88 68.83
CA GLU B 213 -16.23 -10.33 70.01
C GLU B 213 -16.01 -9.40 71.21
N GLY B 214 -15.13 -8.43 71.06
CA GLY B 214 -15.02 -7.31 72.00
C GLY B 214 -16.28 -6.47 72.10
N TYR B 215 -17.24 -6.65 71.18
CA TYR B 215 -18.55 -5.97 71.30
C TYR B 215 -19.64 -6.89 71.88
N ALA B 216 -19.26 -8.05 72.41
CA ALA B 216 -20.19 -9.01 72.99
C ALA B 216 -21.22 -8.38 73.91
N LYS B 217 -20.78 -7.47 74.76
CA LYS B 217 -21.68 -6.76 75.67
C LYS B 217 -22.82 -6.02 74.96
N TYR B 218 -22.66 -5.70 73.66
CA TYR B 218 -23.65 -4.91 72.94
C TYR B 218 -24.36 -5.68 71.83
N PHE B 219 -24.11 -6.99 71.74
CA PHE B 219 -24.73 -7.83 70.69
C PHE B 219 -26.22 -8.01 70.95
N ASP B 220 -26.99 -8.19 69.87
CA ASP B 220 -28.35 -8.70 70.01
C ASP B 220 -28.32 -10.19 70.35
N ALA B 221 -29.47 -10.73 70.70
CA ALA B 221 -29.58 -12.10 71.19
C ALA B 221 -29.21 -13.09 70.09
N ALA B 222 -29.59 -12.79 68.84
CA ALA B 222 -29.34 -13.67 67.69
C ALA B 222 -27.83 -13.86 67.52
N THR B 223 -27.08 -12.75 67.60
CA THR B 223 -25.61 -12.82 67.41
C THR B 223 -24.95 -13.59 68.53
N THR B 224 -25.38 -13.31 69.76
CA THR B 224 -24.93 -14.02 70.97
C THR B 224 -25.16 -15.50 70.84
N GLU B 225 -26.38 -15.87 70.45
CA GLU B 225 -26.74 -17.25 70.26
C GLU B 225 -25.87 -17.92 69.17
N TYR B 226 -25.72 -17.24 68.04
CA TYR B 226 -24.91 -17.79 66.94
C TYR B 226 -23.46 -18.05 67.36
N VAL B 227 -22.81 -17.05 67.97
CA VAL B 227 -21.40 -17.25 68.39
C VAL B 227 -21.30 -18.43 69.36
N GLN B 228 -22.23 -18.50 70.31
CA GLN B 228 -22.35 -19.64 71.21
C GLN B 228 -22.32 -21.01 70.49
N LYS B 229 -23.13 -21.14 69.46
CA LYS B 229 -23.18 -22.34 68.64
C LYS B 229 -21.89 -22.67 67.92
N LYS B 230 -21.19 -21.65 67.47
CA LYS B 230 -19.85 -21.85 66.86
C LYS B 230 -18.80 -22.40 67.80
N LYS B 231 -18.84 -21.96 69.05
CA LYS B 231 -17.84 -22.36 70.07
C LYS B 231 -18.26 -23.62 70.81
N PHE B 232 -19.58 -23.76 70.97
CA PHE B 232 -20.17 -24.84 71.72
C PHE B 232 -21.22 -25.55 70.89
N PRO B 233 -20.81 -26.30 69.87
CA PRO B 233 -21.85 -26.91 69.02
C PRO B 233 -22.55 -28.04 69.77
N GLU B 234 -23.84 -28.23 69.48
CA GLU B 234 -24.62 -29.22 70.24
C GLU B 234 -24.70 -30.60 69.51
N ASP B 235 -24.28 -30.63 68.24
CA ASP B 235 -24.36 -31.82 67.38
C ASP B 235 -23.09 -32.72 67.36
N GLY B 236 -22.16 -32.50 68.28
CA GLY B 236 -20.90 -33.27 68.34
C GLY B 236 -19.81 -32.90 67.31
N SER B 237 -20.05 -31.85 66.54
CA SER B 237 -19.04 -31.33 65.61
C SER B 237 -18.02 -30.47 66.37
N ALA B 238 -16.83 -30.31 65.77
CA ALA B 238 -15.73 -29.52 66.36
C ALA B 238 -16.12 -28.08 66.32
N PRO B 239 -15.74 -27.29 67.34
CA PRO B 239 -16.07 -25.85 67.27
C PRO B 239 -15.39 -25.18 66.05
N TYR B 240 -15.94 -24.08 65.57
CA TYR B 240 -15.29 -23.30 64.50
C TYR B 240 -14.07 -22.56 65.06
N GLY B 241 -13.07 -22.36 64.21
CA GLY B 241 -11.96 -21.46 64.52
C GLY B 241 -12.39 -20.02 64.37
N ALA B 242 -11.72 -19.12 65.09
CA ALA B 242 -11.97 -17.68 65.02
C ALA B 242 -10.81 -16.92 64.32
N ARG B 243 -11.17 -15.95 63.48
CA ARG B 243 -10.21 -15.04 62.86
C ARG B 243 -10.87 -13.69 62.73
N TYR B 244 -10.17 -12.63 63.09
CA TYR B 244 -10.68 -11.27 62.87
C TYR B 244 -9.46 -10.35 62.73
N VAL B 245 -9.16 -9.97 61.49
CA VAL B 245 -8.02 -9.12 61.22
C VAL B 245 -8.31 -7.67 61.58
N GLY B 246 -9.58 -7.27 61.43
CA GLY B 246 -9.99 -5.89 61.68
C GLY B 246 -9.77 -5.05 60.45
N SER B 247 -9.50 -5.70 59.33
CA SER B 247 -9.37 -5.01 58.07
C SER B 247 -10.32 -5.73 57.10
N MET B 248 -11.31 -5.00 56.61
CA MET B 248 -12.43 -5.64 55.96
C MET B 248 -12.04 -6.50 54.77
N VAL B 249 -11.20 -5.96 53.88
CA VAL B 249 -10.79 -6.71 52.68
C VAL B 249 -10.01 -7.99 53.05
N ALA B 250 -9.21 -7.95 54.09
CA ALA B 250 -8.44 -9.17 54.46
C ALA B 250 -9.41 -10.22 54.99
N ASP B 251 -10.39 -9.81 55.82
CA ASP B 251 -11.32 -10.77 56.41
C ASP B 251 -12.29 -11.34 55.35
N VAL B 252 -12.77 -10.47 54.46
CA VAL B 252 -13.68 -10.86 53.35
C VAL B 252 -12.94 -11.77 52.38
N HIS B 253 -11.70 -11.44 52.04
CA HIS B 253 -10.96 -12.31 51.13
C HIS B 253 -10.68 -13.70 51.73
N ARG B 254 -10.33 -13.74 53.01
CA ARG B 254 -10.12 -15.03 53.67
C ARG B 254 -11.43 -15.87 53.64
N THR B 255 -12.56 -15.23 53.82
CA THR B 255 -13.85 -15.90 53.82
C THR B 255 -14.16 -16.48 52.44
N LEU B 256 -13.82 -15.74 51.39
CA LEU B 256 -13.94 -16.25 50.03
C LEU B 256 -13.10 -17.48 49.79
N VAL B 257 -11.82 -17.44 50.20
CA VAL B 257 -10.93 -18.52 49.79
C VAL B 257 -10.97 -19.73 50.69
N TYR B 258 -11.30 -19.55 51.95
CA TYR B 258 -11.33 -20.65 52.93
C TYR B 258 -12.73 -21.05 53.38
N GLY B 259 -13.67 -20.13 53.22
CA GLY B 259 -15.03 -20.35 53.60
C GLY B 259 -15.30 -19.87 55.00
N GLY B 260 -16.58 -19.88 55.38
CA GLY B 260 -17.00 -19.54 56.69
C GLY B 260 -17.84 -18.31 56.65
N ILE B 261 -17.79 -17.54 57.73
CA ILE B 261 -18.67 -16.39 57.86
C ILE B 261 -17.90 -15.21 58.40
N PHE B 262 -18.29 -14.03 57.93
CA PHE B 262 -17.80 -12.76 58.40
C PHE B 262 -18.98 -11.91 58.83
N LEU B 263 -18.87 -11.30 60.00
CA LEU B 263 -19.96 -10.52 60.56
C LEU B 263 -19.48 -9.19 61.12
N TYR B 264 -20.16 -8.12 60.70
CA TYR B 264 -20.22 -6.88 61.43
C TYR B 264 -21.70 -6.47 61.58
N PRO B 265 -22.42 -7.11 62.53
CA PRO B 265 -23.85 -6.79 62.73
C PRO B 265 -24.03 -5.47 63.47
N ALA B 266 -25.25 -4.97 63.53
CA ALA B 266 -25.60 -3.86 64.38
C ALA B 266 -25.35 -4.32 65.81
N ASN B 267 -24.97 -3.38 66.67
CA ASN B 267 -24.92 -3.62 68.09
C ASN B 267 -25.43 -2.37 68.79
N GLN B 268 -25.56 -2.41 70.12
CA GLN B 268 -26.08 -1.25 70.84
C GLN B 268 -25.31 0.04 70.59
N LYS B 269 -24.01 -0.05 70.41
CA LYS B 269 -23.18 1.11 70.20
C LYS B 269 -23.18 1.58 68.77
N SER B 270 -23.30 0.66 67.83
CA SER B 270 -23.40 0.94 66.37
C SER B 270 -24.73 0.39 65.84
N PRO B 271 -25.84 1.10 66.06
CA PRO B 271 -27.17 0.55 65.78
C PRO B 271 -27.51 0.39 64.28
N LYS B 272 -26.93 1.22 63.43
CA LYS B 272 -26.99 1.05 61.98
C LYS B 272 -25.89 0.13 61.43
N GLY B 273 -25.03 -0.33 62.28
CA GLY B 273 -23.82 -1.05 61.86
C GLY B 273 -22.65 -0.06 61.69
N LYS B 274 -21.51 -0.54 61.19
CA LYS B 274 -20.32 0.33 60.98
C LYS B 274 -19.92 0.48 59.50
N LEU B 275 -19.95 -0.61 58.76
CA LEU B 275 -19.46 -0.64 57.38
C LEU B 275 -20.38 0.18 56.43
N ARG B 276 -19.80 0.76 55.38
CA ARG B 276 -20.52 1.70 54.52
C ARG B 276 -21.10 0.95 53.32
N LEU B 277 -22.36 1.23 53.04
CA LEU B 277 -23.09 0.48 52.02
C LEU B 277 -22.52 0.62 50.61
N LEU B 278 -22.27 1.84 50.17
CA LEU B 278 -21.99 2.08 48.76
C LEU B 278 -20.66 1.50 48.29
N TYR B 279 -19.63 1.66 49.11
CA TYR B 279 -18.26 1.41 48.69
C TYR B 279 -17.53 0.40 49.58
N GLU B 280 -18.23 -0.23 50.51
CA GLU B 280 -17.68 -1.38 51.24
CA GLU B 280 -17.67 -1.36 51.24
C GLU B 280 -18.60 -2.57 51.11
N CYS B 281 -19.85 -2.44 51.54
CA CYS B 281 -20.75 -3.59 51.63
CA CYS B 281 -20.72 -3.61 51.62
C CYS B 281 -21.27 -4.08 50.26
N ASN B 282 -21.80 -3.18 49.44
CA ASN B 282 -22.28 -3.60 48.10
C ASN B 282 -21.19 -4.30 47.23
N PRO B 283 -19.99 -3.73 47.15
CA PRO B 283 -18.97 -4.34 46.34
C PRO B 283 -18.62 -5.73 46.82
N VAL B 284 -18.40 -5.90 48.15
CA VAL B 284 -18.01 -7.23 48.64
C VAL B 284 -19.17 -8.20 48.58
N ALA B 285 -20.39 -7.68 48.70
CA ALA B 285 -21.56 -8.52 48.60
C ALA B 285 -21.63 -9.07 47.18
N TYR B 286 -21.38 -8.18 46.23
CA TYR B 286 -21.46 -8.55 44.83
C TYR B 286 -20.48 -9.67 44.52
N ILE B 287 -19.23 -9.55 45.00
CA ILE B 287 -18.23 -10.59 44.85
C ILE B 287 -18.61 -11.87 45.52
N ILE B 288 -19.07 -11.79 46.77
CA ILE B 288 -19.37 -13.04 47.49
C ILE B 288 -20.60 -13.78 46.85
N GLU B 289 -21.64 -13.04 46.44
CA GLU B 289 -22.78 -13.66 45.73
C GLU B 289 -22.36 -14.21 44.34
N GLN B 290 -21.58 -13.44 43.58
CA GLN B 290 -21.05 -13.97 42.31
C GLN B 290 -20.28 -15.26 42.56
N ALA B 291 -19.68 -15.41 43.73
CA ALA B 291 -18.93 -16.64 44.09
C ALA B 291 -19.80 -17.73 44.73
N GLY B 292 -21.12 -17.48 44.80
CA GLY B 292 -22.04 -18.47 45.28
C GLY B 292 -22.29 -18.42 46.77
N GLY B 293 -21.94 -17.29 47.39
CA GLY B 293 -22.17 -17.09 48.83
C GLY B 293 -23.39 -16.20 49.05
N LEU B 294 -23.64 -15.84 50.31
CA LEU B 294 -24.73 -14.93 50.64
C LEU B 294 -24.21 -13.71 51.37
N ALA B 295 -24.88 -12.58 51.17
CA ALA B 295 -24.53 -11.33 51.86
C ALA B 295 -25.80 -10.59 52.30
N THR B 296 -25.94 -10.38 53.61
CA THR B 296 -27.18 -9.93 54.22
C THR B 296 -26.90 -8.84 55.27
N THR B 297 -27.88 -7.95 55.46
CA THR B 297 -27.87 -7.04 56.59
C THR B 297 -28.45 -7.66 57.83
N GLY B 298 -29.00 -8.88 57.71
CA GLY B 298 -29.84 -9.54 58.75
C GLY B 298 -31.33 -9.25 58.62
N THR B 299 -31.66 -8.33 57.73
CA THR B 299 -33.02 -7.99 57.41
C THR B 299 -33.36 -8.26 55.93
N GLN B 300 -32.34 -8.22 55.08
CA GLN B 300 -32.49 -8.01 53.62
C GLN B 300 -31.17 -8.41 52.99
N PRO B 301 -31.15 -8.99 51.77
CA PRO B 301 -29.82 -9.06 51.09
C PRO B 301 -29.21 -7.67 50.88
N VAL B 302 -27.89 -7.54 51.11
CA VAL B 302 -27.25 -6.24 50.98
C VAL B 302 -27.54 -5.60 49.62
N LEU B 303 -27.50 -6.43 48.59
CA LEU B 303 -27.61 -5.95 47.21
C LEU B 303 -29.02 -5.47 46.86
N ASP B 304 -29.99 -5.83 47.71
CA ASP B 304 -31.36 -5.33 47.58
C ASP B 304 -31.63 -4.11 48.43
N VAL B 305 -30.64 -3.65 49.24
CA VAL B 305 -30.90 -2.44 50.04
C VAL B 305 -30.95 -1.27 49.11
N LYS B 306 -32.01 -0.48 49.23
CA LYS B 306 -32.11 0.74 48.47
C LYS B 306 -31.41 1.86 49.22
N PRO B 307 -30.29 2.34 48.67
CA PRO B 307 -29.55 3.36 49.43
C PRO B 307 -30.24 4.71 49.63
N GLU B 308 -30.15 5.25 50.84
CA GLU B 308 -30.73 6.56 51.17
C GLU B 308 -29.71 7.70 51.11
N ALA B 309 -28.43 7.42 51.38
CA ALA B 309 -27.42 8.47 51.50
C ALA B 309 -26.09 7.86 51.12
N ILE B 310 -25.16 8.68 50.60
CA ILE B 310 -23.92 8.13 49.97
C ILE B 310 -22.97 7.53 51.00
N HIS B 311 -23.01 8.04 52.23
CA HIS B 311 -22.17 7.49 53.30
C HIS B 311 -22.95 6.69 54.33
N GLN B 312 -24.08 6.14 53.89
CA GLN B 312 -24.94 5.34 54.73
C GLN B 312 -24.21 4.12 55.24
N ARG B 313 -24.47 3.76 56.49
CA ARG B 313 -24.01 2.54 57.08
C ARG B 313 -25.04 1.43 57.12
N VAL B 314 -24.58 0.18 57.10
CA VAL B 314 -25.43 -0.99 57.23
C VAL B 314 -24.71 -2.15 57.93
N PRO B 315 -25.46 -3.02 58.62
CA PRO B 315 -24.89 -4.28 59.06
C PRO B 315 -24.47 -5.20 57.91
N LEU B 316 -23.52 -6.10 58.17
CA LEU B 316 -23.02 -6.99 57.13
C LEU B 316 -22.69 -8.37 57.69
N ILE B 317 -23.34 -9.38 57.14
CA ILE B 317 -23.02 -10.77 57.43
C ILE B 317 -22.88 -11.43 56.06
N LEU B 318 -21.74 -12.08 55.81
CA LEU B 318 -21.54 -12.67 54.50
C LEU B 318 -20.67 -13.90 54.58
N GLY B 319 -20.72 -14.70 53.53
CA GLY B 319 -19.86 -15.87 53.44
C GLY B 319 -20.54 -17.08 52.88
N SER B 320 -20.10 -18.24 53.34
CA SER B 320 -20.60 -19.49 52.84
C SER B 320 -22.09 -19.51 53.11
N PRO B 321 -22.90 -19.98 52.12
CA PRO B 321 -24.35 -19.79 52.20
C PRO B 321 -24.99 -20.53 53.37
N GLU B 322 -24.49 -21.72 53.67
CA GLU B 322 -24.97 -22.56 54.75
CA GLU B 322 -25.06 -22.50 54.75
C GLU B 322 -24.73 -21.91 56.13
N ASP B 323 -23.60 -21.20 56.26
CA ASP B 323 -23.29 -20.49 57.49
C ASP B 323 -24.12 -19.22 57.63
N VAL B 324 -24.26 -18.43 56.57
CA VAL B 324 -25.17 -17.26 56.60
C VAL B 324 -26.63 -17.65 56.90
N GLN B 325 -27.11 -18.75 56.31
CA GLN B 325 -28.49 -19.19 56.56
CA GLN B 325 -28.47 -19.22 56.53
C GLN B 325 -28.67 -19.56 58.02
N GLU B 326 -27.68 -20.21 58.63
CA GLU B 326 -27.75 -20.44 60.08
C GLU B 326 -27.87 -19.16 60.89
N TYR B 327 -27.01 -18.19 60.61
CA TYR B 327 -27.14 -16.91 61.25
C TYR B 327 -28.54 -16.31 61.09
N LEU B 328 -29.09 -16.41 59.89
CA LEU B 328 -30.39 -15.80 59.60
C LEU B 328 -31.53 -16.51 60.35
N THR B 329 -31.37 -17.81 60.57
CA THR B 329 -32.30 -18.58 61.34
C THR B 329 -32.29 -18.06 62.77
N CYS B 330 -31.10 -17.77 63.32
CA CYS B 330 -30.99 -17.17 64.66
C CYS B 330 -31.65 -15.82 64.68
N VAL B 331 -31.45 -15.01 63.64
CA VAL B 331 -32.07 -13.68 63.64
C VAL B 331 -33.61 -13.82 63.69
N GLN B 332 -34.15 -14.69 62.81
CA GLN B 332 -35.60 -14.76 62.59
C GLN B 332 -36.24 -15.28 63.87
N LYS B 333 -35.71 -16.40 64.36
CA LYS B 333 -36.08 -16.94 65.66
C LYS B 333 -36.19 -15.90 66.83
N ASN B 334 -35.14 -15.09 67.08
CA ASN B 334 -35.16 -14.07 68.17
C ASN B 334 -35.87 -12.75 67.86
N GLN B 335 -36.50 -12.64 66.71
CA GLN B 335 -37.15 -11.39 66.29
C GLN B 335 -38.15 -10.75 67.32
N ALA B 336 -39.02 -11.57 67.92
CA ALA B 336 -40.01 -11.06 68.90
C ALA B 336 -39.51 -11.20 70.36
N ASP C 9 15.76 -4.00 -30.07
CA ASP C 9 14.77 -5.13 -29.97
C ASP C 9 13.32 -4.81 -30.54
N MET C 10 12.45 -4.35 -29.67
CA MET C 10 11.04 -4.08 -29.95
C MET C 10 10.75 -2.85 -30.88
N LEU C 11 11.71 -1.92 -30.94
CA LEU C 11 11.73 -0.77 -31.86
C LEU C 11 10.69 0.31 -31.54
N THR C 12 9.38 -0.04 -31.47
CA THR C 12 8.36 0.95 -31.23
C THR C 12 8.01 1.02 -29.77
N LEU C 13 7.57 2.19 -29.35
CA LEU C 13 7.10 2.44 -28.00
C LEU C 13 5.92 1.51 -27.63
N THR C 14 4.97 1.29 -28.55
CA THR C 14 3.85 0.42 -28.29
C THR C 14 4.29 -1.01 -27.92
N ARG C 15 5.22 -1.57 -28.68
CA ARG C 15 5.71 -2.91 -28.43
C ARG C 15 6.61 -3.03 -27.19
N TYR C 16 7.46 -2.02 -27.02
CA TYR C 16 8.33 -1.90 -25.87
C TYR C 16 7.51 -1.87 -24.58
N VAL C 17 6.52 -1.01 -24.50
CA VAL C 17 5.61 -0.88 -23.34
C VAL C 17 4.85 -2.19 -23.04
N MET C 18 4.33 -2.79 -24.11
CA MET C 18 3.61 -4.06 -24.00
C MET C 18 4.51 -5.10 -23.42
N GLU C 19 5.71 -5.18 -23.97
CA GLU C 19 6.64 -6.20 -23.57
C GLU C 19 7.12 -5.99 -22.13
N LYS C 20 7.27 -4.75 -21.69
CA LYS C 20 7.66 -4.51 -20.28
C LYS C 20 6.53 -4.92 -19.34
N GLY C 21 5.29 -4.81 -19.82
CA GLY C 21 4.11 -5.23 -19.08
C GLY C 21 4.05 -6.73 -18.96
N ARG C 22 4.45 -7.44 -20.03
CA ARG C 22 4.56 -8.89 -19.96
C ARG C 22 5.65 -9.30 -18.95
N GLN C 23 6.82 -8.68 -19.04
CA GLN C 23 7.91 -8.99 -18.08
C GLN C 23 7.46 -8.77 -16.63
N ALA C 24 6.72 -7.69 -16.40
CA ALA C 24 6.21 -7.31 -15.08
C ALA C 24 5.08 -8.24 -14.60
N LYS C 25 4.56 -9.09 -15.48
CA LYS C 25 3.38 -9.89 -15.24
C LYS C 25 2.12 -9.05 -14.91
N GLY C 26 2.02 -7.85 -15.46
CA GLY C 26 0.83 -7.00 -15.24
C GLY C 26 -0.46 -7.59 -15.78
N THR C 27 -1.60 -7.03 -15.40
CA THR C 27 -2.87 -7.48 -15.94
C THR C 27 -3.18 -6.72 -17.25
N GLY C 28 -2.32 -5.79 -17.64
CA GLY C 28 -2.59 -5.00 -18.80
C GLY C 28 -3.17 -3.64 -18.48
N GLU C 29 -3.50 -3.37 -17.21
CA GLU C 29 -4.14 -2.10 -16.85
C GLU C 29 -3.19 -0.88 -16.97
N LEU C 30 -1.95 -1.02 -16.52
CA LEU C 30 -0.96 0.04 -16.66
C LEU C 30 -0.59 0.19 -18.12
N THR C 31 -0.41 -0.92 -18.81
CA THR C 31 -0.13 -0.90 -20.24
C THR C 31 -1.21 -0.09 -20.97
N GLN C 32 -2.48 -0.32 -20.66
CA GLN C 32 -3.55 0.46 -21.31
C GLN C 32 -3.47 1.93 -20.97
N LEU C 33 -3.13 2.23 -19.72
CA LEU C 33 -3.00 3.61 -19.28
C LEU C 33 -1.97 4.39 -20.07
N LEU C 34 -0.82 3.74 -20.18
CA LEU C 34 0.28 4.26 -20.90
C LEU C 34 0.02 4.42 -22.41
N ASN C 35 -0.57 3.43 -23.06
CA ASN C 35 -1.05 3.53 -24.43
C ASN C 35 -1.95 4.77 -24.59
N SER C 36 -2.83 4.98 -23.62
CA SER C 36 -3.76 6.11 -23.67
C SER C 36 -3.07 7.47 -23.58
N MET C 37 -2.16 7.59 -22.64
CA MET C 37 -1.35 8.79 -22.49
C MET C 37 -0.56 9.11 -23.76
N LEU C 38 0.06 8.09 -24.37
CA LEU C 38 0.90 8.26 -25.58
C LEU C 38 0.07 8.60 -26.79
N THR C 39 -1.15 8.07 -26.87
CA THR C 39 -2.08 8.49 -27.89
C THR C 39 -2.44 9.98 -27.73
N ALA C 40 -2.73 10.42 -26.50
CA ALA C 40 -2.97 11.85 -26.20
C ALA C 40 -1.77 12.67 -26.66
N ILE C 41 -0.56 12.21 -26.34
CA ILE C 41 0.66 12.93 -26.70
C ILE C 41 0.79 13.07 -28.23
N LYS C 42 0.47 12.02 -28.99
CA LYS C 42 0.52 12.09 -30.44
C LYS C 42 -0.47 13.12 -30.98
N ALA C 43 -1.66 13.17 -30.41
CA ALA C 43 -2.66 14.14 -30.80
C ALA C 43 -2.25 15.59 -30.45
N ILE C 44 -1.66 15.77 -29.29
CA ILE C 44 -1.18 17.05 -28.88
C ILE C 44 -0.10 17.54 -29.83
N SER C 45 0.88 16.67 -30.13
CA SER C 45 1.97 17.03 -31.02
C SER C 45 1.41 17.53 -32.37
N SER C 46 0.42 16.82 -32.89
CA SER C 46 -0.19 17.17 -34.18
C SER C 46 -0.80 18.57 -34.12
N ALA C 47 -1.54 18.85 -33.05
CA ALA C 47 -2.14 20.15 -32.85
C ALA C 47 -1.08 21.26 -32.63
N VAL C 48 -0.06 20.95 -31.83
CA VAL C 48 1.05 21.91 -31.58
C VAL C 48 1.77 22.32 -32.87
N ARG C 49 2.04 21.34 -33.75
CA ARG C 49 2.62 21.59 -35.05
C ARG C 49 1.64 22.31 -36.04
N LYS C 50 0.38 22.47 -35.67
CA LYS C 50 -0.60 23.31 -36.39
C LYS C 50 -1.25 22.63 -37.61
N ALA C 51 -1.33 21.29 -37.58
CA ALA C 51 -2.14 20.57 -38.54
C ALA C 51 -3.55 21.19 -38.58
N GLY C 52 -4.04 21.49 -39.77
CA GLY C 52 -5.42 22.06 -39.91
C GLY C 52 -5.51 23.58 -39.69
N LEU C 53 -4.35 24.21 -39.49
CA LEU C 53 -4.35 25.70 -39.41
C LEU C 53 -5.01 26.41 -40.63
N ALA C 54 -4.86 25.86 -41.85
CA ALA C 54 -5.42 26.54 -43.03
C ALA C 54 -6.96 26.68 -42.94
N HIS C 55 -7.59 25.70 -42.27
CA HIS C 55 -9.03 25.70 -41.99
C HIS C 55 -9.46 26.79 -41.03
N LEU C 56 -8.64 27.03 -40.03
CA LEU C 56 -8.87 28.15 -39.13
C LEU C 56 -8.82 29.50 -39.86
N TYR C 57 -8.01 29.59 -40.92
CA TYR C 57 -7.76 30.86 -41.62
C TYR C 57 -8.56 30.99 -42.90
N GLY C 58 -9.58 30.16 -43.06
CA GLY C 58 -10.61 30.40 -44.08
C GLY C 58 -10.38 29.75 -45.43
N ILE C 59 -9.58 28.67 -45.48
CA ILE C 59 -9.30 27.99 -46.76
C ILE C 59 -10.61 27.51 -47.43
N ALA C 60 -11.58 27.05 -46.63
CA ALA C 60 -12.89 26.65 -47.17
C ALA C 60 -13.96 27.72 -47.01
N GLY C 61 -13.54 28.97 -46.82
CA GLY C 61 -14.47 30.12 -46.70
C GLY C 61 -15.02 30.41 -45.31
N SER C 62 -14.43 29.83 -44.27
CA SER C 62 -14.84 30.16 -42.90
C SER C 62 -13.63 30.55 -42.02
N VAL C 63 -13.55 31.87 -41.71
CA VAL C 63 -12.47 32.45 -40.85
C VAL C 63 -13.09 33.06 -39.60
N GLN C 69 -5.57 30.08 -30.95
CA GLN C 69 -5.35 30.61 -29.60
C GLN C 69 -4.64 29.62 -28.66
N VAL C 70 -4.00 30.23 -27.66
CA VAL C 70 -3.22 29.51 -26.66
C VAL C 70 -4.14 28.85 -25.60
N LYS C 71 -5.26 29.49 -25.34
CA LYS C 71 -6.26 28.99 -24.42
C LYS C 71 -7.01 27.83 -25.06
N LYS C 72 -7.20 27.92 -26.35
CA LYS C 72 -7.88 26.83 -27.01
C LYS C 72 -6.97 25.61 -27.11
N LEU C 73 -5.68 25.80 -27.30
CA LEU C 73 -4.74 24.69 -27.34
C LEU C 73 -4.57 24.04 -25.95
N ASP C 74 -4.50 24.85 -24.89
CA ASP C 74 -4.53 24.39 -23.47
C ASP C 74 -5.71 23.53 -23.15
N VAL C 75 -6.88 24.04 -23.56
CA VAL C 75 -8.14 23.39 -23.30
C VAL C 75 -8.17 22.09 -24.10
N LEU C 76 -7.78 22.15 -25.37
CA LEU C 76 -7.75 20.93 -26.21
C LEU C 76 -6.81 19.87 -25.64
N SER C 77 -5.59 20.28 -25.29
N SER C 77 -5.60 20.25 -25.29
CA SER C 77 -4.59 19.34 -24.78
CA SER C 77 -4.63 19.26 -24.80
C SER C 77 -5.07 18.69 -23.49
C SER C 77 -5.12 18.67 -23.49
N ASN C 78 -5.65 19.52 -22.62
CA ASN C 78 -6.22 19.06 -21.35
C ASN C 78 -7.36 18.06 -21.61
N SER C 79 -8.24 18.38 -22.55
CA SER C 79 -9.32 17.47 -22.94
C SER C 79 -8.83 16.15 -23.57
N LEU C 80 -7.81 16.22 -24.39
CA LEU C 80 -7.24 14.98 -24.97
C LEU C 80 -6.78 14.08 -23.87
N VAL C 81 -6.04 14.65 -22.92
CA VAL C 81 -5.47 13.84 -21.86
C VAL C 81 -6.58 13.23 -20.95
N ILE C 82 -7.49 14.08 -20.48
CA ILE C 82 -8.55 13.63 -19.57
C ILE C 82 -9.41 12.53 -20.24
N ASN C 83 -9.86 12.80 -21.45
CA ASN C 83 -10.67 11.83 -22.17
CA ASN C 83 -10.69 11.84 -22.15
C ASN C 83 -9.95 10.53 -22.44
N MET C 84 -8.69 10.61 -22.90
CA MET C 84 -7.96 9.38 -23.17
C MET C 84 -7.70 8.58 -21.87
N LEU C 85 -7.32 9.26 -20.79
CA LEU C 85 -7.05 8.57 -19.56
C LEU C 85 -8.32 7.95 -18.93
N GLN C 86 -9.42 8.70 -18.89
CA GLN C 86 -10.66 8.19 -18.30
C GLN C 86 -11.20 7.00 -19.10
N SER C 87 -11.21 7.09 -20.44
CA SER C 87 -11.63 5.98 -21.30
C SER C 87 -10.71 4.75 -21.26
N SER C 88 -9.56 4.81 -20.57
CA SER C 88 -8.65 3.65 -20.52
C SER C 88 -9.18 2.53 -19.60
N TYR C 89 -10.09 2.91 -18.71
CA TYR C 89 -10.61 2.08 -17.61
C TYR C 89 -9.51 1.77 -16.58
N SER C 90 -8.47 2.61 -16.55
CA SER C 90 -7.34 2.32 -15.63
C SER C 90 -7.18 3.35 -14.50
N THR C 91 -8.04 4.37 -14.45
CA THR C 91 -7.85 5.50 -13.54
C THR C 91 -8.98 5.66 -12.53
N CYS C 92 -8.64 6.27 -11.39
CA CYS C 92 -9.68 6.71 -10.42
C CYS C 92 -9.63 8.21 -10.11
N VAL C 93 -8.44 8.82 -10.22
CA VAL C 93 -8.25 10.21 -9.86
C VAL C 93 -7.24 10.85 -10.80
N LEU C 94 -7.61 12.02 -11.32
CA LEU C 94 -6.69 12.81 -12.10
C LEU C 94 -6.51 14.18 -11.47
N VAL C 95 -5.26 14.66 -11.52
CA VAL C 95 -4.94 16.02 -11.19
C VAL C 95 -4.29 16.65 -12.42
N SER C 96 -4.85 17.77 -12.87
CA SER C 96 -4.31 18.52 -14.01
C SER C 96 -3.92 19.89 -13.54
N GLU C 97 -2.81 20.40 -14.07
CA GLU C 97 -2.40 21.79 -13.94
C GLU C 97 -3.59 22.70 -14.28
N GLU C 98 -4.46 22.25 -15.17
CA GLU C 98 -5.53 23.14 -15.70
C GLU C 98 -6.79 23.26 -14.86
N ASN C 99 -6.95 22.37 -13.88
CA ASN C 99 -8.19 22.20 -13.12
C ASN C 99 -7.94 22.44 -11.64
N LYS C 100 -8.78 23.27 -11.06
CA LYS C 100 -8.67 23.63 -9.67
C LYS C 100 -8.76 22.44 -8.75
N ASP C 101 -9.65 21.54 -9.05
CA ASP C 101 -9.88 20.34 -8.23
C ASP C 101 -9.49 19.09 -8.94
N ALA C 102 -9.27 18.04 -8.14
CA ALA C 102 -8.96 16.73 -8.71
C ALA C 102 -10.20 16.24 -9.45
N ILE C 103 -9.99 15.50 -10.54
CA ILE C 103 -11.09 14.94 -11.32
C ILE C 103 -11.25 13.45 -10.97
N ILE C 104 -12.42 13.06 -10.46
CA ILE C 104 -12.61 11.69 -9.98
C ILE C 104 -13.27 10.96 -11.12
N THR C 105 -12.67 9.86 -11.53
CA THR C 105 -13.22 9.09 -12.65
C THR C 105 -14.59 8.52 -12.28
N ALA C 106 -15.55 8.61 -13.20
CA ALA C 106 -16.86 7.99 -12.98
C ALA C 106 -16.71 6.52 -12.63
N LYS C 107 -17.54 6.05 -11.70
CA LYS C 107 -17.44 4.68 -11.18
C LYS C 107 -17.37 3.58 -12.25
N GLU C 108 -18.20 3.69 -13.28
CA GLU C 108 -18.21 2.70 -14.36
C GLU C 108 -16.81 2.50 -15.01
N LYS C 109 -15.99 3.54 -15.05
CA LYS C 109 -14.70 3.47 -15.74
C LYS C 109 -13.52 3.43 -14.77
N ARG C 110 -13.80 3.21 -13.49
CA ARG C 110 -12.80 3.36 -12.45
C ARG C 110 -11.79 2.22 -12.50
N GLY C 111 -10.53 2.58 -12.48
CA GLY C 111 -9.45 1.63 -12.27
C GLY C 111 -8.57 2.07 -11.10
N LYS C 112 -7.38 1.55 -11.08
CA LYS C 112 -6.51 1.53 -9.92
C LYS C 112 -5.57 2.77 -9.81
N TYR C 113 -5.31 3.45 -10.91
CA TYR C 113 -4.22 4.41 -11.01
C TYR C 113 -4.65 5.86 -10.86
N VAL C 114 -3.73 6.64 -10.28
CA VAL C 114 -3.88 8.09 -10.11
C VAL C 114 -2.89 8.76 -11.09
N VAL C 115 -3.34 9.76 -11.85
CA VAL C 115 -2.42 10.46 -12.77
C VAL C 115 -2.39 11.96 -12.54
N CYS C 116 -1.18 12.48 -12.34
CA CYS C 116 -0.93 13.90 -12.20
C CYS C 116 -0.20 14.36 -13.45
N PHE C 117 -0.71 15.38 -14.12
CA PHE C 117 -0.15 15.79 -15.42
C PHE C 117 -0.30 17.29 -15.68
N ASP C 118 0.63 17.81 -16.48
CA ASP C 118 0.59 19.15 -17.01
C ASP C 118 0.47 18.87 -18.52
N PRO C 119 -0.70 19.11 -19.09
CA PRO C 119 -0.98 18.67 -20.47
C PRO C 119 -0.20 19.46 -21.54
N LEU C 120 0.08 20.72 -21.26
CA LEU C 120 0.82 21.58 -22.19
C LEU C 120 1.59 22.64 -21.42
N ASP C 121 2.71 22.20 -20.87
CA ASP C 121 3.59 23.04 -20.09
C ASP C 121 4.38 23.93 -21.02
N GLY C 122 4.41 25.20 -20.71
CA GLY C 122 5.04 26.21 -21.54
C GLY C 122 4.07 26.88 -22.53
N SER C 123 2.80 26.50 -22.52
CA SER C 123 1.85 27.06 -23.50
C SER C 123 1.62 28.59 -23.44
N SER C 124 1.95 29.25 -22.34
CA SER C 124 1.82 30.71 -22.32
C SER C 124 2.75 31.31 -23.39
N ASN C 125 3.83 30.59 -23.73
CA ASN C 125 4.75 31.07 -24.79
C ASN C 125 4.75 30.20 -26.12
N ILE C 126 3.53 29.75 -26.45
CA ILE C 126 3.18 29.19 -27.75
C ILE C 126 3.43 30.18 -28.88
N ASP C 127 3.10 31.45 -28.64
CA ASP C 127 3.22 32.48 -29.67
C ASP C 127 4.65 32.73 -30.17
N CYS C 128 5.67 32.36 -29.41
CA CYS C 128 7.02 32.57 -29.90
C CYS C 128 7.61 31.25 -30.37
N LEU C 129 6.76 30.20 -30.40
CA LEU C 129 7.08 28.88 -30.91
C LEU C 129 8.22 28.21 -30.13
N ALA C 130 8.37 28.60 -28.87
CA ALA C 130 9.29 27.90 -27.96
C ALA C 130 8.94 26.40 -27.86
N SER C 131 9.95 25.58 -27.63
CA SER C 131 9.72 24.17 -27.27
C SER C 131 8.72 24.13 -26.09
N ILE C 132 7.69 23.30 -26.19
CA ILE C 132 6.79 23.02 -25.10
C ILE C 132 6.60 21.55 -24.87
N GLY C 133 5.85 21.19 -23.83
CA GLY C 133 5.82 19.81 -23.44
C GLY C 133 4.64 19.40 -22.61
N THR C 134 4.61 18.10 -22.38
CA THR C 134 3.59 17.43 -21.60
C THR C 134 4.37 16.60 -20.49
N ILE C 135 3.90 16.66 -19.26
CA ILE C 135 4.55 16.02 -18.11
C ILE C 135 3.54 15.18 -17.36
N PHE C 136 3.89 13.96 -17.02
CA PHE C 136 2.95 13.10 -16.25
C PHE C 136 3.67 12.19 -15.22
N ALA C 137 2.95 11.90 -14.12
CA ALA C 137 3.35 10.92 -13.07
C ALA C 137 2.13 10.10 -12.72
N ILE C 138 2.36 8.81 -12.65
CA ILE C 138 1.32 7.83 -12.38
C ILE C 138 1.62 7.12 -11.03
N TYR C 139 0.58 7.00 -10.22
CA TYR C 139 0.62 6.37 -8.89
C TYR C 139 -0.46 5.35 -8.82
N ARG C 140 -0.27 4.37 -7.94
CA ARG C 140 -1.29 3.40 -7.61
C ARG C 140 -2.06 3.94 -6.42
N LYS C 141 -3.39 3.83 -6.45
CA LYS C 141 -4.17 4.28 -5.31
C LYS C 141 -3.99 3.20 -4.23
N THR C 142 -3.72 3.66 -3.01
CA THR C 142 -3.46 2.74 -1.90
C THR C 142 -4.54 2.81 -0.80
N SER C 143 -5.20 3.97 -0.62
CA SER C 143 -6.29 4.10 0.37
C SER C 143 -7.38 3.06 0.11
N ASP C 145 -11.04 2.43 0.42
CA ASP C 145 -11.36 3.83 0.67
C ASP C 145 -11.86 4.50 -0.62
N GLU C 146 -12.77 5.47 -0.51
CA GLU C 146 -13.37 6.09 -1.71
C GLU C 146 -12.45 7.14 -2.37
N PRO C 147 -12.32 7.12 -3.71
CA PRO C 147 -11.29 7.95 -4.36
C PRO C 147 -11.51 9.45 -4.18
N SER C 148 -10.42 10.15 -3.91
CA SER C 148 -10.48 11.58 -3.64
C SER C 148 -9.16 12.21 -3.98
N GLU C 149 -9.13 13.53 -3.87
CA GLU C 149 -7.89 14.33 -4.01
C GLU C 149 -6.74 13.80 -3.15
N LYS C 150 -7.01 13.25 -1.99
CA LYS C 150 -5.98 12.67 -1.14
C LYS C 150 -5.13 11.60 -1.80
N ASP C 151 -5.72 10.82 -2.66
CA ASP C 151 -4.99 9.76 -3.39
C ASP C 151 -3.90 10.34 -4.33
N ALA C 152 -3.99 11.63 -4.64
CA ALA C 152 -2.91 12.25 -5.41
C ALA C 152 -1.83 12.86 -4.52
N LEU C 153 -1.97 12.78 -3.20
CA LEU C 153 -1.05 13.50 -2.34
C LEU C 153 0.03 12.54 -1.86
N GLN C 154 0.50 11.68 -2.73
CA GLN C 154 1.55 10.74 -2.35
C GLN C 154 2.90 11.35 -2.68
N CYS C 155 3.91 11.09 -1.87
CA CYS C 155 5.25 11.56 -2.23
C CYS C 155 5.77 10.86 -3.51
N GLY C 156 6.74 11.51 -4.15
CA GLY C 156 7.28 11.02 -5.42
C GLY C 156 7.92 9.65 -5.37
N ARG C 157 8.31 9.21 -4.19
CA ARG C 157 8.85 7.83 -4.01
C ARG C 157 7.82 6.77 -4.38
N ASN C 158 6.52 7.13 -4.44
CA ASN C 158 5.49 6.15 -4.80
C ASN C 158 5.13 6.09 -6.27
N ILE C 159 5.85 6.85 -7.09
CA ILE C 159 5.65 6.78 -8.54
C ILE C 159 5.83 5.38 -9.11
N VAL C 160 4.87 4.98 -9.95
CA VAL C 160 4.93 3.74 -10.67
C VAL C 160 5.55 3.91 -12.08
N ALA C 161 5.23 5.04 -12.72
CA ALA C 161 5.75 5.44 -14.03
C ALA C 161 5.64 6.95 -14.13
N ALA C 162 6.55 7.56 -14.88
CA ALA C 162 6.51 8.97 -15.16
C ALA C 162 7.31 9.23 -16.42
N GLY C 163 7.08 10.41 -16.96
CA GLY C 163 7.67 10.81 -18.19
C GLY C 163 7.24 12.21 -18.65
N TYR C 164 7.77 12.60 -19.80
CA TYR C 164 7.48 13.85 -20.46
C TYR C 164 7.53 13.68 -21.94
N ALA C 165 6.76 14.51 -22.65
CA ALA C 165 6.86 14.66 -24.10
C ALA C 165 7.41 16.05 -24.33
N LEU C 166 8.37 16.19 -25.21
CA LEU C 166 8.92 17.47 -25.64
C LEU C 166 8.54 17.67 -27.08
N TYR C 167 7.79 18.72 -27.36
CA TYR C 167 7.46 19.11 -28.70
C TYR C 167 8.47 20.18 -29.09
N GLY C 168 9.63 19.76 -29.61
CA GLY C 168 10.73 20.66 -29.94
C GLY C 168 10.96 20.60 -31.42
N SER C 169 12.20 20.61 -31.86
CA SER C 169 12.47 20.44 -33.26
C SER C 169 11.90 19.11 -33.79
N ALA C 170 11.91 18.10 -32.93
CA ALA C 170 11.18 16.83 -33.13
C ALA C 170 10.41 16.57 -31.86
N THR C 171 9.52 15.59 -31.93
CA THR C 171 8.77 15.23 -30.78
C THR C 171 9.40 14.00 -30.11
N LEU C 172 9.72 14.13 -28.83
CA LEU C 172 10.35 13.07 -28.06
C LEU C 172 9.60 12.77 -26.81
N VAL C 173 9.61 11.49 -26.39
CA VAL C 173 9.13 11.09 -25.10
C VAL C 173 10.27 10.48 -24.27
N ALA C 174 10.33 10.90 -23.02
CA ALA C 174 11.18 10.24 -22.04
C ALA C 174 10.26 9.50 -21.05
N LEU C 175 10.59 8.23 -20.78
CA LEU C 175 9.74 7.35 -19.98
C LEU C 175 10.57 6.50 -19.02
N SER C 176 10.13 6.41 -17.77
CA SER C 176 10.65 5.40 -16.83
C SER C 176 9.53 4.72 -16.10
N THR C 177 9.68 3.42 -15.92
CA THR C 177 8.83 2.61 -15.08
C THR C 177 9.64 2.00 -13.93
N GLY C 178 10.76 2.60 -13.61
CA GLY C 178 11.55 2.19 -12.46
C GLY C 178 12.84 1.44 -12.83
N GLN C 179 13.08 1.19 -14.13
CA GLN C 179 14.31 0.53 -14.57
C GLN C 179 15.16 1.46 -15.49
N GLY C 180 15.37 2.70 -15.11
CA GLY C 180 16.12 3.63 -15.95
C GLY C 180 15.18 4.45 -16.85
N VAL C 181 15.78 5.29 -17.68
CA VAL C 181 15.03 6.15 -18.55
C VAL C 181 15.28 5.73 -19.99
N ASP C 182 14.19 5.64 -20.75
CA ASP C 182 14.29 5.34 -22.18
C ASP C 182 13.75 6.53 -22.97
N LEU C 183 14.41 6.81 -24.09
CA LEU C 183 14.05 7.91 -25.00
C LEU C 183 13.52 7.38 -26.32
N PHE C 184 12.38 7.94 -26.72
CA PHE C 184 11.68 7.60 -27.95
C PHE C 184 11.38 8.88 -28.76
N MET C 185 11.49 8.77 -30.08
CA MET C 185 11.23 9.90 -30.96
C MET C 185 10.06 9.57 -31.86
N LEU C 186 9.16 10.52 -31.99
CA LEU C 186 8.04 10.35 -32.94
C LEU C 186 8.51 10.42 -34.40
N ASP C 187 8.22 9.38 -35.18
CA ASP C 187 8.34 9.41 -36.61
C ASP C 187 6.95 9.76 -37.15
N PRO C 188 6.76 11.03 -37.58
CA PRO C 188 5.43 11.45 -38.02
C PRO C 188 4.96 10.80 -39.30
N ALA C 189 5.87 10.31 -40.13
CA ALA C 189 5.45 9.59 -41.31
C ALA C 189 4.89 8.20 -40.94
N LEU C 190 5.43 7.58 -39.91
CA LEU C 190 4.94 6.26 -39.46
C LEU C 190 3.81 6.40 -38.46
N GLY C 191 3.84 7.49 -37.68
CA GLY C 191 2.84 7.70 -36.62
C GLY C 191 3.14 6.92 -35.35
N GLU C 192 4.42 6.62 -35.12
CA GLU C 192 4.82 5.84 -33.98
C GLU C 192 6.10 6.40 -33.39
N PHE C 193 6.24 6.17 -32.10
CA PHE C 193 7.45 6.51 -31.38
C PHE C 193 8.42 5.38 -31.54
N VAL C 194 9.67 5.73 -31.81
CA VAL C 194 10.74 4.78 -32.09
C VAL C 194 11.76 4.91 -30.96
N LEU C 195 12.19 3.78 -30.39
CA LEU C 195 13.21 3.81 -29.35
C LEU C 195 14.53 4.31 -29.94
N VAL C 196 15.09 5.36 -29.35
CA VAL C 196 16.38 5.83 -29.82
C VAL C 196 17.50 5.76 -28.79
N GLU C 197 17.19 5.75 -27.51
CA GLU C 197 18.23 5.53 -26.53
C GLU C 197 17.61 4.82 -25.35
N LYS C 198 18.22 3.71 -24.99
CA LYS C 198 17.82 2.88 -23.89
C LYS C 198 18.74 3.15 -22.67
N ASP C 199 18.12 3.34 -21.51
CA ASP C 199 18.84 3.45 -20.22
C ASP C 199 19.85 4.62 -20.20
N VAL C 200 19.35 5.80 -20.54
CA VAL C 200 20.19 6.97 -20.69
C VAL C 200 20.68 7.41 -19.31
N LYS C 201 21.95 7.76 -19.22
CA LYS C 201 22.55 8.22 -17.98
C LYS C 201 23.05 9.66 -18.13
N ILE C 202 22.82 10.48 -17.11
CA ILE C 202 23.29 11.88 -17.12
C ILE C 202 24.76 11.91 -16.78
N LYS C 203 25.53 12.85 -17.34
CA LYS C 203 26.94 13.00 -17.01
C LYS C 203 27.11 13.35 -15.52
N LYS C 204 28.23 12.94 -14.96
CA LYS C 204 28.56 13.25 -13.58
C LYS C 204 28.62 14.77 -13.36
N LYS C 205 29.26 15.45 -14.31
CA LYS C 205 29.42 16.92 -14.22
C LYS C 205 29.29 17.52 -15.62
N GLY C 206 28.50 18.58 -15.75
CA GLY C 206 28.33 19.22 -17.04
C GLY C 206 28.94 20.61 -17.05
N LYS C 207 28.58 21.38 -18.08
CA LYS C 207 29.18 22.68 -18.32
C LYS C 207 28.14 23.81 -18.68
N ILE C 208 26.91 23.58 -18.32
CA ILE C 208 25.79 24.47 -18.55
C ILE C 208 25.04 24.63 -17.26
N TYR C 209 24.70 25.90 -16.95
CA TYR C 209 23.76 26.19 -15.90
C TYR C 209 22.55 26.96 -16.45
N SER C 210 21.41 26.70 -15.83
CA SER C 210 20.13 27.07 -16.40
C SER C 210 19.21 27.59 -15.31
N LEU C 211 19.08 28.90 -15.28
CA LEU C 211 18.08 29.61 -14.44
C LEU C 211 17.82 31.02 -14.94
N ASN C 212 16.71 31.61 -14.48
CA ASN C 212 16.36 32.97 -14.87
C ASN C 212 17.15 33.98 -14.05
N GLU C 213 18.22 34.54 -14.60
CA GLU C 213 19.07 35.45 -13.82
C GLU C 213 18.46 36.84 -13.71
N GLY C 214 17.33 37.04 -14.36
CA GLY C 214 16.53 38.24 -14.14
C GLY C 214 15.99 38.36 -12.72
N TYR C 215 16.00 37.25 -11.96
CA TYR C 215 15.55 37.29 -10.58
C TYR C 215 16.69 37.51 -9.58
N ALA C 216 17.83 37.96 -10.04
CA ALA C 216 19.04 38.05 -9.21
C ALA C 216 18.84 38.85 -7.91
N LYS C 217 18.10 39.96 -7.96
CA LYS C 217 17.93 40.76 -6.77
C LYS C 217 17.06 40.07 -5.72
N TYR C 218 16.34 39.03 -6.12
CA TYR C 218 15.52 38.25 -5.20
C TYR C 218 16.18 36.96 -4.71
N PHE C 219 17.35 36.61 -5.26
CA PHE C 219 17.98 35.33 -4.90
C PHE C 219 18.40 35.28 -3.42
N ASP C 220 18.38 34.08 -2.84
CA ASP C 220 19.02 33.85 -1.55
C ASP C 220 20.50 33.83 -1.79
N ALA C 221 21.29 34.01 -0.75
CA ALA C 221 22.75 34.07 -0.84
C ALA C 221 23.35 32.80 -1.47
N ALA C 222 22.70 31.64 -1.30
CA ALA C 222 23.33 30.38 -1.85
C ALA C 222 23.35 30.43 -3.37
N THR C 223 22.26 30.90 -3.94
CA THR C 223 22.11 30.96 -5.41
C THR C 223 23.05 31.99 -6.00
N THR C 224 23.14 33.13 -5.33
CA THR C 224 24.03 34.21 -5.73
C THR C 224 25.47 33.68 -5.77
N GLU C 225 25.86 33.00 -4.71
CA GLU C 225 27.21 32.45 -4.64
C GLU C 225 27.47 31.40 -5.74
N TYR C 226 26.51 30.52 -5.99
CA TYR C 226 26.68 29.43 -6.97
C TYR C 226 26.86 30.04 -8.32
N VAL C 227 25.99 31.02 -8.64
CA VAL C 227 26.08 31.66 -9.94
C VAL C 227 27.40 32.36 -10.15
N GLN C 228 27.89 33.04 -9.15
CA GLN C 228 29.20 33.71 -9.18
CA GLN C 228 29.18 33.70 -9.21
C GLN C 228 30.30 32.66 -9.49
N LYS C 229 30.21 31.50 -8.90
CA LYS C 229 31.19 30.42 -9.16
C LYS C 229 31.19 29.88 -10.56
N LYS C 230 30.02 29.83 -11.16
CA LYS C 230 29.91 29.40 -12.55
C LYS C 230 30.54 30.39 -13.48
N LYS C 231 30.46 31.67 -13.13
CA LYS C 231 31.00 32.71 -14.00
C LYS C 231 32.50 32.97 -13.78
N PHE C 232 32.93 32.81 -12.54
CA PHE C 232 34.33 33.09 -12.13
C PHE C 232 34.89 31.80 -11.46
N PRO C 233 35.21 30.77 -12.26
CA PRO C 233 35.69 29.50 -11.67
C PRO C 233 37.01 29.67 -10.93
N GLU C 234 37.12 28.99 -9.81
CA GLU C 234 38.39 28.99 -9.08
C GLU C 234 39.61 28.45 -9.81
N ASP C 235 39.48 27.39 -10.59
CA ASP C 235 40.72 26.66 -10.98
C ASP C 235 41.28 27.06 -12.37
N GLY C 236 40.82 28.17 -12.93
CA GLY C 236 41.24 28.48 -14.28
C GLY C 236 40.43 27.84 -15.40
N SER C 237 39.54 26.88 -15.08
CA SER C 237 38.66 26.31 -16.08
C SER C 237 37.73 27.39 -16.68
N ALA C 238 37.21 27.09 -17.86
CA ALA C 238 36.33 27.98 -18.57
C ALA C 238 35.04 28.13 -17.76
N PRO C 239 34.45 29.35 -17.76
CA PRO C 239 33.15 29.46 -17.14
C PRO C 239 32.12 28.55 -17.83
N TYR C 240 31.11 28.14 -17.11
CA TYR C 240 29.96 27.41 -17.64
C TYR C 240 29.22 28.32 -18.63
N GLY C 241 28.72 27.73 -19.69
CA GLY C 241 27.70 28.33 -20.56
C GLY C 241 26.36 28.45 -19.85
N ALA C 242 25.59 29.50 -20.19
CA ALA C 242 24.24 29.70 -19.68
C ALA C 242 23.21 29.38 -20.78
N ARG C 243 22.15 28.71 -20.39
CA ARG C 243 20.98 28.44 -21.25
C ARG C 243 19.70 28.50 -20.43
N TYR C 244 18.66 29.19 -20.92
CA TYR C 244 17.36 29.15 -20.25
C TYR C 244 16.27 29.45 -21.24
N VAL C 245 15.64 28.40 -21.70
CA VAL C 245 14.55 28.44 -22.63
C VAL C 245 13.33 29.08 -21.97
N GLY C 246 13.13 28.76 -20.69
CA GLY C 246 11.92 29.23 -19.97
C GLY C 246 10.76 28.27 -20.15
N SER C 247 11.02 27.11 -20.74
CA SER C 247 10.05 26.09 -20.90
C SER C 247 10.64 24.85 -20.19
N MET C 248 9.97 24.45 -19.12
CA MET C 248 10.59 23.58 -18.17
C MET C 248 11.09 22.28 -18.84
N VAL C 249 10.25 21.71 -19.70
CA VAL C 249 10.59 20.41 -20.36
C VAL C 249 11.81 20.55 -21.27
N ALA C 250 11.89 21.66 -21.99
CA ALA C 250 13.05 21.93 -22.84
C ALA C 250 14.35 22.00 -22.01
N ASP C 251 14.28 22.77 -20.92
CA ASP C 251 15.47 22.97 -20.10
C ASP C 251 15.90 21.68 -19.41
N VAL C 252 14.93 20.94 -18.91
CA VAL C 252 15.20 19.67 -18.21
C VAL C 252 15.76 18.63 -19.19
N HIS C 253 15.19 18.53 -20.38
CA HIS C 253 15.64 17.59 -21.36
C HIS C 253 17.09 17.89 -21.78
N ARG C 254 17.42 19.16 -21.98
CA ARG C 254 18.77 19.53 -22.31
C ARG C 254 19.72 19.08 -21.18
N THR C 255 19.32 19.32 -19.95
CA THR C 255 20.09 18.94 -18.76
C THR C 255 20.37 17.45 -18.78
N LEU C 256 19.34 16.65 -19.09
CA LEU C 256 19.53 15.22 -19.19
C LEU C 256 20.55 14.80 -20.23
N VAL C 257 20.40 15.34 -21.44
CA VAL C 257 21.19 14.85 -22.55
C VAL C 257 22.61 15.44 -22.63
N TYR C 258 22.79 16.67 -22.17
CA TYR C 258 24.10 17.34 -22.21
C TYR C 258 24.78 17.49 -20.86
N GLY C 259 24.04 17.37 -19.77
CA GLY C 259 24.58 17.53 -18.42
C GLY C 259 24.47 18.97 -17.96
N GLY C 260 24.74 19.18 -16.68
CA GLY C 260 24.74 20.47 -16.06
C GLY C 260 23.65 20.55 -15.04
N ILE C 261 23.15 21.78 -14.86
CA ILE C 261 22.26 22.06 -13.77
C ILE C 261 21.12 22.99 -14.24
N PHE C 262 19.96 22.70 -13.70
CA PHE C 262 18.76 23.49 -13.89
C PHE C 262 18.19 23.81 -12.53
N LEU C 263 17.83 25.08 -12.36
CA LEU C 263 17.41 25.60 -11.07
C LEU C 263 16.23 26.59 -11.20
N TYR C 264 15.25 26.41 -10.32
CA TYR C 264 14.20 27.38 -9.98
C TYR C 264 14.06 27.33 -8.43
N PRO C 265 15.07 27.89 -7.76
CA PRO C 265 15.08 27.90 -6.32
C PRO C 265 14.05 28.88 -5.77
N ALA C 266 13.77 28.81 -4.47
CA ALA C 266 13.02 29.87 -3.83
C ALA C 266 13.79 31.19 -3.98
N ASN C 267 13.01 32.28 -3.98
CA ASN C 267 13.54 33.61 -4.00
C ASN C 267 12.57 34.53 -3.23
N GLN C 268 12.91 35.79 -3.08
CA GLN C 268 12.09 36.76 -2.35
C GLN C 268 10.63 36.78 -2.76
N LYS C 269 10.39 36.76 -4.05
CA LYS C 269 9.06 36.87 -4.61
C LYS C 269 8.30 35.55 -4.64
N SER C 270 9.05 34.45 -4.68
CA SER C 270 8.55 33.09 -4.69
C SER C 270 9.20 32.30 -3.55
N PRO C 271 8.76 32.52 -2.31
CA PRO C 271 9.36 31.90 -1.11
C PRO C 271 9.25 30.38 -1.02
N LYS C 272 8.29 29.78 -1.68
CA LYS C 272 8.18 28.34 -1.79
C LYS C 272 8.51 27.79 -3.15
N GLY C 273 9.19 28.54 -3.96
CA GLY C 273 9.46 28.17 -5.33
C GLY C 273 8.30 28.51 -6.22
N LYS C 274 8.49 28.28 -7.52
CA LYS C 274 7.41 28.53 -8.50
C LYS C 274 6.82 27.23 -9.06
N LEU C 275 7.67 26.26 -9.32
CA LEU C 275 7.23 25.07 -10.04
C LEU C 275 6.33 24.19 -9.15
N ARG C 276 5.46 23.41 -9.80
CA ARG C 276 4.41 22.64 -9.16
C ARG C 276 4.90 21.24 -8.82
N LEU C 277 4.82 20.88 -7.54
CA LEU C 277 5.30 19.58 -7.09
C LEU C 277 4.71 18.36 -7.82
N LEU C 278 3.42 18.28 -7.94
CA LEU C 278 2.78 17.02 -8.32
C LEU C 278 2.99 16.62 -9.77
N TYR C 279 2.88 17.58 -10.70
CA TYR C 279 2.81 17.36 -12.11
C TYR C 279 3.91 18.11 -12.91
N GLU C 280 4.87 18.72 -12.23
CA GLU C 280 6.06 19.28 -12.87
C GLU C 280 7.28 18.72 -12.20
N CYS C 281 7.48 19.01 -10.91
CA CYS C 281 8.71 18.62 -10.22
C CYS C 281 8.88 17.12 -9.92
N ASN C 282 7.90 16.47 -9.35
CA ASN C 282 8.01 15.03 -9.10
C ASN C 282 8.30 14.19 -10.37
N PRO C 283 7.58 14.43 -11.48
CA PRO C 283 7.90 13.64 -12.67
C PRO C 283 9.32 13.81 -13.17
N VAL C 284 9.77 15.06 -13.26
CA VAL C 284 11.12 15.30 -13.74
C VAL C 284 12.17 14.86 -12.74
N ALA C 285 11.88 14.98 -11.44
CA ALA C 285 12.83 14.48 -10.43
C ALA C 285 12.98 12.97 -10.56
N TYR C 286 11.87 12.29 -10.85
CA TYR C 286 11.88 10.85 -11.04
C TYR C 286 12.75 10.49 -12.23
N ILE C 287 12.55 11.16 -13.37
CA ILE C 287 13.35 10.89 -14.56
C ILE C 287 14.83 11.15 -14.34
N ILE C 288 15.17 12.31 -13.77
CA ILE C 288 16.55 12.69 -13.54
C ILE C 288 17.27 11.72 -12.57
N GLU C 289 16.61 11.33 -11.47
CA GLU C 289 17.14 10.37 -10.52
C GLU C 289 17.32 9.00 -11.16
N GLN C 290 16.34 8.56 -11.97
CA GLN C 290 16.44 7.31 -12.67
C GLN C 290 17.62 7.28 -13.67
N ALA C 291 17.98 8.44 -14.20
CA ALA C 291 19.14 8.60 -15.10
C ALA C 291 20.46 8.87 -14.36
N GLY C 292 20.42 8.80 -13.04
CA GLY C 292 21.66 8.91 -12.24
C GLY C 292 21.92 10.29 -11.72
N GLY C 293 20.95 11.18 -11.87
CA GLY C 293 21.15 12.56 -11.43
C GLY C 293 20.53 12.80 -10.06
N LEU C 294 20.37 14.09 -9.70
CA LEU C 294 19.87 14.52 -8.40
C LEU C 294 18.81 15.58 -8.64
N ALA C 295 17.82 15.60 -7.77
CA ALA C 295 16.73 16.56 -7.80
C ALA C 295 16.35 16.91 -6.38
N THR C 296 16.74 18.09 -5.96
CA THR C 296 16.58 18.52 -4.60
C THR C 296 15.73 19.83 -4.50
N THR C 297 15.10 20.04 -3.35
CA THR C 297 14.52 21.33 -3.03
C THR C 297 15.55 22.31 -2.46
N GLY C 298 16.77 21.82 -2.16
CA GLY C 298 17.78 22.56 -1.43
C GLY C 298 17.94 21.92 -0.05
N THR C 299 16.88 21.34 0.50
CA THR C 299 16.96 20.77 1.83
C THR C 299 16.57 19.26 1.89
N GLN C 300 15.95 18.76 0.85
CA GLN C 300 15.61 17.34 0.76
C GLN C 300 15.31 16.98 -0.68
N PRO C 301 15.30 15.68 -0.97
CA PRO C 301 15.04 15.27 -2.33
C PRO C 301 13.60 15.62 -2.65
N VAL C 302 13.37 16.09 -3.86
CA VAL C 302 12.03 16.45 -4.30
C VAL C 302 11.09 15.24 -4.13
N LEU C 303 11.58 14.04 -4.43
CA LEU C 303 10.75 12.85 -4.35
C LEU C 303 10.34 12.45 -2.93
N ASP C 304 10.99 13.04 -1.91
CA ASP C 304 10.60 12.79 -0.50
C ASP C 304 9.64 13.81 0.10
N VAL C 305 9.38 14.89 -0.60
CA VAL C 305 8.45 15.90 -0.11
C VAL C 305 7.08 15.27 -0.02
N LYS C 306 6.43 15.46 1.15
CA LYS C 306 5.10 14.92 1.35
C LYS C 306 4.12 15.98 0.97
N PRO C 307 3.35 15.74 -0.11
CA PRO C 307 2.47 16.80 -0.62
C PRO C 307 1.31 17.15 0.36
N GLU C 308 1.05 18.42 0.52
CA GLU C 308 -0.06 18.91 1.31
C GLU C 308 -1.25 19.44 0.50
N ALA C 309 -1.00 19.85 -0.72
CA ALA C 309 -2.09 20.39 -1.56
C ALA C 309 -1.78 20.08 -3.02
N ILE C 310 -2.80 19.81 -3.82
CA ILE C 310 -2.51 19.34 -5.20
C ILE C 310 -1.75 20.35 -6.09
N HIS C 311 -1.87 21.66 -5.82
CA HIS C 311 -1.16 22.69 -6.58
C HIS C 311 -0.01 23.35 -5.82
N GLN C 312 0.49 22.64 -4.82
CA GLN C 312 1.69 23.02 -4.07
C GLN C 312 2.88 23.33 -4.96
N ARG C 313 3.60 24.40 -4.64
CA ARG C 313 4.84 24.70 -5.31
C ARG C 313 6.01 24.20 -4.48
N VAL C 314 7.13 23.95 -5.13
CA VAL C 314 8.37 23.56 -4.48
C VAL C 314 9.55 24.18 -5.21
N PRO C 315 10.61 24.55 -4.49
CA PRO C 315 11.92 24.84 -5.11
C PRO C 315 12.52 23.59 -5.84
N LEU C 316 13.24 23.82 -6.93
CA LEU C 316 13.74 22.76 -7.77
C LEU C 316 15.16 23.06 -8.24
N ILE C 317 16.09 22.16 -7.89
CA ILE C 317 17.45 22.23 -8.39
C ILE C 317 17.78 20.79 -8.82
N LEU C 318 18.16 20.57 -10.09
CA LEU C 318 18.34 19.19 -10.60
C LEU C 318 19.40 19.11 -11.67
N GLY C 319 19.95 17.92 -11.86
CA GLY C 319 20.85 17.69 -12.96
C GLY C 319 21.99 16.79 -12.56
N SER C 320 23.15 17.06 -13.15
CA SER C 320 24.35 16.24 -13.01
C SER C 320 24.67 16.25 -11.52
N PRO C 321 25.04 15.09 -10.96
CA PRO C 321 25.14 15.02 -9.50
C PRO C 321 26.24 15.87 -8.90
N GLU C 322 27.39 16.00 -9.56
CA GLU C 322 28.43 16.85 -9.04
C GLU C 322 28.05 18.35 -9.06
N ASP C 323 27.29 18.75 -10.07
CA ASP C 323 26.80 20.19 -10.10
C ASP C 323 25.80 20.48 -9.01
N VAL C 324 24.84 19.56 -8.80
CA VAL C 324 23.92 19.68 -7.69
C VAL C 324 24.64 19.65 -6.32
N GLN C 325 25.65 18.79 -6.17
CA GLN C 325 26.48 18.80 -4.98
C GLN C 325 27.11 20.18 -4.72
N GLU C 326 27.70 20.77 -5.75
CA GLU C 326 28.31 22.10 -5.63
C GLU C 326 27.28 23.17 -5.25
N TYR C 327 26.06 23.07 -5.74
CA TYR C 327 24.98 23.92 -5.32
C TYR C 327 24.68 23.72 -3.86
N LEU C 328 24.56 22.48 -3.44
CA LEU C 328 24.21 22.18 -2.05
C LEU C 328 25.33 22.68 -1.11
N THR C 329 26.56 22.67 -1.57
CA THR C 329 27.66 23.20 -0.75
C THR C 329 27.41 24.73 -0.53
N CYS C 330 26.98 25.41 -1.57
CA CYS C 330 26.59 26.85 -1.47
C CYS C 330 25.45 27.06 -0.52
N VAL C 331 24.48 26.13 -0.48
CA VAL C 331 23.39 26.17 0.48
C VAL C 331 23.96 26.04 1.95
N GLN C 332 24.92 25.12 2.14
CA GLN C 332 25.52 24.91 3.47
C GLN C 332 26.37 26.09 3.90
N LYS C 333 27.16 26.60 2.97
CA LYS C 333 27.96 27.81 3.14
C LYS C 333 27.15 29.06 3.51
N ASN C 334 25.79 28.98 3.54
CA ASN C 334 24.90 30.10 3.96
C ASN C 334 23.78 29.71 4.93
N GLN C 335 23.88 28.53 5.55
CA GLN C 335 22.92 28.11 6.58
C GLN C 335 23.36 28.45 8.01
N ASP D 9 -16.07 2.99 -27.21
CA ASP D 9 -15.21 2.49 -26.10
C ASP D 9 -13.67 2.83 -26.27
N MET D 10 -12.92 1.86 -26.75
CA MET D 10 -11.47 1.95 -26.81
C MET D 10 -10.91 2.94 -27.88
N LEU D 11 -11.71 3.23 -28.90
CA LEU D 11 -11.44 4.25 -29.93
C LEU D 11 -10.36 3.78 -30.90
N THR D 12 -9.15 3.48 -30.41
CA THR D 12 -8.03 3.10 -31.27
C THR D 12 -7.83 1.63 -31.38
N LEU D 13 -7.28 1.22 -32.52
CA LEU D 13 -6.97 -0.18 -32.79
C LEU D 13 -6.04 -0.72 -31.72
N THR D 14 -5.04 0.06 -31.32
CA THR D 14 -4.09 -0.39 -30.30
C THR D 14 -4.80 -0.75 -29.00
N ARG D 15 -5.71 0.11 -28.56
CA ARG D 15 -6.42 -0.13 -27.29
C ARG D 15 -7.42 -1.26 -27.49
N TYR D 16 -8.10 -1.27 -28.62
CA TYR D 16 -9.12 -2.29 -28.90
C TYR D 16 -8.51 -3.69 -28.89
N VAL D 17 -7.40 -3.87 -29.58
CA VAL D 17 -6.71 -5.16 -29.67
C VAL D 17 -6.19 -5.59 -28.30
N MET D 18 -5.71 -4.62 -27.53
CA MET D 18 -5.15 -4.91 -26.22
C MET D 18 -6.29 -5.40 -25.33
N GLU D 19 -7.44 -4.73 -25.41
CA GLU D 19 -8.58 -5.07 -24.57
C GLU D 19 -9.13 -6.45 -24.95
N LYS D 20 -9.21 -6.72 -26.25
CA LYS D 20 -9.65 -8.06 -26.71
C LYS D 20 -8.68 -9.14 -26.20
N GLY D 21 -7.39 -8.82 -26.12
CA GLY D 21 -6.41 -9.76 -25.62
C GLY D 21 -6.55 -10.04 -24.12
N ARG D 22 -6.85 -8.99 -23.34
CA ARG D 22 -7.16 -9.15 -21.91
C ARG D 22 -8.46 -9.97 -21.72
N GLN D 23 -9.52 -9.66 -22.47
CA GLN D 23 -10.76 -10.47 -22.50
C GLN D 23 -10.49 -11.97 -22.74
N ALA D 24 -9.62 -12.28 -23.70
CA ALA D 24 -9.31 -13.68 -24.02
C ALA D 24 -8.31 -14.31 -23.04
N LYS D 25 -7.82 -13.53 -22.08
CA LYS D 25 -6.75 -13.99 -21.19
C LYS D 25 -5.55 -14.56 -21.96
N GLY D 26 -5.15 -13.90 -23.05
CA GLY D 26 -3.89 -14.24 -23.76
C GLY D 26 -2.64 -13.86 -22.96
N THR D 27 -1.49 -14.48 -23.27
CA THR D 27 -0.24 -14.12 -22.60
C THR D 27 0.34 -12.84 -23.22
N GLY D 28 -0.36 -12.25 -24.20
CA GLY D 28 0.12 -11.07 -24.94
C GLY D 28 0.88 -11.39 -26.24
N GLU D 29 1.02 -12.67 -26.57
CA GLU D 29 1.79 -13.07 -27.74
C GLU D 29 1.08 -12.68 -29.08
N LEU D 30 -0.20 -12.98 -29.18
CA LEU D 30 -0.98 -12.61 -30.36
C LEU D 30 -1.14 -11.08 -30.43
N THR D 31 -1.38 -10.44 -29.29
CA THR D 31 -1.45 -8.99 -29.23
C THR D 31 -0.17 -8.36 -29.77
N GLN D 32 1.00 -8.86 -29.37
CA GLN D 32 2.24 -8.36 -29.96
C GLN D 32 2.33 -8.63 -31.46
N LEU D 33 1.82 -9.77 -31.91
CA LEU D 33 1.85 -10.11 -33.32
C LEU D 33 0.95 -9.16 -34.10
N LEU D 34 -0.26 -8.95 -33.62
CA LEU D 34 -1.14 -8.03 -34.23
C LEU D 34 -0.58 -6.59 -34.25
N ASN D 35 -0.06 -6.08 -33.12
CA ASN D 35 0.64 -4.78 -33.07
C ASN D 35 1.75 -4.65 -34.15
N SER D 36 2.53 -5.71 -34.31
CA SER D 36 3.61 -5.77 -35.26
C SER D 36 3.11 -5.64 -36.72
N MET D 37 2.09 -6.41 -37.06
CA MET D 37 1.52 -6.38 -38.37
C MET D 37 0.89 -5.03 -38.69
N LEU D 38 0.22 -4.44 -37.72
CA LEU D 38 -0.41 -3.14 -37.93
C LEU D 38 0.61 -2.01 -38.08
N THR D 39 1.77 -2.15 -37.45
CA THR D 39 2.86 -1.21 -37.65
C THR D 39 3.45 -1.38 -39.06
N ALA D 40 3.63 -2.62 -39.51
CA ALA D 40 4.05 -2.83 -40.88
C ALA D 40 3.08 -2.15 -41.84
N ILE D 41 1.78 -2.31 -41.58
CA ILE D 41 0.73 -1.72 -42.42
C ILE D 41 0.78 -0.17 -42.47
N LYS D 42 1.00 0.48 -41.33
CA LYS D 42 1.17 1.93 -41.36
C LYS D 42 2.38 2.35 -42.15
N ALA D 43 3.48 1.60 -42.07
CA ALA D 43 4.70 1.91 -42.82
C ALA D 43 4.48 1.69 -44.32
N ILE D 44 3.72 0.67 -44.66
CA ILE D 44 3.43 0.41 -46.06
C ILE D 44 2.54 1.51 -46.61
N SER D 45 1.51 1.91 -45.87
CA SER D 45 0.61 2.97 -46.33
C SER D 45 1.40 4.25 -46.66
N SER D 46 2.32 4.60 -45.77
CA SER D 46 3.18 5.76 -45.94
C SER D 46 3.99 5.66 -47.26
N ALA D 47 4.60 4.50 -47.51
CA ALA D 47 5.36 4.22 -48.72
C ALA D 47 4.47 4.23 -50.00
N VAL D 48 3.31 3.61 -49.93
CA VAL D 48 2.37 3.58 -51.02
C VAL D 48 1.89 4.99 -51.39
N ARG D 49 1.64 5.82 -50.39
CA ARG D 49 1.22 7.21 -50.64
C ARG D 49 2.39 8.11 -51.14
N LYS D 50 3.59 7.54 -51.29
CA LYS D 50 4.81 8.19 -51.84
C LYS D 50 5.47 9.24 -50.94
N ALA D 51 5.45 9.01 -49.63
CA ALA D 51 6.23 9.86 -48.70
C ALA D 51 7.68 9.75 -49.13
N GLY D 52 8.38 10.87 -49.29
CA GLY D 52 9.82 10.83 -49.69
C GLY D 52 10.14 10.81 -51.17
N LEU D 53 9.11 10.83 -52.00
CA LEU D 53 9.27 10.78 -53.45
C LEU D 53 10.18 11.91 -54.00
N ALA D 54 10.07 13.12 -53.42
CA ALA D 54 10.87 14.25 -53.86
C ALA D 54 12.37 13.97 -53.74
N HIS D 55 12.74 13.16 -52.74
CA HIS D 55 14.13 12.71 -52.59
C HIS D 55 14.60 11.78 -53.71
N LEU D 56 13.70 10.91 -54.18
CA LEU D 56 14.01 10.10 -55.36
C LEU D 56 14.24 10.92 -56.58
N TYR D 57 13.50 12.01 -56.70
CA TYR D 57 13.59 12.84 -57.88
C TYR D 57 14.60 13.99 -57.73
N GLY D 58 15.54 13.85 -56.78
CA GLY D 58 16.72 14.73 -56.74
C GLY D 58 16.55 16.10 -56.10
N ILE D 59 15.64 16.22 -55.14
CA ILE D 59 15.46 17.49 -54.41
C ILE D 59 16.76 17.96 -53.70
N ALA D 60 17.52 16.99 -53.15
CA ALA D 60 18.81 17.22 -52.46
C ALA D 60 20.04 16.98 -53.37
N GLY D 61 19.81 16.90 -54.68
CA GLY D 61 20.88 16.69 -55.66
C GLY D 61 21.07 15.26 -56.17
N SER D 62 20.52 14.27 -55.48
CA SER D 62 20.76 12.87 -55.88
C SER D 62 19.49 12.21 -56.49
N VAL D 63 19.58 11.82 -57.77
CA VAL D 63 18.44 11.17 -58.50
C VAL D 63 18.58 9.62 -58.55
N ASN D 64 17.52 8.90 -58.16
CA ASN D 64 17.43 7.42 -58.23
C ASN D 64 16.03 6.88 -58.62
N VAL D 65 15.76 6.76 -59.94
CA VAL D 65 14.44 6.29 -60.45
C VAL D 65 14.51 5.19 -61.55
N VAL D 70 8.24 -0.41 -59.01
CA VAL D 70 7.21 -1.23 -58.38
C VAL D 70 7.81 -2.49 -57.68
N LYS D 71 8.90 -2.97 -58.20
CA LYS D 71 9.58 -4.04 -57.53
C LYS D 71 10.19 -3.55 -56.24
N LYS D 72 10.66 -2.32 -56.23
CA LYS D 72 11.24 -1.74 -55.00
C LYS D 72 10.19 -1.65 -53.88
N LEU D 73 8.97 -1.20 -54.22
CA LEU D 73 7.88 -1.14 -53.26
C LEU D 73 7.45 -2.56 -52.76
N ASP D 74 7.52 -3.56 -53.65
CA ASP D 74 7.24 -4.98 -53.33
C ASP D 74 8.21 -5.52 -52.33
N VAL D 75 9.49 -5.31 -52.62
CA VAL D 75 10.58 -5.73 -51.75
C VAL D 75 10.44 -5.03 -50.40
N LEU D 76 10.28 -3.70 -50.41
CA LEU D 76 10.10 -2.93 -49.16
C LEU D 76 8.93 -3.42 -48.31
N SER D 77 7.75 -3.55 -48.92
CA SER D 77 6.55 -4.00 -48.21
CA SER D 77 6.56 -4.00 -48.19
C SER D 77 6.80 -5.40 -47.63
N ASN D 78 7.37 -6.28 -48.44
CA ASN D 78 7.70 -7.63 -47.98
C ASN D 78 8.62 -7.57 -46.76
N SER D 79 9.69 -6.76 -46.85
CA SER D 79 10.70 -6.64 -45.77
C SER D 79 10.16 -6.00 -44.51
N LEU D 80 9.31 -5.00 -44.67
CA LEU D 80 8.58 -4.45 -43.53
C LEU D 80 7.80 -5.55 -42.78
N VAL D 81 6.97 -6.31 -43.49
CA VAL D 81 6.18 -7.35 -42.82
C VAL D 81 7.05 -8.42 -42.16
N ILE D 82 8.04 -8.94 -42.90
CA ILE D 82 8.88 -10.01 -42.36
C ILE D 82 9.63 -9.54 -41.14
N ASN D 83 10.25 -8.36 -41.19
CA ASN D 83 11.02 -7.86 -40.06
CA ASN D 83 11.03 -7.92 -40.04
C ASN D 83 10.15 -7.57 -38.83
N MET D 84 9.00 -6.96 -39.05
CA MET D 84 8.10 -6.65 -37.96
C MET D 84 7.52 -7.92 -37.31
N LEU D 85 7.12 -8.91 -38.10
CA LEU D 85 6.60 -10.16 -37.56
C LEU D 85 7.67 -10.98 -36.84
N GLN D 86 8.84 -11.12 -37.46
CA GLN D 86 9.89 -11.90 -36.84
C GLN D 86 10.30 -11.27 -35.53
N SER D 87 10.52 -9.96 -35.53
CA SER D 87 11.02 -9.29 -34.32
C SER D 87 9.96 -9.23 -33.18
N SER D 88 8.74 -9.71 -33.43
CA SER D 88 7.68 -9.72 -32.43
C SER D 88 7.89 -10.80 -31.37
N TYR D 89 8.80 -11.75 -31.67
CA TYR D 89 8.97 -12.96 -30.91
C TYR D 89 7.76 -13.86 -30.88
N SER D 90 6.75 -13.62 -31.74
CA SER D 90 5.54 -14.44 -31.69
C SER D 90 5.38 -15.46 -32.83
N THR D 91 6.35 -15.54 -33.74
CA THR D 91 6.20 -16.38 -34.93
C THR D 91 7.21 -17.49 -35.02
N CYS D 92 6.84 -18.57 -35.74
CA CYS D 92 7.79 -19.64 -36.13
C CYS D 92 7.88 -19.84 -37.65
N VAL D 93 6.78 -19.63 -38.38
CA VAL D 93 6.75 -19.80 -39.85
C VAL D 93 5.97 -18.66 -40.51
N LEU D 94 6.52 -18.12 -41.59
CA LEU D 94 5.82 -17.09 -42.39
C LEU D 94 5.72 -17.61 -43.82
N VAL D 95 4.56 -17.46 -44.43
CA VAL D 95 4.49 -17.62 -45.87
C VAL D 95 4.21 -16.28 -46.51
N SER D 96 5.08 -15.89 -47.45
CA SER D 96 4.82 -14.67 -48.23
C SER D 96 4.56 -14.93 -49.70
N GLU D 97 3.64 -14.14 -50.27
CA GLU D 97 3.40 -14.18 -51.69
C GLU D 97 4.71 -13.98 -52.43
N GLU D 98 5.64 -13.22 -51.85
CA GLU D 98 6.88 -12.82 -52.51
C GLU D 98 8.02 -13.82 -52.43
N ASN D 99 7.91 -14.83 -51.59
CA ASN D 99 9.00 -15.77 -51.38
C ASN D 99 8.54 -17.19 -51.79
N LYS D 100 9.25 -17.79 -52.73
CA LYS D 100 9.07 -19.17 -53.15
C LYS D 100 8.88 -20.15 -51.99
N ASP D 101 9.72 -20.05 -50.95
CA ASP D 101 9.65 -20.92 -49.78
C ASP D 101 9.16 -20.23 -48.50
N ALA D 102 8.68 -21.07 -47.58
CA ALA D 102 8.22 -20.59 -46.30
C ALA D 102 9.42 -20.03 -45.52
N ILE D 103 9.19 -19.00 -44.70
CA ILE D 103 10.28 -18.42 -43.92
C ILE D 103 10.20 -18.90 -42.45
N ILE D 104 11.22 -19.63 -42.03
CA ILE D 104 11.25 -20.17 -40.67
C ILE D 104 11.98 -19.21 -39.73
N THR D 105 11.27 -18.73 -38.70
CA THR D 105 11.86 -17.82 -37.71
C THR D 105 13.05 -18.44 -36.99
N ALA D 106 14.10 -17.65 -36.77
CA ALA D 106 15.30 -18.11 -36.03
C ALA D 106 14.91 -18.53 -34.59
N LYS D 107 15.51 -19.60 -34.10
CA LYS D 107 15.13 -20.18 -32.84
C LYS D 107 15.01 -19.17 -31.74
N GLU D 108 15.98 -18.31 -31.60
CA GLU D 108 15.98 -17.22 -30.57
C GLU D 108 14.70 -16.36 -30.55
N LYS D 109 14.02 -16.27 -31.67
CA LYS D 109 12.89 -15.38 -31.84
C LYS D 109 11.58 -16.12 -32.00
N ARG D 110 11.61 -17.42 -31.83
CA ARG D 110 10.50 -18.29 -32.22
C ARG D 110 9.37 -18.16 -31.23
N GLY D 111 8.15 -17.98 -31.72
CA GLY D 111 6.93 -18.10 -30.91
C GLY D 111 6.04 -19.14 -31.57
N LYS D 112 4.74 -19.06 -31.33
CA LYS D 112 3.85 -20.15 -31.68
C LYS D 112 2.96 -19.92 -32.88
N TYR D 113 3.06 -18.73 -33.49
CA TYR D 113 2.15 -18.35 -34.57
C TYR D 113 2.75 -18.48 -35.99
N VAL D 114 1.86 -18.79 -36.92
CA VAL D 114 2.16 -18.97 -38.34
C VAL D 114 1.36 -17.87 -39.04
N VAL D 115 2.03 -17.15 -39.92
CA VAL D 115 1.37 -16.05 -40.62
C VAL D 115 1.58 -16.26 -42.10
N CYS D 116 0.46 -16.26 -42.82
CA CYS D 116 0.42 -16.27 -44.27
C CYS D 116 0.02 -14.88 -44.72
N PHE D 117 0.80 -14.28 -45.63
CA PHE D 117 0.48 -12.92 -46.06
C PHE D 117 0.88 -12.55 -47.50
N ASP D 118 0.12 -11.58 -48.04
CA ASP D 118 0.43 -10.89 -49.30
C ASP D 118 0.66 -9.43 -48.90
N PRO D 119 1.93 -9.03 -48.85
CA PRO D 119 2.35 -7.75 -48.29
C PRO D 119 1.92 -6.57 -49.14
N LEU D 120 1.85 -6.77 -50.44
CA LEU D 120 1.30 -5.73 -51.33
C LEU D 120 0.56 -6.27 -52.55
N ASP D 121 -0.69 -6.61 -52.35
CA ASP D 121 -1.54 -7.23 -53.36
C ASP D 121 -2.07 -6.15 -54.28
N GLY D 122 -1.86 -6.35 -55.58
CA GLY D 122 -2.27 -5.41 -56.60
C GLY D 122 -1.15 -4.50 -57.06
N SER D 123 0.06 -4.73 -56.54
CA SER D 123 1.24 -3.85 -56.79
C SER D 123 1.68 -3.76 -58.26
N SER D 124 1.37 -4.78 -59.04
CA SER D 124 1.56 -4.75 -60.50
C SER D 124 0.76 -3.64 -61.21
N ASN D 125 -0.31 -3.21 -60.59
CA ASN D 125 -1.14 -2.19 -61.17
C ASN D 125 -1.04 -0.87 -60.43
N ILE D 126 0.11 -0.69 -59.81
CA ILE D 126 0.43 0.52 -59.03
C ILE D 126 0.61 1.77 -59.91
N ASP D 127 1.16 1.56 -61.11
CA ASP D 127 1.45 2.66 -61.98
C ASP D 127 0.16 3.38 -62.43
N CYS D 128 -1.01 2.74 -62.25
CA CYS D 128 -2.28 3.42 -62.49
C CYS D 128 -2.98 3.89 -61.22
N LEU D 129 -2.28 3.78 -60.10
CA LEU D 129 -2.75 4.23 -58.80
C LEU D 129 -4.03 3.55 -58.30
N ALA D 130 -4.27 2.34 -58.81
CA ALA D 130 -5.40 1.55 -58.34
C ALA D 130 -5.23 1.30 -56.84
N SER D 131 -6.35 1.25 -56.12
CA SER D 131 -6.40 0.77 -54.73
C SER D 131 -5.69 -0.55 -54.62
N ILE D 132 -4.77 -0.65 -53.65
CA ILE D 132 -4.06 -1.89 -53.38
C ILE D 132 -4.15 -2.26 -51.88
N GLY D 133 -3.59 -3.39 -51.51
CA GLY D 133 -3.85 -3.94 -50.19
C GLY D 133 -2.79 -4.83 -49.61
N THR D 134 -2.93 -5.11 -48.32
CA THR D 134 -2.10 -6.12 -47.67
C THR D 134 -3.11 -7.12 -47.05
N ILE D 135 -2.81 -8.40 -47.12
CA ILE D 135 -3.73 -9.45 -46.68
C ILE D 135 -2.96 -10.43 -45.77
N PHE D 136 -3.58 -10.85 -44.66
CA PHE D 136 -2.87 -11.76 -43.75
C PHE D 136 -3.85 -12.70 -43.02
N ALA D 137 -3.37 -13.91 -42.76
CA ALA D 137 -4.09 -14.94 -41.93
C ALA D 137 -3.11 -15.50 -40.90
N ILE D 138 -3.56 -15.67 -39.65
CA ILE D 138 -2.70 -16.13 -38.57
C ILE D 138 -3.22 -17.48 -38.04
N TYR D 139 -2.31 -18.44 -37.90
CA TYR D 139 -2.65 -19.77 -37.37
C TYR D 139 -1.76 -20.01 -36.17
N ARG D 140 -2.23 -20.86 -35.27
CA ARG D 140 -1.42 -21.35 -34.17
C ARG D 140 -0.75 -22.62 -34.64
N LYS D 141 0.53 -22.72 -34.36
CA LYS D 141 1.22 -23.90 -34.69
C LYS D 141 0.78 -24.96 -33.69
N THR D 142 -0.02 -25.88 -34.20
CA THR D 142 -0.42 -27.09 -33.51
C THR D 142 0.65 -28.12 -33.95
N SER D 143 1.31 -28.80 -33.01
CA SER D 143 2.36 -29.82 -33.33
C SER D 143 3.63 -29.62 -32.49
N GLU D 146 8.44 -29.78 -34.76
CA GLU D 146 9.30 -28.65 -35.08
C GLU D 146 8.93 -27.93 -36.39
N PRO D 147 9.23 -26.61 -36.46
CA PRO D 147 8.52 -25.80 -37.50
C PRO D 147 8.99 -25.96 -38.94
N SER D 148 8.01 -26.04 -39.83
CA SER D 148 8.25 -26.23 -41.25
C SER D 148 7.11 -25.61 -42.03
N GLU D 149 7.27 -25.62 -43.34
CA GLU D 149 6.19 -25.30 -44.29
C GLU D 149 4.87 -25.99 -43.98
N LYS D 150 4.90 -27.27 -43.52
CA LYS D 150 3.67 -28.02 -43.17
C LYS D 150 2.78 -27.24 -42.21
N ASP D 151 3.38 -26.47 -41.32
CA ASP D 151 2.59 -25.65 -40.38
C ASP D 151 1.78 -24.57 -41.05
N ALA D 152 2.12 -24.22 -42.29
CA ALA D 152 1.35 -23.22 -43.04
C ALA D 152 0.18 -23.83 -43.84
N LEU D 153 0.14 -25.17 -43.89
CA LEU D 153 -0.81 -25.87 -44.74
C LEU D 153 -2.04 -26.36 -43.98
N GLN D 154 -2.64 -25.49 -43.18
CA GLN D 154 -3.81 -25.83 -42.40
C GLN D 154 -5.04 -25.24 -43.09
N CYS D 155 -6.19 -25.87 -42.91
CA CYS D 155 -7.38 -25.31 -43.55
CA CYS D 155 -7.47 -25.37 -43.44
C CYS D 155 -7.78 -24.02 -42.84
N GLY D 156 -8.43 -23.14 -43.59
CA GLY D 156 -8.97 -21.86 -43.10
C GLY D 156 -9.87 -21.89 -41.86
N ARG D 157 -10.57 -23.01 -41.62
CA ARG D 157 -11.28 -23.20 -40.36
C ARG D 157 -10.39 -23.08 -39.11
N ASN D 158 -9.08 -23.34 -39.23
CA ASN D 158 -8.13 -23.19 -38.13
C ASN D 158 -7.56 -21.74 -37.86
N ILE D 159 -8.00 -20.73 -38.61
CA ILE D 159 -7.51 -19.34 -38.44
C ILE D 159 -7.83 -18.79 -37.03
N VAL D 160 -6.82 -18.18 -36.39
CA VAL D 160 -7.03 -17.50 -35.10
C VAL D 160 -7.37 -16.03 -35.31
N ALA D 161 -6.73 -15.44 -36.33
CA ALA D 161 -7.06 -14.07 -36.76
C ALA D 161 -6.71 -13.83 -38.22
N ALA D 162 -7.45 -12.93 -38.85
CA ALA D 162 -7.12 -12.54 -40.24
C ALA D 162 -7.64 -11.17 -40.52
N GLY D 163 -7.12 -10.58 -41.60
CA GLY D 163 -7.64 -9.32 -42.04
C GLY D 163 -6.93 -8.84 -43.30
N TYR D 164 -7.26 -7.60 -43.61
CA TYR D 164 -6.64 -6.94 -44.74
C TYR D 164 -6.54 -5.42 -44.44
N ALA D 165 -5.59 -4.78 -45.11
CA ALA D 165 -5.47 -3.31 -45.20
C ALA D 165 -5.74 -2.95 -46.63
N LEU D 166 -6.60 -1.96 -46.82
CA LEU D 166 -6.89 -1.41 -48.13
C LEU D 166 -6.29 0.01 -48.18
N TYR D 167 -5.36 0.24 -49.10
CA TYR D 167 -4.73 1.56 -49.31
C TYR D 167 -5.48 2.18 -50.50
N GLY D 168 -6.63 2.76 -50.19
CA GLY D 168 -7.51 3.31 -51.21
C GLY D 168 -7.58 4.80 -51.05
N SER D 169 -8.79 5.38 -51.16
CA SER D 169 -8.91 6.82 -50.97
C SER D 169 -8.45 7.19 -49.54
N ALA D 170 -8.74 6.31 -48.58
CA ALA D 170 -8.15 6.35 -47.25
C ALA D 170 -7.61 4.97 -46.98
N THR D 171 -6.89 4.82 -45.88
CA THR D 171 -6.33 3.52 -45.48
C THR D 171 -7.23 2.90 -44.42
N LEU D 172 -7.75 1.70 -44.73
CA LEU D 172 -8.68 1.03 -43.83
C LEU D 172 -8.09 -0.36 -43.48
N VAL D 173 -8.35 -0.83 -42.26
CA VAL D 173 -8.06 -2.22 -41.89
C VAL D 173 -9.38 -2.94 -41.53
N ALA D 174 -9.57 -4.16 -42.03
CA ALA D 174 -10.66 -5.02 -41.63
C ALA D 174 -10.01 -6.14 -40.81
N LEU D 175 -10.55 -6.36 -39.61
CA LEU D 175 -9.93 -7.30 -38.70
C LEU D 175 -10.99 -8.19 -38.03
N SER D 176 -10.69 -9.49 -37.98
CA SER D 176 -11.46 -10.42 -37.14
C SER D 176 -10.55 -11.36 -36.39
N THR D 177 -10.96 -11.63 -35.13
CA THR D 177 -10.33 -12.63 -34.31
C THR D 177 -11.37 -13.70 -33.93
N GLY D 178 -12.49 -13.76 -34.66
CA GLY D 178 -13.47 -14.82 -34.46
C GLY D 178 -14.77 -14.35 -33.87
N GLN D 179 -14.89 -13.05 -33.59
CA GLN D 179 -16.15 -12.50 -33.03
C GLN D 179 -16.70 -11.43 -33.98
N GLY D 180 -16.67 -11.74 -35.27
CA GLY D 180 -17.17 -10.81 -36.25
C GLY D 180 -16.05 -9.98 -36.82
N VAL D 181 -16.43 -8.98 -37.60
CA VAL D 181 -15.48 -8.17 -38.37
C VAL D 181 -15.60 -6.74 -37.89
N ASP D 182 -14.47 -6.15 -37.54
CA ASP D 182 -14.43 -4.76 -37.19
C ASP D 182 -13.63 -3.98 -38.22
N LEU D 183 -14.09 -2.76 -38.50
CA LEU D 183 -13.40 -1.86 -39.41
C LEU D 183 -12.74 -0.61 -38.73
N PHE D 184 -11.49 -0.33 -39.13
CA PHE D 184 -10.65 0.73 -38.59
C PHE D 184 -10.07 1.58 -39.76
N MET D 185 -9.93 2.87 -39.56
CA MET D 185 -9.47 3.79 -40.60
C MET D 185 -8.29 4.51 -40.01
N LEU D 186 -7.23 4.62 -40.78
CA LEU D 186 -6.06 5.35 -40.34
C LEU D 186 -6.31 6.86 -40.39
N ASP D 187 -6.05 7.53 -39.28
CA ASP D 187 -6.00 8.98 -39.24
C ASP D 187 -4.54 9.28 -39.37
N PRO D 188 -4.10 9.74 -40.55
CA PRO D 188 -2.68 9.96 -40.76
C PRO D 188 -2.13 11.13 -39.92
N ALA D 189 -2.97 12.08 -39.53
CA ALA D 189 -2.55 13.18 -38.63
C ALA D 189 -2.23 12.65 -37.20
N LEU D 190 -2.97 11.65 -36.76
CA LEU D 190 -2.75 11.09 -35.45
C LEU D 190 -1.73 9.93 -35.54
N GLY D 191 -1.70 9.18 -36.63
CA GLY D 191 -0.81 8.01 -36.70
C GLY D 191 -1.42 6.79 -36.06
N GLU D 192 -2.74 6.76 -35.94
CA GLU D 192 -3.42 5.62 -35.34
C GLU D 192 -4.61 5.23 -36.17
N PHE D 193 -4.93 3.95 -36.09
CA PHE D 193 -6.19 3.44 -36.62
C PHE D 193 -7.28 3.64 -35.58
N VAL D 194 -8.41 4.15 -36.06
CA VAL D 194 -9.61 4.49 -35.29
C VAL D 194 -10.75 3.52 -35.68
N LEU D 195 -11.45 2.98 -34.70
CA LEU D 195 -12.60 2.09 -34.94
C LEU D 195 -13.73 2.90 -35.56
N VAL D 196 -14.20 2.50 -36.75
CA VAL D 196 -15.31 3.17 -37.38
C VAL D 196 -16.58 2.30 -37.54
N GLU D 197 -16.43 1.00 -37.51
CA GLU D 197 -17.58 0.12 -37.54
C GLU D 197 -17.30 -1.16 -36.83
N LYS D 198 -18.16 -1.50 -35.89
CA LYS D 198 -18.00 -2.72 -35.08
C LYS D 198 -18.98 -3.79 -35.57
N ASP D 199 -18.50 -5.02 -35.75
CA ASP D 199 -19.37 -6.15 -36.06
C ASP D 199 -20.16 -5.91 -37.35
N VAL D 200 -19.42 -5.67 -38.42
CA VAL D 200 -20.04 -5.44 -39.70
C VAL D 200 -20.64 -6.73 -40.30
N LYS D 201 -21.84 -6.57 -40.85
CA LYS D 201 -22.57 -7.65 -41.46
C LYS D 201 -22.88 -7.36 -42.93
N ILE D 202 -22.53 -8.27 -43.80
CA ILE D 202 -22.81 -8.12 -45.24
C ILE D 202 -24.30 -8.24 -45.52
N LYS D 203 -24.81 -7.54 -46.53
CA LYS D 203 -26.24 -7.67 -46.89
C LYS D 203 -26.54 -9.12 -47.29
N LYS D 204 -27.77 -9.56 -47.05
CA LYS D 204 -28.14 -10.89 -47.46
C LYS D 204 -28.13 -11.00 -48.97
N LYS D 205 -28.52 -9.94 -49.65
CA LYS D 205 -28.49 -9.89 -51.11
C LYS D 205 -28.14 -8.50 -51.62
N GLY D 206 -27.26 -8.45 -52.62
CA GLY D 206 -26.81 -7.15 -53.18
C GLY D 206 -27.26 -7.00 -54.61
N LYS D 207 -26.60 -6.10 -55.32
CA LYS D 207 -26.98 -5.72 -56.71
C LYS D 207 -25.79 -5.41 -57.60
N ILE D 208 -24.63 -5.99 -57.26
CA ILE D 208 -23.41 -5.72 -57.98
C ILE D 208 -22.77 -7.09 -58.12
N TYR D 209 -22.35 -7.42 -59.34
CA TYR D 209 -21.52 -8.59 -59.61
C TYR D 209 -20.16 -8.13 -60.08
N SER D 210 -19.12 -8.89 -59.74
CA SER D 210 -17.77 -8.46 -59.96
C SER D 210 -16.90 -9.61 -60.43
N LEU D 211 -16.56 -9.57 -61.72
CA LEU D 211 -15.61 -10.53 -62.30
C LEU D 211 -15.05 -9.95 -63.61
N ASN D 212 -13.93 -10.52 -64.06
CA ASN D 212 -13.34 -10.19 -65.34
C ASN D 212 -14.03 -10.91 -66.50
N GLU D 213 -14.94 -10.22 -67.16
CA GLU D 213 -15.66 -10.80 -68.30
C GLU D 213 -14.80 -10.92 -69.56
N GLY D 214 -13.59 -10.37 -69.51
CA GLY D 214 -12.63 -10.57 -70.58
C GLY D 214 -12.29 -12.04 -70.73
N TYR D 215 -12.57 -12.84 -69.69
CA TYR D 215 -12.44 -14.31 -69.82
C TYR D 215 -13.72 -15.06 -70.22
N ALA D 216 -14.76 -14.36 -70.69
CA ALA D 216 -16.04 -14.97 -71.08
C ALA D 216 -15.89 -16.18 -72.02
N LYS D 217 -14.94 -16.07 -72.94
CA LYS D 217 -14.64 -17.14 -73.90
C LYS D 217 -14.19 -18.43 -73.21
N TYR D 218 -13.71 -18.31 -71.97
CA TYR D 218 -13.12 -19.44 -71.25
C TYR D 218 -13.96 -19.92 -70.06
N PHE D 219 -15.11 -19.31 -69.84
CA PHE D 219 -15.95 -19.68 -68.72
C PHE D 219 -16.49 -21.09 -68.88
N ASP D 220 -16.86 -21.68 -67.74
CA ASP D 220 -17.74 -22.85 -67.74
C ASP D 220 -19.20 -22.38 -67.96
N ALA D 221 -20.06 -23.35 -68.25
CA ALA D 221 -21.48 -23.08 -68.48
C ALA D 221 -22.15 -22.37 -67.29
N ALA D 222 -21.80 -22.78 -66.06
CA ALA D 222 -22.41 -22.16 -64.87
C ALA D 222 -22.14 -20.66 -64.79
N THR D 223 -20.88 -20.26 -64.95
CA THR D 223 -20.54 -18.84 -64.94
C THR D 223 -21.26 -18.07 -66.03
N THR D 224 -21.28 -18.64 -67.22
CA THR D 224 -21.90 -17.97 -68.40
C THR D 224 -23.37 -17.75 -68.05
N GLU D 225 -24.01 -18.77 -67.49
CA GLU D 225 -25.42 -18.67 -67.18
C GLU D 225 -25.71 -17.67 -66.09
N TYR D 226 -24.88 -17.68 -65.04
CA TYR D 226 -25.06 -16.74 -63.93
C TYR D 226 -24.95 -15.30 -64.39
N VAL D 227 -23.90 -15.05 -65.18
CA VAL D 227 -23.65 -13.69 -65.70
C VAL D 227 -24.84 -13.25 -66.54
N GLN D 228 -25.32 -14.14 -67.39
CA GLN D 228 -26.49 -13.85 -68.17
C GLN D 228 -27.68 -13.50 -67.34
N LYS D 229 -27.93 -14.25 -66.28
CA LYS D 229 -29.02 -13.91 -65.35
C LYS D 229 -28.81 -12.56 -64.63
N LYS D 230 -27.58 -12.17 -64.35
CA LYS D 230 -27.35 -10.84 -63.77
C LYS D 230 -27.68 -9.69 -64.73
N LYS D 231 -27.38 -9.92 -66.01
CA LYS D 231 -27.64 -8.95 -67.08
C LYS D 231 -29.07 -8.98 -67.61
N PHE D 232 -29.63 -10.18 -67.77
CA PHE D 232 -31.01 -10.33 -68.29
C PHE D 232 -31.93 -11.12 -67.33
N PRO D 233 -32.35 -10.49 -66.24
CA PRO D 233 -33.18 -11.23 -65.27
C PRO D 233 -34.55 -11.56 -65.83
N GLU D 234 -35.03 -12.78 -65.58
CA GLU D 234 -36.33 -13.19 -66.12
C GLU D 234 -37.50 -12.90 -65.21
N ASP D 235 -37.21 -12.36 -64.06
CA ASP D 235 -38.16 -12.25 -62.96
C ASP D 235 -38.70 -10.82 -62.78
N GLY D 236 -38.44 -9.97 -63.78
CA GLY D 236 -38.90 -8.57 -63.77
C GLY D 236 -38.02 -7.56 -63.02
N SER D 237 -36.96 -8.02 -62.34
CA SER D 237 -36.08 -7.13 -61.54
C SER D 237 -35.07 -6.42 -62.43
N ALA D 238 -34.50 -5.33 -61.92
CA ALA D 238 -33.48 -4.54 -62.65
C ALA D 238 -32.21 -5.37 -62.71
N PRO D 239 -31.48 -5.34 -63.84
CA PRO D 239 -30.19 -6.07 -63.92
C PRO D 239 -29.21 -5.55 -62.85
N TYR D 240 -28.22 -6.36 -62.45
CA TYR D 240 -27.24 -5.94 -61.50
C TYR D 240 -26.31 -4.91 -62.20
N GLY D 241 -25.74 -4.00 -61.42
CA GLY D 241 -24.59 -3.20 -61.89
C GLY D 241 -23.31 -4.05 -61.88
N ALA D 242 -22.32 -3.68 -62.70
CA ALA D 242 -21.06 -4.41 -62.68
C ALA D 242 -19.90 -3.51 -62.18
N ARG D 243 -18.96 -4.09 -61.46
CA ARG D 243 -17.72 -3.40 -61.03
C ARG D 243 -16.63 -4.44 -61.01
N TYR D 244 -15.46 -4.08 -61.50
CA TYR D 244 -14.26 -4.91 -61.36
C TYR D 244 -13.02 -3.98 -61.37
N VAL D 245 -12.47 -3.74 -60.19
CA VAL D 245 -11.25 -2.96 -60.08
C VAL D 245 -10.03 -3.74 -60.59
N GLY D 246 -10.00 -5.05 -60.38
CA GLY D 246 -8.81 -5.84 -60.73
C GLY D 246 -7.77 -5.92 -59.62
N SER D 247 -8.16 -5.42 -58.45
CA SER D 247 -7.32 -5.41 -57.26
C SER D 247 -8.19 -6.10 -56.23
N MET D 248 -7.77 -7.27 -55.79
CA MET D 248 -8.67 -8.14 -55.01
C MET D 248 -9.16 -7.50 -53.71
N VAL D 249 -8.30 -6.77 -53.01
CA VAL D 249 -8.74 -6.19 -51.74
C VAL D 249 -9.82 -5.12 -51.98
N ALA D 250 -9.69 -4.34 -53.05
CA ALA D 250 -10.66 -3.30 -53.36
C ALA D 250 -12.04 -3.88 -53.71
N ASP D 251 -12.05 -4.90 -54.57
CA ASP D 251 -13.28 -5.63 -54.95
C ASP D 251 -13.93 -6.39 -53.76
N VAL D 252 -13.14 -7.07 -52.94
CA VAL D 252 -13.66 -7.74 -51.72
C VAL D 252 -14.25 -6.74 -50.75
N HIS D 253 -13.57 -5.62 -50.54
CA HIS D 253 -14.03 -4.69 -49.56
C HIS D 253 -15.31 -4.06 -50.02
N ARG D 254 -15.40 -3.69 -51.29
CA ARG D 254 -16.66 -3.17 -51.82
C ARG D 254 -17.79 -4.18 -51.61
N THR D 255 -17.54 -5.46 -51.83
CA THR D 255 -18.60 -6.52 -51.67
C THR D 255 -19.10 -6.58 -50.22
N LEU D 256 -18.16 -6.47 -49.27
CA LEU D 256 -18.49 -6.44 -47.85
C LEU D 256 -19.38 -5.26 -47.51
N VAL D 257 -19.06 -4.07 -48.00
CA VAL D 257 -19.75 -2.88 -47.52
C VAL D 257 -21.04 -2.59 -48.30
N TYR D 258 -21.07 -2.97 -49.58
CA TYR D 258 -22.23 -2.66 -50.45
C TYR D 258 -23.10 -3.90 -50.75
N GLY D 259 -22.53 -5.09 -50.56
CA GLY D 259 -23.18 -6.31 -50.89
C GLY D 259 -22.90 -6.76 -52.31
N GLY D 260 -23.37 -7.96 -52.62
CA GLY D 260 -23.31 -8.52 -53.94
C GLY D 260 -22.32 -9.65 -53.99
N ILE D 261 -21.69 -9.82 -55.13
CA ILE D 261 -20.86 -10.99 -55.37
C ILE D 261 -19.60 -10.64 -56.14
N PHE D 262 -18.54 -11.35 -55.79
CA PHE D 262 -17.28 -11.22 -56.40
C PHE D 262 -16.84 -12.61 -56.78
N LEU D 263 -16.36 -12.76 -58.02
CA LEU D 263 -16.00 -14.09 -58.58
C LEU D 263 -14.66 -14.05 -59.34
N TYR D 264 -13.77 -14.96 -59.00
CA TYR D 264 -12.71 -15.37 -59.90
C TYR D 264 -12.83 -16.88 -60.01
N PRO D 265 -13.80 -17.36 -60.80
CA PRO D 265 -13.98 -18.81 -60.98
C PRO D 265 -12.83 -19.42 -61.77
N ALA D 266 -12.68 -20.74 -61.67
CA ALA D 266 -11.83 -21.48 -62.61
C ALA D 266 -12.27 -21.21 -64.07
N ASN D 267 -11.33 -21.27 -65.01
CA ASN D 267 -11.64 -21.11 -66.45
C ASN D 267 -10.71 -21.93 -67.33
N GLN D 268 -10.99 -21.99 -68.63
CA GLN D 268 -10.20 -22.83 -69.51
C GLN D 268 -8.71 -22.51 -69.44
N LYS D 269 -8.34 -21.26 -69.32
CA LYS D 269 -6.91 -20.92 -69.23
C LYS D 269 -6.35 -21.08 -67.81
N SER D 270 -7.16 -20.82 -66.81
CA SER D 270 -6.78 -21.04 -65.40
C SER D 270 -7.73 -22.04 -64.70
N PRO D 271 -7.54 -23.35 -64.94
CA PRO D 271 -8.51 -24.36 -64.50
C PRO D 271 -8.53 -24.58 -62.96
N LYS D 272 -7.47 -24.14 -62.30
CA LYS D 272 -7.39 -24.04 -60.86
C LYS D 272 -7.71 -22.66 -60.28
N GLY D 273 -8.18 -21.74 -61.08
CA GLY D 273 -8.37 -20.38 -60.63
C GLY D 273 -7.05 -19.60 -60.64
N LYS D 274 -7.10 -18.38 -60.18
CA LYS D 274 -5.91 -17.55 -60.21
C LYS D 274 -5.43 -17.26 -58.79
N LEU D 275 -6.38 -16.92 -57.93
CA LEU D 275 -6.09 -16.33 -56.64
C LEU D 275 -5.52 -17.41 -55.73
N ARG D 276 -4.65 -16.98 -54.82
CA ARG D 276 -3.88 -17.89 -53.99
C ARG D 276 -4.61 -18.26 -52.68
N LEU D 277 -4.74 -19.55 -52.43
CA LEU D 277 -5.48 -20.01 -51.25
C LEU D 277 -4.99 -19.47 -49.89
N LEU D 278 -3.70 -19.57 -49.64
CA LEU D 278 -3.20 -19.35 -48.28
C LEU D 278 -3.28 -17.89 -47.83
N TYR D 279 -2.96 -16.97 -48.75
CA TYR D 279 -2.72 -15.57 -48.38
C TYR D 279 -3.60 -14.59 -49.15
N GLU D 280 -4.45 -15.11 -50.03
CA GLU D 280 -5.53 -14.31 -50.57
C GLU D 280 -6.90 -14.82 -50.20
N CYS D 281 -7.23 -16.02 -50.66
CA CYS D 281 -8.55 -16.63 -50.51
CA CYS D 281 -8.58 -16.54 -50.49
C CYS D 281 -8.95 -16.94 -49.04
N ASN D 282 -8.10 -17.68 -48.34
CA ASN D 282 -8.42 -18.03 -46.91
C ASN D 282 -8.71 -16.78 -46.05
N PRO D 283 -7.84 -15.75 -46.14
CA PRO D 283 -8.10 -14.60 -45.30
C PRO D 283 -9.39 -13.86 -45.63
N VAL D 284 -9.67 -13.62 -46.92
CA VAL D 284 -10.87 -12.87 -47.26
C VAL D 284 -12.13 -13.72 -47.03
N ALA D 285 -12.03 -15.03 -47.26
CA ALA D 285 -13.12 -15.99 -46.94
C ALA D 285 -13.47 -15.94 -45.44
N TYR D 286 -12.45 -15.88 -44.60
CA TYR D 286 -12.66 -15.77 -43.12
C TYR D 286 -13.41 -14.49 -42.77
N ILE D 287 -12.99 -13.37 -43.35
CA ILE D 287 -13.62 -12.11 -43.08
C ILE D 287 -15.08 -12.11 -43.55
N ILE D 288 -15.29 -12.56 -44.79
CA ILE D 288 -16.63 -12.52 -45.39
C ILE D 288 -17.57 -13.42 -44.59
N GLU D 289 -17.09 -14.59 -44.20
CA GLU D 289 -17.92 -15.53 -43.38
C GLU D 289 -18.25 -14.93 -42.00
N GLN D 290 -17.25 -14.30 -41.40
CA GLN D 290 -17.43 -13.66 -40.10
C GLN D 290 -18.44 -12.54 -40.18
N ALA D 291 -18.59 -11.93 -41.36
CA ALA D 291 -19.59 -10.87 -41.59
C ALA D 291 -20.94 -11.42 -42.10
N GLY D 292 -21.10 -12.73 -42.13
CA GLY D 292 -22.40 -13.31 -42.50
C GLY D 292 -22.54 -13.64 -43.97
N GLY D 293 -21.40 -13.73 -44.67
CA GLY D 293 -21.39 -14.01 -46.09
C GLY D 293 -20.97 -15.44 -46.37
N LEU D 294 -20.77 -15.75 -47.65
CA LEU D 294 -20.32 -17.06 -48.05
C LEU D 294 -19.10 -16.96 -48.94
N ALA D 295 -18.23 -17.97 -48.81
CA ALA D 295 -17.02 -18.01 -49.60
C ALA D 295 -16.74 -19.42 -50.07
N THR D 296 -16.86 -19.61 -51.38
CA THR D 296 -16.82 -20.95 -52.00
C THR D 296 -15.83 -21.05 -53.18
N THR D 297 -15.30 -22.25 -53.38
CA THR D 297 -14.59 -22.55 -54.63
C THR D 297 -15.52 -22.96 -55.81
N GLY D 298 -16.81 -23.14 -55.52
CA GLY D 298 -17.82 -23.71 -56.44
C GLY D 298 -18.01 -25.19 -56.19
N THR D 299 -17.14 -25.76 -55.38
CA THR D 299 -17.13 -27.17 -55.04
C THR D 299 -17.33 -27.36 -53.52
N GLN D 300 -16.74 -26.46 -52.74
CA GLN D 300 -16.80 -26.50 -51.28
C GLN D 300 -16.46 -25.11 -50.69
N PRO D 301 -16.75 -24.91 -49.40
CA PRO D 301 -16.27 -23.63 -48.82
C PRO D 301 -14.73 -23.54 -48.85
N VAL D 302 -14.23 -22.36 -49.18
CA VAL D 302 -12.78 -22.10 -49.25
C VAL D 302 -12.09 -22.51 -47.94
N LEU D 303 -12.74 -22.16 -46.82
CA LEU D 303 -12.14 -22.41 -45.51
C LEU D 303 -12.04 -23.89 -45.20
N ASP D 304 -12.67 -24.75 -46.01
CA ASP D 304 -12.59 -26.19 -45.80
C ASP D 304 -11.60 -26.86 -46.71
N VAL D 305 -11.04 -26.12 -47.66
CA VAL D 305 -10.06 -26.72 -48.54
C VAL D 305 -8.83 -26.97 -47.71
N LYS D 306 -8.28 -28.17 -47.85
CA LYS D 306 -7.01 -28.51 -47.26
C LYS D 306 -5.87 -28.21 -48.22
N PRO D 307 -5.00 -27.23 -47.90
CA PRO D 307 -3.88 -26.89 -48.79
C PRO D 307 -2.85 -27.99 -49.01
N GLU D 308 -2.37 -28.10 -50.23
CA GLU D 308 -1.37 -29.06 -50.63
C GLU D 308 -0.01 -28.46 -50.79
N ALA D 309 0.01 -27.16 -51.10
CA ALA D 309 1.26 -26.44 -51.39
C ALA D 309 1.06 -24.98 -51.01
N ILE D 310 2.13 -24.29 -50.65
CA ILE D 310 1.99 -22.95 -50.07
C ILE D 310 1.46 -21.91 -51.08
N HIS D 311 1.76 -22.10 -52.37
CA HIS D 311 1.33 -21.16 -53.41
C HIS D 311 0.16 -21.70 -54.29
N GLN D 312 -0.59 -22.64 -53.74
CA GLN D 312 -1.76 -23.21 -54.39
C GLN D 312 -2.78 -22.17 -54.78
N ARG D 313 -3.33 -22.30 -55.99
CA ARG D 313 -4.45 -21.48 -56.43
C ARG D 313 -5.77 -22.16 -56.20
N VAL D 314 -6.84 -21.38 -56.05
CA VAL D 314 -8.17 -21.91 -55.98
C VAL D 314 -9.16 -20.95 -56.59
N PRO D 315 -10.23 -21.47 -57.18
CA PRO D 315 -11.33 -20.58 -57.55
C PRO D 315 -11.91 -19.89 -56.32
N LEU D 316 -12.40 -18.68 -56.49
CA LEU D 316 -13.00 -17.99 -55.40
C LEU D 316 -14.27 -17.31 -55.84
N ILE D 317 -15.36 -17.58 -55.13
CA ILE D 317 -16.62 -16.84 -55.32
C ILE D 317 -17.08 -16.45 -53.95
N LEU D 318 -17.28 -15.15 -53.71
CA LEU D 318 -17.70 -14.77 -52.38
C LEU D 318 -18.66 -13.62 -52.33
N GLY D 319 -19.38 -13.52 -51.21
CA GLY D 319 -20.24 -12.39 -51.02
C GLY D 319 -21.51 -12.64 -50.25
N SER D 320 -22.51 -11.81 -50.57
CA SER D 320 -23.82 -11.88 -49.98
C SER D 320 -24.39 -13.27 -50.19
N PRO D 321 -24.95 -13.87 -49.13
CA PRO D 321 -25.24 -15.30 -49.16
C PRO D 321 -26.23 -15.68 -50.25
N GLU D 322 -27.27 -14.88 -50.44
CA GLU D 322 -28.26 -15.19 -51.46
C GLU D 322 -27.66 -15.15 -52.87
N ASP D 323 -26.73 -14.23 -53.10
CA ASP D 323 -26.06 -14.13 -54.43
C ASP D 323 -25.16 -15.33 -54.66
N VAL D 324 -24.37 -15.71 -53.63
CA VAL D 324 -23.47 -16.86 -53.77
C VAL D 324 -24.30 -18.18 -53.91
N GLN D 325 -25.45 -18.24 -53.23
CA GLN D 325 -26.34 -19.42 -53.36
C GLN D 325 -26.95 -19.56 -54.78
N GLU D 326 -27.37 -18.45 -55.39
CA GLU D 326 -27.77 -18.48 -56.79
C GLU D 326 -26.64 -18.95 -57.71
N TYR D 327 -25.42 -18.49 -57.45
CA TYR D 327 -24.30 -18.92 -58.24
C TYR D 327 -24.13 -20.43 -58.11
N LEU D 328 -24.14 -20.92 -56.88
CA LEU D 328 -23.94 -22.36 -56.67
C LEU D 328 -25.05 -23.20 -57.30
N THR D 329 -26.28 -22.68 -57.34
CA THR D 329 -27.38 -23.36 -58.02
C THR D 329 -27.08 -23.53 -59.51
N CYS D 330 -26.51 -22.50 -60.13
CA CYS D 330 -26.02 -22.62 -61.52
C CYS D 330 -24.94 -23.68 -61.69
N VAL D 331 -23.96 -23.73 -60.78
CA VAL D 331 -22.88 -24.72 -60.84
C VAL D 331 -23.45 -26.14 -60.72
N GLN D 332 -24.38 -26.30 -59.76
CA GLN D 332 -24.98 -27.61 -59.41
C GLN D 332 -25.80 -28.12 -60.62
N LYS D 333 -26.61 -27.23 -61.20
CA LYS D 333 -27.54 -27.56 -62.29
C LYS D 333 -26.87 -27.79 -63.64
N ASN D 334 -25.67 -27.23 -63.82
CA ASN D 334 -24.85 -27.40 -65.05
C ASN D 334 -23.75 -28.46 -64.86
N GLN D 335 -23.70 -29.11 -63.69
CA GLN D 335 -22.63 -30.11 -63.40
C GLN D 335 -22.62 -31.28 -64.41
N ALA D 336 -23.76 -31.50 -65.10
CA ALA D 336 -23.84 -32.08 -66.47
C ALA D 336 -24.23 -33.56 -66.48
P AMP E . -8.20 -4.73 13.85
O1P AMP E . -9.71 -4.90 13.63
O2P AMP E . -7.91 -4.55 15.32
O3P AMP E . -7.42 -5.73 13.00
O5' AMP E . -7.88 -3.25 13.42
C5' AMP E . -7.84 -2.95 12.02
C4' AMP E . -7.01 -1.71 11.73
O4' AMP E . -7.39 -0.57 12.52
C3' AMP E . -5.51 -1.92 12.02
O3' AMP E . -4.87 -2.76 11.04
C2' AMP E . -5.03 -0.50 12.18
O2' AMP E . -4.69 0.07 10.88
C1' AMP E . -6.21 0.17 12.90
N9 AMP E . -6.05 -0.03 14.40
C8 AMP E . -6.62 -1.01 15.15
N7 AMP E . -6.31 -0.96 16.47
C5 AMP E . -5.45 0.09 16.55
C6 AMP E . -4.66 0.68 17.64
N6 AMP E . -4.80 0.18 18.89
N1 AMP E . -3.92 1.80 17.36
C2 AMP E . -3.83 2.29 16.11
N3 AMP E . -4.48 1.76 15.04
C4 AMP E . -5.30 0.70 15.22
S SO4 F . 29.73 -3.80 13.78
O1 SO4 F . 29.82 -2.33 13.51
O2 SO4 F . 29.89 -4.68 12.61
O3 SO4 F . 30.78 -4.23 14.71
O4 SO4 F . 28.41 -4.01 14.38
S SO4 G . 25.60 -11.19 11.83
O1 SO4 G . 25.77 -9.97 11.06
O2 SO4 G . 24.20 -11.38 12.18
O3 SO4 G . 26.00 -12.32 11.00
O4 SO4 G . 26.45 -11.00 12.99
S SO4 H . 23.60 -8.99 18.18
O1 SO4 H . 24.39 -8.17 19.12
O2 SO4 H . 22.21 -8.58 18.12
O3 SO4 H . 24.15 -8.85 16.86
O4 SO4 H . 23.66 -10.41 18.58
S SO4 I . 28.82 25.54 13.48
O1 SO4 I . 29.31 26.18 14.69
O2 SO4 I . 27.71 26.37 12.98
O3 SO4 I . 29.93 25.57 12.56
O4 SO4 I . 28.31 24.19 13.73
C1 GOL J . 14.70 -22.79 13.06
O1 GOL J . 13.40 -22.42 12.68
C2 GOL J . 14.69 -23.09 14.51
O2 GOL J . 13.85 -22.05 14.82
C3 GOL J . 15.91 -22.78 15.33
O3 GOL J . 16.53 -21.99 14.38
C1 GOL K . 41.66 -8.84 5.43
O1 GOL K . 42.14 -8.25 6.66
C2 GOL K . 42.18 -7.92 4.35
O2 GOL K . 41.97 -6.56 4.77
C3 GOL K . 41.52 -7.88 3.01
O3 GOL K . 42.16 -6.70 2.57
C1 GOL L . 14.53 22.43 12.90
O1 GOL L . 14.34 21.06 12.66
C2 GOL L . 16.03 22.56 13.08
O2 GOL L . 16.25 22.32 14.47
C3 GOL L . 16.55 21.42 12.19
O3 GOL L . 17.91 21.45 11.84
P AMP M . -19.42 -0.16 27.13
O1P AMP M . -20.06 0.81 28.09
O2P AMP M . -19.86 -0.23 25.67
O3P AMP M . -17.86 -0.10 27.23
O5' AMP M . -19.72 -1.65 27.55
C5' AMP M . -21.09 -1.98 27.54
C4' AMP M . -21.40 -3.06 28.50
O4' AMP M . -20.88 -4.27 27.99
C3' AMP M . -20.86 -2.91 29.93
O3' AMP M . -21.69 -2.17 30.82
C2' AMP M . -20.71 -4.36 30.34
O2' AMP M . -21.90 -4.93 30.83
C1' AMP M . -20.31 -5.08 29.04
N9 AMP M . -18.79 -4.94 29.04
C8 AMP M . -18.11 -3.90 28.46
N7 AMP M . -16.76 -4.00 28.62
C5 AMP M . -16.56 -5.14 29.33
C6 AMP M . -15.37 -5.80 29.86
N6 AMP M . -14.18 -5.22 29.61
N1 AMP M . -15.55 -6.94 30.58
C2 AMP M . -16.77 -7.47 30.81
N3 AMP M . -17.94 -6.89 30.37
C4 AMP M . -17.88 -5.74 29.65
S SO4 N . -13.85 -2.50 64.62
O1 SO4 N . -12.76 -2.14 65.55
O2 SO4 N . -14.96 -1.59 64.92
O3 SO4 N . -13.46 -2.25 63.25
O4 SO4 N . -14.13 -3.94 64.75
S SO4 O . -10.13 2.88 57.94
O1 SO4 O . -9.76 4.30 57.91
O2 SO4 O . -10.47 2.45 56.60
O3 SO4 O . -9.00 2.13 58.51
O4 SO4 O . -11.28 2.68 58.80
S SO4 P . -15.88 5.18 60.80
O1 SO4 P . -16.53 6.43 61.17
O2 SO4 P . -15.79 5.10 59.34
O3 SO4 P . -14.55 5.15 61.42
O4 SO4 P . -16.55 3.99 61.34
C1 GOL Q . -15.16 17.14 49.29
O1 GOL Q . -16.50 16.62 49.27
C2 GOL Q . -14.87 17.29 50.74
O2 GOL Q . -14.72 16.02 51.25
C3 GOL Q . -13.63 17.98 51.24
O3 GOL Q . -13.56 17.39 52.54
P AMP R . -1.14 -3.73 -13.65
O1P AMP R . -1.65 -5.13 -13.40
O2P AMP R . -1.25 -3.46 -15.16
O3P AMP R . -1.84 -2.74 -12.78
O5' AMP R . 0.42 -3.87 -13.44
C5' AMP R . 0.97 -4.11 -12.15
C4' AMP R . 2.35 -3.46 -11.99
O4' AMP R . 3.28 -4.12 -12.88
C3' AMP R . 2.42 -1.98 -12.31
O3' AMP R . 1.99 -1.13 -11.26
C2' AMP R . 3.87 -1.82 -12.70
O2' AMP R . 4.74 -1.63 -11.58
C1' AMP R . 4.15 -3.13 -13.42
N9 AMP R . 3.78 -2.92 -14.86
C8 AMP R . 2.57 -3.21 -15.44
N7 AMP R . 2.57 -2.90 -16.78
C5 AMP R . 3.80 -2.40 -17.02
C6 AMP R . 4.47 -1.82 -18.20
N6 AMP R . 3.79 -1.80 -19.35
N1 AMP R . 5.75 -1.39 -18.07
C2 AMP R . 6.40 -1.46 -16.89
N3 AMP R . 5.84 -1.93 -15.76
C4 AMP R . 4.58 -2.40 -15.77
S SO4 S . 2.88 27.96 -18.71
O1 SO4 S . 3.52 28.65 -17.61
O2 SO4 S . 1.46 28.23 -18.74
O3 SO4 S . 3.40 28.47 -19.97
O4 SO4 S . 3.05 26.52 -18.60
S SO4 T . 10.06 32.23 -15.29
O1 SO4 T . 9.87 33.31 -16.26
O2 SO4 T . 9.27 31.10 -15.65
O3 SO4 T . 11.48 31.98 -15.20
O4 SO4 T . 9.56 32.63 -13.96
S SO4 U . 2.09 30.56 -12.00
O1 SO4 U . 1.32 31.08 -10.88
O2 SO4 U . 2.16 31.56 -13.05
O3 SO4 U . 3.48 30.28 -11.63
O4 SO4 U . 1.51 29.31 -12.46
C1 GOL V . -12.58 20.88 -12.51
O1 GOL V . -11.93 19.79 -11.82
C2 GOL V . -11.89 22.22 -12.19
O2 GOL V . -11.96 22.31 -10.81
C3 GOL V . -12.38 23.46 -12.88
O3 GOL V . -11.36 24.43 -12.96
P AMP W . -1.76 -15.82 -26.70
O1P AMP W . -1.34 -14.35 -26.86
O2P AMP W . -1.08 -16.75 -27.65
O3P AMP W . -1.54 -16.26 -25.24
O5' AMP W . -3.33 -15.80 -26.92
C5' AMP W . -4.02 -17.08 -27.06
C4' AMP W . -5.35 -16.99 -27.72
O4' AMP W . -6.22 -16.06 -27.06
C3' AMP W . -5.28 -16.52 -29.18
O3' AMP W . -4.87 -17.54 -30.06
C2' AMP W . -6.63 -15.86 -29.42
O2' AMP W . -7.74 -16.69 -29.76
C1' AMP W . -6.89 -15.24 -28.06
N9 AMP W . -6.26 -13.89 -28.11
C8 AMP W . -5.01 -13.53 -27.68
N7 AMP W . -4.77 -12.21 -27.91
C5 AMP W . -5.88 -11.72 -28.51
C6 AMP W . -6.28 -10.40 -29.03
N6 AMP W . -5.41 -9.39 -28.90
N1 AMP W . -7.52 -10.29 -29.57
C2 AMP W . -8.38 -11.34 -29.68
N3 AMP W . -8.06 -12.60 -29.24
C4 AMP W . -6.85 -12.81 -28.65
S SO4 X . -7.34 -10.55 -63.85
O1 SO4 X . -6.69 -10.16 -62.62
O2 SO4 X . -8.76 -10.28 -63.76
O3 SO4 X . -6.70 -9.77 -64.92
O4 SO4 X . -6.92 -11.91 -64.15
S SO4 Y . -0.29 -14.74 -60.93
O1 SO4 Y . -0.11 -13.37 -61.38
O2 SO4 Y . -1.48 -15.27 -61.58
O3 SO4 Y . 0.89 -15.51 -61.30
O4 SO4 Y . -0.55 -14.77 -59.47
S SO4 Z . -0.09 -8.45 -58.02
O1 SO4 Z . -0.61 -7.26 -58.72
O2 SO4 Z . -0.60 -9.60 -58.77
O3 SO4 Z . 1.37 -8.47 -57.97
O4 SO4 Z . -0.63 -8.47 -56.67
C1 GOL AA . 13.17 -17.43 -51.03
O1 GOL AA . 12.11 -18.23 -50.46
C2 GOL AA . 12.65 -16.27 -51.92
O2 GOL AA . 13.65 -15.47 -52.51
C3 GOL AA . 11.96 -16.91 -53.08
O3 GOL AA . 11.48 -16.01 -54.07
#